data_4MLP
#
_entry.id   4MLP
#
_cell.length_a   48.210
_cell.length_b   93.651
_cell.length_c   141.179
_cell.angle_alpha   89.94
_cell.angle_beta   90.09
_cell.angle_gamma   90.25
#
_symmetry.space_group_name_H-M   'P 1'
#
loop_
_entity.id
_entity.type
_entity.pdbx_description
1 polymer Cryptochrome-2
2 non-polymer N-[(2S)-3-(9H-carbazol-9-yl)-2-hydroxypropyl]-N-(furan-2-ylmethyl)methanesulfonamide
3 water water
#
_entity_poly.entity_id   1
_entity_poly.type   'polypeptide(L)'
_entity_poly.pdbx_seq_one_letter_code
;MAAAAVVAATVPAQSMGADGASSVHWFRKGLRLHDNPALLAAVRGARCVRCVYILDPWFAASSSVGINRWRFLLQSLEDL
DTSLRKLNSRLFVVRGQPADVFPRLFKEWGVTRLTFEYDSEPFGKERDAAIMKMAKEAGVEVVTENSHTLYDLDRIIELN
GQKPPLTYKRFQALISRMELPKKPAVAVSSQQMESCRAEIQENHDDTYGVPSLEELGFPTEGLGPAVWQGGETEALARLD
KHLERKAWVANYERPRMNANSLLASPTGLSPYLRFGCLSCRLFYYRLWDLYKKVKRNSTPPLSLFGQLLWREFFYTAATN
NPRFDRMEGNPICIQIPWDRNPEALAKWAEGKTGFPWIDAIMTQLRQEGWIHHLARHAVACFLTRGDLWVSWESGVRVFD
ELLLDADFSVNAGSWMWLSCSAFFQQFFHCYCPVGFGRRTDPSGDYIRRYLPKLKGFPSRYIYEPWNAPESVQKAAKCII
GVDYPRPIVNHAETSRLNIERMKQIYQQLSRY
;
_entity_poly.pdbx_strand_id   C,A,B,D
#
# COMPACT_ATOMS: atom_id res chain seq x y z
N ALA A 21 -14.36 5.03 7.99
CA ALA A 21 -14.94 4.63 6.73
C ALA A 21 -14.71 5.67 5.67
N SER A 22 -14.56 5.19 4.46
CA SER A 22 -14.66 6.01 3.28
C SER A 22 -16.02 5.66 2.70
N SER A 23 -16.93 6.59 2.78
CA SER A 23 -18.31 6.33 2.49
C SER A 23 -18.77 7.02 1.21
N VAL A 24 -19.63 6.35 0.49
CA VAL A 24 -20.36 6.95 -0.60
C VAL A 24 -21.85 6.92 -0.31
N HIS A 25 -22.51 8.05 -0.34
CA HIS A 25 -23.98 8.05 -0.34
C HIS A 25 -24.49 8.22 -1.77
N TRP A 26 -25.20 7.22 -2.24
CA TRP A 26 -25.73 7.18 -3.57
C TRP A 26 -27.20 7.72 -3.63
N PHE A 27 -27.34 8.90 -4.17
CA PHE A 27 -28.63 9.49 -4.44
C PHE A 27 -29.28 8.84 -5.63
N ARG A 28 -30.54 8.48 -5.52
CA ARG A 28 -31.34 8.05 -6.65
C ARG A 28 -32.70 8.78 -6.64
N LYS A 29 -33.57 8.37 -5.78
CA LYS A 29 -34.52 9.23 -5.18
C LYS A 29 -33.84 9.76 -3.88
N GLY A 30 -34.64 10.16 -2.92
CA GLY A 30 -34.11 10.75 -1.72
C GLY A 30 -33.23 11.92 -2.05
N LEU A 31 -33.63 12.75 -2.99
CA LEU A 31 -32.81 13.89 -3.38
C LEU A 31 -32.89 15.04 -2.38
N ARG A 32 -32.55 14.78 -1.14
CA ARG A 32 -32.62 15.77 -0.11
C ARG A 32 -31.60 15.48 0.99
N LEU A 33 -31.18 16.50 1.69
CA LEU A 33 -30.53 16.41 2.97
C LEU A 33 -31.38 16.04 4.21
N HIS A 34 -32.58 16.56 4.31
CA HIS A 34 -33.44 16.29 5.43
C HIS A 34 -33.99 14.89 5.40
N ASP A 35 -34.32 14.35 6.55
CA ASP A 35 -34.90 13.03 6.63
C ASP A 35 -34.22 12.01 5.72
N ASN A 36 -32.91 11.89 5.90
CA ASN A 36 -32.07 11.04 5.10
C ASN A 36 -31.22 10.11 5.98
N PRO A 37 -31.83 9.07 6.50
CA PRO A 37 -31.15 8.11 7.36
C PRO A 37 -29.97 7.41 6.65
N ALA A 38 -30.08 7.16 5.36
CA ALA A 38 -28.98 6.54 4.64
C ALA A 38 -27.74 7.43 4.65
N LEU A 39 -27.94 8.70 4.48
CA LEU A 39 -26.89 9.65 4.56
C LEU A 39 -26.24 9.65 5.94
N LEU A 40 -27.07 9.58 6.98
CA LEU A 40 -26.55 9.57 8.34
C LEU A 40 -25.67 8.35 8.51
N ALA A 41 -26.09 7.23 7.99
CA ALA A 41 -25.33 6.02 8.03
C ALA A 41 -23.99 6.16 7.33
N ALA A 42 -23.96 6.88 6.25
CA ALA A 42 -22.75 7.13 5.55
C ALA A 42 -21.77 7.96 6.34
N VAL A 43 -22.29 8.99 6.93
CA VAL A 43 -21.53 9.93 7.71
C VAL A 43 -20.93 9.43 9.05
N ARG A 44 -21.64 8.57 9.77
CA ARG A 44 -21.25 8.17 11.09
C ARG A 44 -19.89 7.46 11.03
N GLY A 45 -18.91 8.03 11.68
CA GLY A 45 -17.62 7.41 11.81
C GLY A 45 -16.76 7.43 10.56
N ALA A 46 -17.11 8.25 9.60
CA ALA A 46 -16.41 8.27 8.35
C ALA A 46 -15.27 9.27 8.36
N ARG A 47 -14.18 8.85 7.78
CA ARG A 47 -13.11 9.74 7.43
C ARG A 47 -13.44 10.67 6.25
N CYS A 48 -14.12 10.10 5.28
CA CYS A 48 -14.48 10.75 4.03
C CYS A 48 -15.87 10.33 3.58
N VAL A 49 -16.67 11.31 3.23
CA VAL A 49 -17.94 11.03 2.62
C VAL A 49 -18.04 11.68 1.26
N ARG A 50 -18.45 10.90 0.29
CA ARG A 50 -18.83 11.41 -1.02
C ARG A 50 -20.29 11.14 -1.44
N CYS A 51 -20.99 12.18 -1.79
CA CYS A 51 -22.36 12.02 -2.27
C CYS A 51 -22.43 11.97 -3.79
N VAL A 52 -22.92 10.88 -4.31
CA VAL A 52 -23.03 10.72 -5.72
C VAL A 52 -24.44 10.47 -6.34
N TYR A 53 -24.64 11.03 -7.50
CA TYR A 53 -25.72 10.72 -8.40
C TYR A 53 -25.09 10.22 -9.70
N ILE A 54 -25.53 9.08 -10.14
CA ILE A 54 -25.03 8.48 -11.31
C ILE A 54 -26.05 8.72 -12.45
N LEU A 55 -25.70 9.56 -13.40
CA LEU A 55 -26.58 10.04 -14.46
C LEU A 55 -26.25 9.44 -15.82
N ASP A 56 -27.20 8.77 -16.45
CA ASP A 56 -27.01 8.19 -17.74
C ASP A 56 -27.52 9.13 -18.80
N PRO A 57 -26.61 9.82 -19.46
CA PRO A 57 -26.99 10.85 -20.43
C PRO A 57 -27.24 10.32 -21.85
N TRP A 58 -27.18 9.02 -22.03
CA TRP A 58 -27.35 8.40 -23.34
C TRP A 58 -28.82 8.17 -23.68
N PHE A 59 -29.50 9.22 -24.05
CA PHE A 59 -30.96 9.20 -24.07
C PHE A 59 -31.54 8.17 -24.98
N ALA A 60 -30.91 8.01 -26.12
CA ALA A 60 -31.40 7.21 -27.20
C ALA A 60 -31.47 5.76 -26.83
N ALA A 61 -30.72 5.38 -25.83
CA ALA A 61 -30.63 4.01 -25.42
C ALA A 61 -31.76 3.57 -24.50
N SER A 62 -32.55 4.52 -24.08
CA SER A 62 -33.56 4.30 -23.07
C SER A 62 -34.89 4.89 -23.49
N SER A 63 -35.95 4.53 -22.80
CA SER A 63 -37.26 5.05 -23.15
C SER A 63 -37.17 6.56 -23.02
N SER A 64 -37.88 7.25 -23.88
CA SER A 64 -37.86 8.71 -23.85
C SER A 64 -38.43 9.31 -22.60
N VAL A 65 -37.82 10.38 -22.17
CA VAL A 65 -38.23 11.13 -21.04
C VAL A 65 -38.23 12.58 -21.43
N GLY A 66 -39.27 13.29 -21.06
CA GLY A 66 -39.45 14.65 -21.46
C GLY A 66 -38.55 15.66 -20.83
N ILE A 67 -38.48 16.83 -21.43
CA ILE A 67 -37.62 17.87 -20.98
C ILE A 67 -37.96 18.33 -19.57
N ASN A 68 -39.23 18.32 -19.24
CA ASN A 68 -39.68 18.76 -17.94
C ASN A 68 -39.13 17.89 -16.79
N ARG A 69 -39.15 16.58 -16.98
CA ARG A 69 -38.55 15.66 -16.06
C ARG A 69 -37.02 15.84 -15.95
N TRP A 70 -36.33 15.97 -17.08
CA TRP A 70 -34.90 16.18 -17.05
C TRP A 70 -34.54 17.45 -16.34
N ARG A 71 -35.23 18.52 -16.66
CA ARG A 71 -34.95 19.78 -16.04
C ARG A 71 -35.20 19.74 -14.53
N PHE A 72 -36.26 19.08 -14.10
CA PHE A 72 -36.58 18.98 -12.69
C PHE A 72 -35.47 18.22 -11.99
N LEU A 73 -35.02 17.13 -12.57
CA LEU A 73 -33.92 16.41 -11.99
C LEU A 73 -32.66 17.25 -11.87
N LEU A 74 -32.29 17.92 -12.94
CA LEU A 74 -31.09 18.72 -12.94
C LEU A 74 -31.17 19.83 -11.93
N GLN A 75 -32.31 20.46 -11.82
CA GLN A 75 -32.50 21.45 -10.80
C GLN A 75 -32.45 20.90 -9.39
N SER A 76 -32.93 19.70 -9.20
CA SER A 76 -32.83 19.02 -7.93
C SER A 76 -31.37 18.72 -7.56
N LEU A 77 -30.61 18.29 -8.54
CA LEU A 77 -29.20 18.09 -8.40
C LEU A 77 -28.45 19.38 -8.12
N GLU A 78 -28.79 20.46 -8.78
CA GLU A 78 -28.18 21.75 -8.50
C GLU A 78 -28.43 22.19 -7.09
N ASP A 79 -29.65 21.95 -6.62
CA ASP A 79 -29.97 22.30 -5.29
C ASP A 79 -29.15 21.52 -4.27
N LEU A 80 -28.98 20.23 -4.45
CA LEU A 80 -28.19 19.43 -3.56
C LEU A 80 -26.75 19.90 -3.56
N ASP A 81 -26.23 20.17 -4.72
CA ASP A 81 -24.87 20.63 -4.83
C ASP A 81 -24.73 21.91 -4.07
N THR A 82 -25.70 22.77 -4.20
CA THR A 82 -25.68 24.06 -3.53
C THR A 82 -25.67 23.90 -2.02
N SER A 83 -26.47 23.01 -1.50
CA SER A 83 -26.55 22.68 -0.10
C SER A 83 -25.27 22.07 0.43
N LEU A 84 -24.67 21.21 -0.37
CA LEU A 84 -23.43 20.56 -0.04
C LEU A 84 -22.31 21.59 0.07
N ARG A 85 -22.35 22.59 -0.77
CA ARG A 85 -21.37 23.61 -0.74
C ARG A 85 -21.38 24.30 0.59
N LYS A 86 -22.55 24.40 1.19
CA LYS A 86 -22.68 25.00 2.49
C LYS A 86 -22.00 24.19 3.58
N LEU A 87 -21.74 22.95 3.29
CA LEU A 87 -21.08 22.02 4.17
C LEU A 87 -19.65 21.78 3.73
N ASN A 88 -19.18 22.69 2.93
CA ASN A 88 -17.90 22.61 2.24
C ASN A 88 -17.62 21.36 1.43
N SER A 89 -18.61 20.87 0.74
CA SER A 89 -18.48 19.68 -0.05
C SER A 89 -19.06 19.87 -1.43
N ARG A 90 -19.21 18.82 -2.20
CA ARG A 90 -19.85 18.91 -3.48
C ARG A 90 -20.62 17.67 -3.79
N LEU A 91 -21.58 17.80 -4.67
CA LEU A 91 -22.21 16.67 -5.30
C LEU A 91 -21.27 16.11 -6.36
N PHE A 92 -21.15 14.81 -6.40
CA PHE A 92 -20.46 14.17 -7.47
C PHE A 92 -21.46 13.57 -8.45
N VAL A 93 -21.57 14.15 -9.62
CA VAL A 93 -22.38 13.58 -10.64
C VAL A 93 -21.49 12.78 -11.58
N VAL A 94 -21.70 11.50 -11.58
CA VAL A 94 -20.94 10.57 -12.34
C VAL A 94 -21.74 10.09 -13.53
N ARG A 95 -21.19 10.19 -14.71
CA ARG A 95 -21.86 9.84 -15.93
C ARG A 95 -21.75 8.38 -16.21
N GLY A 96 -22.85 7.74 -16.40
CA GLY A 96 -22.85 6.35 -16.78
C GLY A 96 -23.95 5.59 -16.11
N GLN A 97 -23.77 4.30 -16.03
CA GLN A 97 -24.69 3.43 -15.40
C GLN A 97 -24.06 2.79 -14.15
N PRO A 98 -24.87 2.55 -13.15
CA PRO A 98 -24.34 2.14 -11.85
C PRO A 98 -23.57 0.84 -11.86
N ALA A 99 -24.07 -0.20 -12.46
CA ALA A 99 -23.38 -1.46 -12.54
C ALA A 99 -22.07 -1.32 -13.29
N ASP A 100 -22.07 -0.48 -14.31
CA ASP A 100 -20.90 -0.19 -15.07
C ASP A 100 -19.86 0.58 -14.31
N VAL A 101 -20.26 1.56 -13.51
CA VAL A 101 -19.30 2.44 -12.89
C VAL A 101 -18.85 2.11 -11.48
N PHE A 102 -19.67 1.42 -10.74
CA PHE A 102 -19.38 1.25 -9.33
C PHE A 102 -18.05 0.52 -9.06
N PRO A 103 -17.75 -0.52 -9.81
CA PRO A 103 -16.52 -1.27 -9.52
C PRO A 103 -15.33 -0.39 -9.63
N ARG A 104 -15.23 0.45 -10.63
CA ARG A 104 -14.15 1.39 -10.71
C ARG A 104 -14.18 2.42 -9.61
N LEU A 105 -15.35 2.88 -9.27
CA LEU A 105 -15.50 3.87 -8.23
C LEU A 105 -15.03 3.32 -6.89
N PHE A 106 -15.32 2.07 -6.62
CA PHE A 106 -14.96 1.50 -5.36
C PHE A 106 -13.41 1.50 -5.26
N LYS A 107 -12.76 1.04 -6.30
CA LYS A 107 -11.32 1.01 -6.31
C LYS A 107 -10.68 2.36 -6.27
N GLU A 108 -11.06 3.24 -7.15
CA GLU A 108 -10.46 4.55 -7.22
C GLU A 108 -10.62 5.38 -5.97
N TRP A 109 -11.74 5.28 -5.29
CA TRP A 109 -11.98 6.07 -4.10
C TRP A 109 -11.69 5.32 -2.80
N GLY A 110 -11.35 4.06 -2.91
CA GLY A 110 -11.14 3.26 -1.76
C GLY A 110 -12.32 3.22 -0.83
N VAL A 111 -13.49 3.03 -1.40
CA VAL A 111 -14.69 3.01 -0.57
C VAL A 111 -14.84 1.77 0.28
N THR A 112 -15.25 1.99 1.51
CA THR A 112 -15.55 0.90 2.39
C THR A 112 -17.01 0.75 2.78
N ARG A 113 -17.77 1.81 2.60
CA ARG A 113 -19.19 1.77 2.86
C ARG A 113 -19.98 2.41 1.75
N LEU A 114 -21.02 1.76 1.35
CA LEU A 114 -21.98 2.36 0.42
C LEU A 114 -23.36 2.44 1.04
N THR A 115 -23.97 3.62 1.03
CA THR A 115 -25.35 3.78 1.48
C THR A 115 -26.33 4.39 0.44
N PHE A 116 -27.57 3.99 0.54
CA PHE A 116 -28.65 4.53 -0.25
C PHE A 116 -30.03 4.29 0.38
N GLU A 117 -30.99 5.09 -0.02
CA GLU A 117 -32.36 4.88 0.35
C GLU A 117 -32.89 3.64 -0.37
N TYR A 118 -33.58 2.77 0.33
CA TYR A 118 -34.12 1.58 -0.26
C TYR A 118 -35.12 1.94 -1.38
N ASP A 119 -35.13 1.15 -2.44
CA ASP A 119 -36.07 1.24 -3.55
C ASP A 119 -36.90 -0.03 -3.62
N SER A 120 -38.18 0.10 -3.33
CA SER A 120 -39.12 -1.01 -3.36
C SER A 120 -39.53 -1.48 -4.74
N GLU A 121 -39.31 -0.63 -5.73
CA GLU A 121 -39.77 -0.92 -7.06
C GLU A 121 -39.03 -2.09 -7.63
N PRO A 122 -39.70 -2.98 -8.33
CA PRO A 122 -39.11 -4.26 -8.68
C PRO A 122 -37.83 -4.21 -9.54
N PHE A 123 -37.78 -3.35 -10.54
CA PHE A 123 -36.56 -3.15 -11.30
C PHE A 123 -35.47 -2.55 -10.44
N GLY A 124 -35.85 -1.65 -9.55
CA GLY A 124 -34.95 -1.03 -8.64
C GLY A 124 -34.31 -2.01 -7.69
N LYS A 125 -35.12 -2.92 -7.17
CA LYS A 125 -34.67 -3.94 -6.27
C LYS A 125 -33.68 -4.85 -6.95
N GLU A 126 -33.98 -5.22 -8.18
CA GLU A 126 -33.11 -6.04 -8.98
C GLU A 126 -31.76 -5.36 -9.20
N ARG A 127 -31.78 -4.09 -9.57
CA ARG A 127 -30.56 -3.36 -9.77
C ARG A 127 -29.76 -3.34 -8.49
N ASP A 128 -30.46 -3.08 -7.39
CA ASP A 128 -29.85 -2.89 -6.11
C ASP A 128 -29.21 -4.19 -5.60
N ALA A 129 -29.86 -5.31 -5.84
CA ALA A 129 -29.30 -6.59 -5.48
C ALA A 129 -28.00 -6.85 -6.20
N ALA A 130 -27.92 -6.51 -7.47
CA ALA A 130 -26.70 -6.65 -8.23
C ALA A 130 -25.55 -5.77 -7.74
N ILE A 131 -25.83 -4.53 -7.43
CA ILE A 131 -24.85 -3.66 -6.84
C ILE A 131 -24.39 -4.21 -5.47
N MET A 132 -25.31 -4.77 -4.72
CA MET A 132 -25.00 -5.34 -3.42
C MET A 132 -24.05 -6.52 -3.51
N LYS A 133 -24.21 -7.36 -4.53
CA LYS A 133 -23.24 -8.39 -4.83
C LYS A 133 -21.91 -7.84 -5.24
N MET A 134 -21.90 -6.81 -6.05
CA MET A 134 -20.66 -6.19 -6.43
C MET A 134 -19.99 -5.65 -5.19
N ALA A 135 -20.73 -4.99 -4.33
CA ALA A 135 -20.14 -4.41 -3.15
C ALA A 135 -19.51 -5.45 -2.22
N LYS A 136 -20.17 -6.58 -2.08
CA LYS A 136 -19.70 -7.68 -1.30
C LYS A 136 -18.41 -8.20 -1.86
N GLU A 137 -18.37 -8.34 -3.16
CA GLU A 137 -17.23 -8.87 -3.87
C GLU A 137 -16.10 -8.00 -3.58
N ALA A 138 -16.32 -6.71 -3.50
CA ALA A 138 -15.26 -5.77 -3.25
C ALA A 138 -15.00 -5.47 -1.79
N GLY A 139 -15.64 -6.19 -0.90
CA GLY A 139 -15.58 -5.92 0.54
C GLY A 139 -16.04 -4.55 0.98
N VAL A 140 -17.14 -4.09 0.40
CA VAL A 140 -17.73 -2.84 0.71
C VAL A 140 -19.01 -3.09 1.50
N GLU A 141 -19.14 -2.43 2.62
CA GLU A 141 -20.33 -2.57 3.45
C GLU A 141 -21.49 -1.82 2.74
N VAL A 142 -22.68 -2.38 2.76
CA VAL A 142 -23.85 -1.67 2.24
C VAL A 142 -24.87 -1.44 3.35
N VAL A 143 -25.26 -0.21 3.55
CA VAL A 143 -26.37 0.10 4.42
C VAL A 143 -27.53 0.76 3.62
N THR A 144 -28.70 0.19 3.71
CA THR A 144 -29.89 0.80 3.13
C THR A 144 -30.91 1.15 4.23
N GLU A 145 -31.64 2.22 4.01
CA GLU A 145 -32.66 2.65 4.90
C GLU A 145 -33.93 2.99 4.13
N ASN A 146 -35.09 2.62 4.64
CA ASN A 146 -36.29 2.94 3.92
C ASN A 146 -36.78 4.24 4.42
N SER A 147 -36.63 5.22 3.58
CA SER A 147 -37.26 6.46 3.82
C SER A 147 -38.07 7.05 2.64
N HIS A 148 -38.21 6.29 1.57
CA HIS A 148 -39.06 6.72 0.49
C HIS A 148 -40.57 6.65 0.79
N THR A 149 -40.95 5.75 1.67
CA THR A 149 -42.32 5.49 1.99
C THR A 149 -42.54 5.62 3.47
N LEU A 150 -43.79 5.78 3.86
CA LEU A 150 -44.16 5.92 5.26
C LEU A 150 -43.87 4.69 6.07
N TYR A 151 -44.18 3.56 5.50
CA TYR A 151 -44.13 2.28 6.14
C TYR A 151 -43.12 1.31 5.52
N ASP A 152 -42.85 0.24 6.23
CA ASP A 152 -42.09 -0.84 5.72
C ASP A 152 -43.07 -1.74 4.98
N LEU A 153 -42.99 -1.69 3.66
CA LEU A 153 -43.94 -2.35 2.83
C LEU A 153 -43.96 -3.84 3.01
N ASP A 154 -42.81 -4.45 3.22
CA ASP A 154 -42.70 -5.89 3.41
C ASP A 154 -43.47 -6.32 4.66
N ARG A 155 -43.46 -5.47 5.66
CA ARG A 155 -44.24 -5.73 6.85
C ARG A 155 -45.72 -5.75 6.55
N ILE A 156 -46.18 -4.82 5.72
CA ILE A 156 -47.57 -4.78 5.36
C ILE A 156 -47.93 -6.06 4.68
N ILE A 157 -47.09 -6.48 3.79
CA ILE A 157 -47.30 -7.71 3.04
C ILE A 157 -47.28 -8.95 3.92
N GLU A 158 -46.39 -8.95 4.86
CA GLU A 158 -46.27 -10.05 5.79
C GLU A 158 -47.52 -10.22 6.64
N LEU A 159 -48.04 -9.13 7.12
CA LEU A 159 -49.22 -9.10 7.93
C LEU A 159 -50.39 -9.60 7.11
N ASN A 160 -50.26 -9.52 5.80
CA ASN A 160 -51.33 -9.85 4.89
C ASN A 160 -51.21 -11.23 4.31
N GLY A 161 -50.43 -12.07 4.97
CA GLY A 161 -50.23 -13.42 4.50
C GLY A 161 -49.27 -13.50 3.34
N GLN A 162 -48.32 -12.61 3.32
CA GLN A 162 -47.30 -12.54 2.29
C GLN A 162 -47.82 -12.29 0.90
N LYS A 163 -48.87 -11.52 0.80
CA LYS A 163 -49.33 -11.02 -0.47
C LYS A 163 -49.79 -9.58 -0.29
N PRO A 164 -49.63 -8.75 -1.30
CA PRO A 164 -50.03 -7.36 -1.15
C PRO A 164 -51.53 -7.22 -1.04
N PRO A 165 -52.05 -6.24 -0.33
CA PRO A 165 -53.49 -6.00 -0.36
C PRO A 165 -53.93 -5.44 -1.71
N LEU A 166 -54.99 -5.96 -2.26
CA LEU A 166 -55.49 -5.50 -3.53
C LEU A 166 -56.68 -4.58 -3.48
N THR A 167 -57.08 -4.18 -2.29
CA THR A 167 -58.03 -3.11 -2.13
C THR A 167 -57.53 -2.10 -1.14
N TYR A 168 -57.90 -0.86 -1.34
CA TYR A 168 -57.50 0.22 -0.48
C TYR A 168 -58.07 -0.02 0.93
N LYS A 169 -59.24 -0.60 0.98
CA LYS A 169 -59.88 -0.90 2.23
C LYS A 169 -59.07 -1.91 3.10
N ARG A 170 -58.60 -2.99 2.51
CA ARG A 170 -57.76 -3.95 3.19
C ARG A 170 -56.45 -3.30 3.60
N PHE A 171 -55.95 -2.48 2.72
CA PHE A 171 -54.72 -1.79 2.99
C PHE A 171 -54.85 -0.90 4.23
N GLN A 172 -55.92 -0.16 4.34
CA GLN A 172 -56.16 0.68 5.51
C GLN A 172 -56.28 -0.17 6.79
N ALA A 173 -56.88 -1.32 6.68
CA ALA A 173 -57.01 -2.23 7.79
C ALA A 173 -55.64 -2.70 8.28
N LEU A 174 -54.76 -3.00 7.34
CA LEU A 174 -53.45 -3.44 7.70
C LEU A 174 -52.63 -2.38 8.39
N ILE A 175 -52.55 -1.18 7.86
CA ILE A 175 -51.81 -0.14 8.52
C ILE A 175 -52.40 0.27 9.85
N SER A 176 -53.70 0.14 9.97
CA SER A 176 -54.41 0.48 11.18
C SER A 176 -53.95 -0.36 12.36
N ARG A 177 -53.51 -1.56 12.11
CA ARG A 177 -52.98 -2.39 13.14
C ARG A 177 -51.48 -2.26 13.38
N MET A 178 -50.88 -1.34 12.69
CA MET A 178 -49.48 -1.13 12.74
C MET A 178 -49.07 0.11 13.49
N GLU A 179 -47.81 0.09 13.78
CA GLU A 179 -47.11 1.11 14.45
C GLU A 179 -47.20 2.33 13.51
N LEU A 180 -47.10 3.52 14.04
CA LEU A 180 -47.06 4.70 13.23
C LEU A 180 -45.77 4.78 12.42
N PRO A 181 -45.78 5.53 11.33
CA PRO A 181 -44.58 5.68 10.53
C PRO A 181 -43.49 6.36 11.34
N LYS A 182 -42.26 6.08 11.02
CA LYS A 182 -41.16 6.65 11.74
C LYS A 182 -41.15 8.10 11.56
N LYS A 183 -40.73 8.81 12.57
CA LYS A 183 -40.56 10.24 12.44
C LYS A 183 -39.37 10.57 11.52
N PRO A 184 -39.38 11.76 10.93
CA PRO A 184 -38.28 12.14 10.05
C PRO A 184 -36.98 12.17 10.84
N ALA A 185 -35.90 11.73 10.25
CA ALA A 185 -34.65 11.63 10.95
C ALA A 185 -34.05 12.97 11.20
N VAL A 186 -33.13 13.05 12.12
CA VAL A 186 -32.46 14.29 12.42
C VAL A 186 -31.61 14.76 11.23
N ALA A 187 -31.49 16.05 11.06
CA ALA A 187 -30.70 16.55 9.97
C ALA A 187 -29.23 16.18 10.17
N VAL A 188 -28.48 16.09 9.08
CA VAL A 188 -27.07 15.88 9.21
C VAL A 188 -26.45 17.18 9.69
N SER A 189 -25.57 17.08 10.67
CA SER A 189 -24.84 18.19 11.24
C SER A 189 -23.87 18.84 10.28
N SER A 190 -23.76 20.14 10.34
CA SER A 190 -22.81 20.85 9.52
C SER A 190 -21.44 20.40 9.90
N GLN A 191 -21.19 20.38 11.18
CA GLN A 191 -19.93 19.93 11.65
C GLN A 191 -19.64 18.46 11.40
N GLN A 192 -20.64 17.59 11.43
CA GLN A 192 -20.39 16.18 11.14
C GLN A 192 -19.88 16.08 9.75
N MET A 193 -20.42 16.84 8.84
CA MET A 193 -20.04 16.81 7.44
C MET A 193 -18.61 17.28 7.25
N GLU A 194 -18.31 18.34 7.94
CA GLU A 194 -17.03 18.99 7.91
C GLU A 194 -15.94 18.09 8.49
N SER A 195 -16.28 17.24 9.43
CA SER A 195 -15.34 16.25 9.88
C SER A 195 -14.97 15.23 8.80
N CYS A 196 -15.80 15.09 7.76
CA CYS A 196 -15.58 14.08 6.74
C CYS A 196 -15.53 14.53 5.25
N ARG A 197 -15.29 15.80 5.01
CA ARG A 197 -15.38 16.29 3.66
C ARG A 197 -14.31 15.73 2.81
N ALA A 198 -14.62 15.48 1.56
CA ALA A 198 -13.68 14.88 0.66
C ALA A 198 -12.86 15.94 -0.02
N GLU A 199 -11.72 15.55 -0.53
CA GLU A 199 -10.93 16.49 -1.28
C GLU A 199 -11.66 16.86 -2.54
N ILE A 200 -11.92 18.13 -2.71
CA ILE A 200 -12.50 18.58 -3.95
C ILE A 200 -11.42 19.22 -4.80
N GLN A 201 -11.20 18.64 -5.97
CA GLN A 201 -10.29 19.17 -6.96
C GLN A 201 -10.85 20.32 -7.72
N GLU A 202 -10.00 21.17 -8.26
CA GLU A 202 -10.49 22.37 -8.88
C GLU A 202 -10.91 22.18 -10.33
N ASN A 203 -10.78 20.98 -10.80
CA ASN A 203 -11.31 20.53 -12.08
C ASN A 203 -12.67 19.81 -11.88
N HIS A 204 -13.26 20.01 -10.73
CA HIS A 204 -14.37 19.17 -10.28
C HIS A 204 -15.51 19.25 -11.25
N ASP A 205 -15.78 20.44 -11.74
CA ASP A 205 -16.89 20.65 -12.63
C ASP A 205 -16.80 19.89 -13.92
N ASP A 206 -15.61 19.76 -14.43
CA ASP A 206 -15.45 19.06 -15.67
C ASP A 206 -15.83 17.63 -15.60
N THR A 207 -15.56 17.00 -14.49
CA THR A 207 -15.80 15.61 -14.40
C THR A 207 -17.10 15.25 -13.67
N TYR A 208 -17.39 15.99 -12.61
CA TYR A 208 -18.44 15.67 -11.65
C TYR A 208 -19.58 16.70 -11.51
N GLY A 209 -19.54 17.73 -12.34
CA GLY A 209 -20.47 18.81 -12.25
C GLY A 209 -21.87 18.47 -12.72
N VAL A 210 -22.83 19.27 -12.26
CA VAL A 210 -24.17 19.08 -12.73
C VAL A 210 -24.35 19.67 -14.11
N PRO A 211 -24.70 18.85 -15.07
CA PRO A 211 -24.88 19.30 -16.43
C PRO A 211 -26.06 20.23 -16.60
N SER A 212 -25.99 21.08 -17.60
CA SER A 212 -27.12 21.88 -18.01
C SER A 212 -27.85 21.17 -19.12
N LEU A 213 -29.08 21.58 -19.36
CA LEU A 213 -29.89 21.00 -20.36
C LEU A 213 -29.20 21.18 -21.71
N GLU A 214 -28.60 22.32 -21.92
CA GLU A 214 -27.96 22.66 -23.18
C GLU A 214 -26.82 21.69 -23.44
N GLU A 215 -26.06 21.46 -22.40
CA GLU A 215 -24.94 20.59 -22.41
C GLU A 215 -25.33 19.16 -22.73
N LEU A 216 -26.49 18.75 -22.31
CA LEU A 216 -26.95 17.41 -22.56
C LEU A 216 -27.56 17.29 -23.94
N GLY A 217 -27.65 18.39 -24.65
CA GLY A 217 -28.24 18.38 -25.96
C GLY A 217 -29.69 18.76 -26.16
N PHE A 218 -30.33 19.29 -25.15
CA PHE A 218 -31.67 19.78 -25.29
C PHE A 218 -31.69 21.14 -25.90
N PRO A 219 -32.66 21.39 -26.74
CA PRO A 219 -32.89 22.72 -27.24
C PRO A 219 -33.51 23.57 -26.18
N THR A 220 -32.93 24.71 -25.89
CA THR A 220 -33.45 25.59 -24.89
C THR A 220 -33.89 26.95 -25.42
N GLU A 221 -34.04 27.08 -26.73
CA GLU A 221 -34.41 28.34 -27.31
C GLU A 221 -35.78 28.72 -26.81
N GLY A 222 -35.85 29.85 -26.15
CA GLY A 222 -37.10 30.38 -25.66
C GLY A 222 -37.75 29.64 -24.51
N LEU A 223 -36.95 28.88 -23.76
CA LEU A 223 -37.43 28.14 -22.62
C LEU A 223 -37.42 29.02 -21.45
N GLY A 224 -38.61 29.34 -20.98
CA GLY A 224 -38.82 30.13 -19.80
C GLY A 224 -38.69 29.38 -18.49
N PRO A 225 -38.92 30.04 -17.37
CA PRO A 225 -38.73 29.38 -16.09
C PRO A 225 -39.70 28.20 -15.94
N ALA A 226 -39.25 27.18 -15.25
CA ALA A 226 -40.05 26.00 -15.06
C ALA A 226 -41.26 26.33 -14.20
N VAL A 227 -42.37 25.74 -14.51
CA VAL A 227 -43.53 25.86 -13.66
C VAL A 227 -43.30 25.20 -12.30
N TRP A 228 -42.59 24.09 -12.29
CA TRP A 228 -42.32 23.31 -11.12
C TRP A 228 -40.80 23.30 -10.93
N GLN A 229 -40.27 24.24 -10.18
CA GLN A 229 -38.84 24.33 -9.96
C GLN A 229 -38.35 23.14 -9.15
N GLY A 230 -37.28 22.51 -9.58
CA GLY A 230 -36.79 21.36 -8.85
C GLY A 230 -36.12 21.63 -7.51
N GLY A 231 -36.03 20.59 -6.72
CA GLY A 231 -35.21 20.62 -5.53
C GLY A 231 -35.78 20.75 -4.14
N GLU A 232 -34.96 20.36 -3.18
CA GLU A 232 -35.29 20.37 -1.77
C GLU A 232 -35.61 21.73 -1.22
N THR A 233 -34.84 22.74 -1.57
CA THR A 233 -35.13 24.05 -1.06
C THR A 233 -36.55 24.46 -1.49
N GLU A 234 -36.90 24.24 -2.75
CA GLU A 234 -38.23 24.58 -3.22
C GLU A 234 -39.27 23.77 -2.48
N ALA A 235 -38.99 22.51 -2.32
CA ALA A 235 -39.91 21.62 -1.69
C ALA A 235 -40.22 22.05 -0.24
N LEU A 236 -39.21 22.43 0.50
CA LEU A 236 -39.39 22.88 1.86
C LEU A 236 -40.20 24.16 1.97
N ALA A 237 -39.96 25.09 1.06
CA ALA A 237 -40.72 26.32 1.00
C ALA A 237 -42.19 26.05 0.71
N ARG A 238 -42.43 25.14 -0.22
CA ARG A 238 -43.76 24.71 -0.57
C ARG A 238 -44.46 24.06 0.61
N LEU A 239 -43.78 23.24 1.35
CA LEU A 239 -44.37 22.62 2.49
C LEU A 239 -44.82 23.67 3.52
N ASP A 240 -43.98 24.64 3.79
CA ASP A 240 -44.34 25.67 4.73
C ASP A 240 -45.58 26.42 4.27
N LYS A 241 -45.60 26.80 3.01
CA LYS A 241 -46.76 27.45 2.40
C LYS A 241 -48.02 26.60 2.39
N HIS A 242 -47.83 25.33 2.18
CA HIS A 242 -48.87 24.35 2.13
C HIS A 242 -49.62 24.29 3.45
N LEU A 243 -48.93 24.57 4.52
CA LEU A 243 -49.46 24.48 5.85
C LEU A 243 -49.85 25.83 6.47
N GLU A 244 -49.75 26.89 5.70
CA GLU A 244 -50.27 28.20 6.07
C GLU A 244 -51.80 28.19 5.97
N ARG A 245 -52.45 29.19 6.54
CA ARG A 245 -53.89 29.10 6.72
C ARG A 245 -54.69 28.95 5.44
N LYS A 246 -54.39 29.74 4.45
CA LYS A 246 -55.18 29.71 3.25
C LYS A 246 -55.14 28.36 2.56
N ALA A 247 -53.96 27.82 2.36
CA ALA A 247 -53.85 26.52 1.79
C ALA A 247 -54.44 25.43 2.65
N TRP A 248 -54.25 25.53 3.96
CA TRP A 248 -54.77 24.52 4.85
C TRP A 248 -56.29 24.43 4.77
N VAL A 249 -56.94 25.57 4.83
CA VAL A 249 -58.40 25.56 4.81
C VAL A 249 -58.92 25.00 3.51
N ALA A 250 -58.38 25.47 2.42
CA ALA A 250 -58.78 25.00 1.13
C ALA A 250 -58.50 23.54 0.83
N ASN A 251 -57.33 23.06 1.21
CA ASN A 251 -57.00 21.67 1.03
C ASN A 251 -57.61 20.66 1.93
N TYR A 252 -57.64 20.98 3.21
CA TYR A 252 -57.99 20.06 4.24
C TYR A 252 -59.31 20.35 4.95
N GLU A 253 -59.50 21.58 5.39
CA GLU A 253 -60.70 21.93 6.14
C GLU A 253 -61.97 21.95 5.32
N ARG A 254 -61.97 22.68 4.22
CA ARG A 254 -63.11 22.74 3.34
C ARG A 254 -62.73 22.51 1.90
N PRO A 255 -62.48 21.28 1.51
CA PRO A 255 -62.00 21.03 0.15
C PRO A 255 -63.12 20.94 -0.85
N ARG A 256 -63.06 21.70 -1.93
CA ARG A 256 -63.97 21.53 -3.02
C ARG A 256 -63.28 21.79 -4.36
N MET A 257 -63.54 20.95 -5.33
CA MET A 257 -62.97 21.16 -6.62
C MET A 257 -63.43 22.49 -7.18
N ASN A 258 -62.53 23.20 -7.80
CA ASN A 258 -62.88 24.35 -8.58
C ASN A 258 -61.94 24.52 -9.77
N ALA A 259 -62.31 25.35 -10.70
CA ALA A 259 -61.56 25.49 -11.93
C ALA A 259 -60.12 25.93 -11.67
N ASN A 260 -59.92 26.80 -10.71
CA ASN A 260 -58.62 27.35 -10.44
C ASN A 260 -57.62 26.26 -10.00
N SER A 261 -58.15 25.20 -9.44
CA SER A 261 -57.40 24.04 -9.00
C SER A 261 -56.70 23.30 -10.13
N LEU A 262 -57.18 23.51 -11.35
CA LEU A 262 -56.62 22.88 -12.52
C LEU A 262 -55.20 23.35 -12.79
N LEU A 263 -54.92 24.57 -12.39
CA LEU A 263 -53.68 25.24 -12.55
C LEU A 263 -52.63 24.72 -11.58
N ALA A 264 -51.37 24.77 -11.97
CA ALA A 264 -50.30 24.41 -11.09
C ALA A 264 -50.30 25.29 -9.85
N SER A 265 -50.23 24.66 -8.71
CA SER A 265 -50.26 25.30 -7.42
C SER A 265 -48.91 25.56 -6.78
N PRO A 266 -48.75 26.73 -6.20
CA PRO A 266 -47.53 27.05 -5.48
C PRO A 266 -47.36 26.20 -4.21
N THR A 267 -48.38 25.49 -3.82
CA THR A 267 -48.31 24.59 -2.70
C THR A 267 -48.40 23.11 -3.08
N GLY A 268 -48.34 22.82 -4.34
CA GLY A 268 -48.30 21.45 -4.78
C GLY A 268 -47.02 20.77 -4.36
N LEU A 269 -47.14 19.54 -3.91
CA LEU A 269 -46.03 18.77 -3.42
C LEU A 269 -45.66 17.50 -4.21
N SER A 270 -46.50 17.08 -5.13
CA SER A 270 -46.38 15.74 -5.66
C SER A 270 -45.05 15.42 -6.38
N PRO A 271 -44.54 16.34 -7.17
CA PRO A 271 -43.24 16.10 -7.84
C PRO A 271 -42.09 15.94 -6.85
N TYR A 272 -42.11 16.77 -5.85
CA TYR A 272 -41.14 16.76 -4.78
C TYR A 272 -41.16 15.43 -4.03
N LEU A 273 -42.31 14.89 -3.79
CA LEU A 273 -42.44 13.60 -3.21
C LEU A 273 -41.92 12.49 -4.10
N ARG A 274 -42.19 12.61 -5.36
CA ARG A 274 -41.76 11.61 -6.29
C ARG A 274 -40.22 11.51 -6.39
N PHE A 275 -39.58 12.65 -6.47
CA PHE A 275 -38.14 12.76 -6.57
C PHE A 275 -37.44 12.61 -5.21
N GLY A 276 -38.18 12.67 -4.11
CA GLY A 276 -37.56 12.61 -2.82
C GLY A 276 -37.00 13.93 -2.35
N CYS A 277 -37.29 15.01 -3.04
CA CYS A 277 -36.87 16.33 -2.62
C CYS A 277 -37.56 16.68 -1.32
N LEU A 278 -38.68 16.05 -1.07
CA LEU A 278 -39.43 16.21 0.17
C LEU A 278 -39.66 14.85 0.82
N SER A 279 -39.40 14.79 2.10
CA SER A 279 -39.67 13.60 2.85
C SER A 279 -41.17 13.38 3.01
N CYS A 280 -41.66 12.19 2.74
CA CYS A 280 -43.03 11.87 3.05
C CYS A 280 -43.34 11.89 4.56
N ARG A 281 -42.39 11.44 5.34
CA ARG A 281 -42.49 11.42 6.78
C ARG A 281 -42.54 12.80 7.35
N LEU A 282 -41.76 13.72 6.83
CA LEU A 282 -41.83 15.07 7.27
C LEU A 282 -43.19 15.70 6.96
N PHE A 283 -43.68 15.48 5.77
CA PHE A 283 -44.96 15.98 5.38
C PHE A 283 -46.04 15.40 6.30
N TYR A 284 -45.99 14.10 6.51
CA TYR A 284 -46.98 13.43 7.29
C TYR A 284 -47.04 13.97 8.70
N TYR A 285 -45.93 14.09 9.35
CA TYR A 285 -45.86 14.70 10.68
C TYR A 285 -46.17 16.19 10.78
N ARG A 286 -45.73 16.97 9.81
CA ARG A 286 -46.02 18.37 9.82
C ARG A 286 -47.52 18.53 9.69
N LEU A 287 -48.13 17.73 8.86
CA LEU A 287 -49.55 17.76 8.65
C LEU A 287 -50.33 17.39 9.93
N TRP A 288 -49.88 16.34 10.61
CA TRP A 288 -50.49 15.87 11.85
C TRP A 288 -50.39 16.93 12.94
N ASP A 289 -49.25 17.57 13.02
CA ASP A 289 -48.99 18.57 13.99
C ASP A 289 -49.88 19.76 13.77
N LEU A 290 -50.08 20.15 12.53
CA LEU A 290 -51.02 21.21 12.20
C LEU A 290 -52.47 20.84 12.57
N TYR A 291 -52.85 19.61 12.31
CA TYR A 291 -54.14 19.13 12.63
C TYR A 291 -54.40 19.19 14.12
N LYS A 292 -53.41 18.84 14.89
CA LYS A 292 -53.51 18.92 16.32
C LYS A 292 -53.69 20.36 16.75
N LYS A 293 -52.99 21.31 16.13
CA LYS A 293 -53.15 22.69 16.50
C LYS A 293 -54.55 23.18 16.23
N VAL A 294 -55.06 22.89 15.07
CA VAL A 294 -56.39 23.24 14.69
C VAL A 294 -57.52 22.56 15.44
N LYS A 295 -57.34 21.32 15.84
CA LYS A 295 -58.42 20.48 16.26
C LYS A 295 -58.22 19.88 17.63
N ARG A 296 -57.82 20.71 18.57
CA ARG A 296 -58.08 20.42 19.94
C ARG A 296 -57.59 19.05 20.31
N ASN A 297 -58.51 18.18 20.60
CA ASN A 297 -58.20 16.99 21.29
C ASN A 297 -58.74 15.84 20.45
N SER A 298 -58.19 15.71 19.25
CA SER A 298 -58.60 14.65 18.38
C SER A 298 -57.48 14.01 17.62
N THR A 299 -57.70 12.76 17.30
CA THR A 299 -56.80 12.09 16.47
C THR A 299 -57.35 12.19 15.06
N PRO A 300 -56.47 12.37 14.09
CA PRO A 300 -56.90 12.55 12.71
C PRO A 300 -57.43 11.32 12.07
N PRO A 301 -58.28 11.47 11.09
CA PRO A 301 -58.69 10.34 10.29
C PRO A 301 -57.58 9.97 9.27
N LEU A 302 -57.55 8.75 8.76
CA LEU A 302 -56.56 8.33 7.79
C LEU A 302 -56.67 9.16 6.50
N SER A 303 -57.87 9.60 6.21
CA SER A 303 -58.16 10.37 5.03
C SER A 303 -57.40 11.67 5.00
N LEU A 304 -56.98 12.15 6.16
CA LEU A 304 -56.20 13.36 6.23
C LEU A 304 -54.89 13.11 5.41
N PHE A 305 -54.44 11.86 5.40
CA PHE A 305 -53.17 11.46 4.78
C PHE A 305 -53.36 10.78 3.42
N GLY A 306 -54.52 10.95 2.83
CA GLY A 306 -54.92 10.15 1.71
C GLY A 306 -53.98 10.21 0.53
N GLN A 307 -53.44 11.37 0.22
CA GLN A 307 -52.54 11.47 -0.88
C GLN A 307 -51.33 10.58 -0.65
N LEU A 308 -50.79 10.59 0.56
CA LEU A 308 -49.69 9.72 0.90
C LEU A 308 -50.06 8.25 0.95
N LEU A 309 -51.22 7.97 1.50
CA LEU A 309 -51.65 6.62 1.63
C LEU A 309 -51.96 5.88 0.34
N TRP A 310 -52.55 6.57 -0.59
CA TRP A 310 -52.77 6.00 -1.91
C TRP A 310 -51.40 5.67 -2.54
N ARG A 311 -50.46 6.57 -2.37
CA ARG A 311 -49.11 6.37 -2.84
C ARG A 311 -48.53 5.09 -2.23
N GLU A 312 -48.65 4.90 -0.93
CA GLU A 312 -48.18 3.71 -0.23
C GLU A 312 -48.85 2.45 -0.70
N PHE A 313 -50.14 2.54 -0.99
CA PHE A 313 -50.90 1.40 -1.43
C PHE A 313 -50.35 0.86 -2.72
N PHE A 314 -50.12 1.74 -3.67
CA PHE A 314 -49.57 1.36 -4.94
C PHE A 314 -48.14 0.83 -4.84
N TYR A 315 -47.34 1.43 -4.00
CA TYR A 315 -45.99 0.93 -3.76
C TYR A 315 -46.00 -0.47 -3.19
N THR A 316 -46.88 -0.72 -2.27
CA THR A 316 -47.00 -2.01 -1.67
C THR A 316 -47.43 -3.03 -2.71
N ALA A 317 -48.36 -2.66 -3.57
CA ALA A 317 -48.84 -3.55 -4.61
C ALA A 317 -47.79 -3.90 -5.64
N ALA A 318 -47.00 -2.91 -6.03
CA ALA A 318 -45.93 -3.02 -7.01
C ALA A 318 -44.72 -3.86 -6.61
N THR A 319 -44.33 -3.78 -5.35
CA THR A 319 -42.98 -4.12 -4.94
C THR A 319 -42.60 -5.57 -5.30
N ASN A 320 -43.53 -6.48 -5.18
CA ASN A 320 -43.29 -7.88 -5.52
C ASN A 320 -43.81 -8.34 -6.90
N ASN A 321 -44.08 -7.40 -7.77
CA ASN A 321 -44.67 -7.73 -9.04
C ASN A 321 -43.89 -7.13 -10.20
N PRO A 322 -42.99 -7.91 -10.74
CA PRO A 322 -42.19 -7.43 -11.86
C PRO A 322 -43.06 -7.10 -13.07
N ARG A 323 -44.26 -7.61 -13.18
CA ARG A 323 -45.09 -7.36 -14.35
C ARG A 323 -46.17 -6.28 -14.11
N PHE A 324 -45.93 -5.44 -13.12
CA PHE A 324 -46.89 -4.52 -12.58
C PHE A 324 -47.39 -3.55 -13.61
N ASP A 325 -46.52 -3.14 -14.51
CA ASP A 325 -46.87 -2.17 -15.51
C ASP A 325 -47.30 -2.77 -16.85
N ARG A 326 -47.65 -4.04 -16.84
CA ARG A 326 -48.04 -4.78 -18.01
C ARG A 326 -49.37 -5.45 -17.80
N MET A 327 -50.05 -5.78 -18.88
CA MET A 327 -51.24 -6.53 -18.78
C MET A 327 -50.99 -8.02 -18.79
N GLU A 328 -50.51 -8.52 -19.91
CA GLU A 328 -50.31 -9.93 -20.01
C GLU A 328 -49.26 -10.42 -19.02
N GLY A 329 -49.59 -11.44 -18.29
CA GLY A 329 -48.71 -12.01 -17.28
C GLY A 329 -48.67 -11.26 -15.96
N ASN A 330 -49.57 -10.32 -15.77
CA ASN A 330 -49.65 -9.59 -14.53
C ASN A 330 -50.78 -10.23 -13.75
N PRO A 331 -50.47 -10.85 -12.63
CA PRO A 331 -51.41 -11.66 -11.88
C PRO A 331 -52.58 -10.90 -11.36
N ILE A 332 -52.44 -9.61 -11.13
CA ILE A 332 -53.53 -8.83 -10.65
C ILE A 332 -54.41 -8.16 -11.74
N CYS A 333 -54.01 -8.27 -12.97
CA CYS A 333 -54.67 -7.58 -14.04
C CYS A 333 -55.64 -8.41 -14.83
N ILE A 334 -56.81 -7.86 -15.05
CA ILE A 334 -57.77 -8.44 -15.97
C ILE A 334 -57.25 -8.38 -17.39
N GLN A 335 -57.43 -9.46 -18.12
CA GLN A 335 -57.00 -9.51 -19.49
C GLN A 335 -58.09 -8.97 -20.39
N ILE A 336 -57.82 -7.85 -21.01
CA ILE A 336 -58.79 -7.19 -21.83
C ILE A 336 -58.19 -7.01 -23.22
N PRO A 337 -59.00 -7.26 -24.25
CA PRO A 337 -58.50 -7.17 -25.61
C PRO A 337 -58.57 -5.75 -26.13
N TRP A 338 -57.56 -4.97 -25.81
CA TRP A 338 -57.50 -3.61 -26.23
C TRP A 338 -57.23 -3.52 -27.72
N ASP A 339 -57.66 -2.41 -28.31
CA ASP A 339 -57.38 -2.09 -29.70
C ASP A 339 -55.93 -1.72 -29.84
N ARG A 340 -55.31 -2.07 -30.95
CA ARG A 340 -54.09 -1.43 -31.34
C ARG A 340 -54.47 -0.34 -32.29
N ASN A 341 -54.29 0.89 -31.84
CA ASN A 341 -54.65 2.05 -32.60
C ASN A 341 -53.64 3.15 -32.51
N PRO A 342 -52.58 3.05 -33.29
CA PRO A 342 -51.45 3.96 -33.22
C PRO A 342 -51.81 5.38 -33.54
N GLU A 343 -52.64 5.58 -34.56
CA GLU A 343 -53.06 6.91 -34.93
C GLU A 343 -53.87 7.59 -33.83
N ALA A 344 -54.77 6.84 -33.25
CA ALA A 344 -55.58 7.34 -32.16
C ALA A 344 -54.75 7.68 -30.92
N LEU A 345 -53.84 6.78 -30.59
CA LEU A 345 -52.95 6.96 -29.47
C LEU A 345 -52.12 8.20 -29.69
N ALA A 346 -51.66 8.41 -30.91
CA ALA A 346 -50.88 9.58 -31.25
C ALA A 346 -51.62 10.90 -31.13
N LYS A 347 -52.86 10.91 -31.59
CA LYS A 347 -53.71 12.06 -31.45
C LYS A 347 -54.00 12.38 -29.97
N TRP A 348 -54.25 11.38 -29.17
CA TRP A 348 -54.44 11.58 -27.74
C TRP A 348 -53.19 12.15 -27.10
N ALA A 349 -52.05 11.57 -27.39
CA ALA A 349 -50.81 12.01 -26.81
C ALA A 349 -50.48 13.46 -27.15
N GLU A 350 -50.81 13.85 -28.36
CA GLU A 350 -50.52 15.17 -28.87
C GLU A 350 -51.61 16.23 -28.65
N GLY A 351 -52.69 15.86 -28.02
CA GLY A 351 -53.78 16.76 -27.83
C GLY A 351 -54.48 17.21 -29.11
N LYS A 352 -54.72 16.26 -29.98
CA LYS A 352 -55.43 16.50 -31.21
C LYS A 352 -56.62 15.58 -31.37
N THR A 353 -57.31 15.29 -30.29
CA THR A 353 -58.53 14.50 -30.32
C THR A 353 -59.76 15.24 -30.87
N GLY A 354 -59.74 16.56 -30.83
CA GLY A 354 -60.86 17.35 -31.20
C GLY A 354 -61.85 17.57 -30.07
N PHE A 355 -61.56 17.00 -28.92
CA PHE A 355 -62.29 17.30 -27.73
C PHE A 355 -61.46 18.27 -26.92
N PRO A 356 -61.91 19.51 -26.84
CA PRO A 356 -61.10 20.52 -26.23
C PRO A 356 -60.68 20.26 -24.76
N TRP A 357 -61.53 19.68 -23.91
CA TRP A 357 -61.15 19.38 -22.55
C TRP A 357 -59.96 18.41 -22.54
N ILE A 358 -60.07 17.32 -23.27
CA ILE A 358 -59.02 16.35 -23.39
C ILE A 358 -57.77 16.96 -23.99
N ASP A 359 -57.92 17.71 -25.05
CA ASP A 359 -56.81 18.38 -25.69
C ASP A 359 -56.14 19.39 -24.80
N ALA A 360 -56.91 20.14 -24.07
CA ALA A 360 -56.34 21.11 -23.20
C ALA A 360 -55.49 20.45 -22.08
N ILE A 361 -56.00 19.40 -21.49
CA ILE A 361 -55.29 18.70 -20.45
C ILE A 361 -53.96 18.13 -20.99
N MET A 362 -54.00 17.48 -22.12
CA MET A 362 -52.82 16.91 -22.71
C MET A 362 -51.79 18.01 -23.06
N THR A 363 -52.26 19.16 -23.46
CA THR A 363 -51.41 20.31 -23.68
C THR A 363 -50.74 20.82 -22.44
N GLN A 364 -51.49 20.95 -21.37
CA GLN A 364 -50.94 21.37 -20.12
C GLN A 364 -49.89 20.37 -19.63
N LEU A 365 -50.20 19.10 -19.78
CA LEU A 365 -49.30 18.08 -19.32
C LEU A 365 -47.96 18.14 -20.05
N ARG A 366 -47.99 18.24 -21.37
CA ARG A 366 -46.81 18.35 -22.16
C ARG A 366 -46.04 19.61 -21.85
N GLN A 367 -46.71 20.73 -21.77
CA GLN A 367 -46.06 21.97 -21.46
C GLN A 367 -45.44 22.09 -20.07
N GLU A 368 -46.13 21.62 -19.05
CA GLU A 368 -45.79 21.89 -17.65
C GLU A 368 -45.33 20.71 -16.79
N GLY A 369 -45.76 19.51 -17.11
CA GLY A 369 -45.38 18.33 -16.38
C GLY A 369 -46.23 17.90 -15.20
N TRP A 370 -47.34 18.60 -15.01
CA TRP A 370 -48.34 18.26 -14.00
C TRP A 370 -49.74 18.62 -14.48
N ILE A 371 -50.68 17.74 -14.20
CA ILE A 371 -52.09 17.95 -14.32
C ILE A 371 -52.83 17.44 -13.08
N HIS A 372 -53.99 18.01 -12.84
CA HIS A 372 -54.80 17.66 -11.70
C HIS A 372 -55.24 16.18 -11.76
N HIS A 373 -55.47 15.56 -10.62
CA HIS A 373 -55.87 14.17 -10.59
C HIS A 373 -57.17 13.93 -11.39
N LEU A 374 -58.12 14.83 -11.27
CA LEU A 374 -59.37 14.70 -12.01
C LEU A 374 -59.13 14.79 -13.51
N ALA A 375 -58.22 15.65 -13.89
CA ALA A 375 -57.79 15.76 -15.25
C ALA A 375 -57.15 14.44 -15.79
N ARG A 376 -56.34 13.79 -14.97
CA ARG A 376 -55.75 12.54 -15.29
C ARG A 376 -56.83 11.52 -15.53
N HIS A 377 -57.84 11.50 -14.68
CA HIS A 377 -58.93 10.57 -14.82
C HIS A 377 -59.63 10.82 -16.15
N ALA A 378 -59.85 12.07 -16.48
CA ALA A 378 -60.50 12.39 -17.73
C ALA A 378 -59.76 11.90 -18.96
N VAL A 379 -58.49 12.20 -19.07
CA VAL A 379 -57.75 11.78 -20.26
C VAL A 379 -57.51 10.28 -20.30
N ALA A 380 -57.39 9.65 -19.16
CA ALA A 380 -57.19 8.23 -19.07
C ALA A 380 -58.43 7.42 -19.43
N CYS A 381 -59.58 7.91 -19.00
CA CYS A 381 -60.83 7.34 -19.39
C CYS A 381 -60.97 7.42 -20.89
N PHE A 382 -60.65 8.57 -21.44
CA PHE A 382 -60.81 8.76 -22.86
C PHE A 382 -59.96 7.77 -23.64
N LEU A 383 -58.73 7.57 -23.23
CA LEU A 383 -57.82 6.66 -23.92
C LEU A 383 -58.24 5.22 -23.82
N THR A 384 -58.75 4.84 -22.67
CA THR A 384 -58.99 3.45 -22.38
C THR A 384 -60.44 3.05 -22.55
N ARG A 385 -61.09 2.71 -21.47
CA ARG A 385 -62.44 2.23 -21.46
C ARG A 385 -63.52 3.22 -21.89
N GLY A 386 -63.28 4.50 -21.76
CA GLY A 386 -64.24 5.46 -22.18
C GLY A 386 -64.44 5.64 -23.67
N ASP A 387 -63.37 5.90 -24.40
CA ASP A 387 -63.49 6.22 -25.80
C ASP A 387 -62.64 5.41 -26.75
N LEU A 388 -61.34 5.59 -26.72
CA LEU A 388 -60.41 4.95 -27.65
C LEU A 388 -60.21 3.43 -27.53
N TRP A 389 -60.48 2.86 -26.38
CA TRP A 389 -60.24 1.46 -26.13
C TRP A 389 -58.77 1.06 -26.38
N VAL A 390 -57.84 1.95 -26.16
CA VAL A 390 -56.42 1.65 -26.21
C VAL A 390 -55.94 1.19 -24.84
N SER A 391 -54.93 0.35 -24.79
CA SER A 391 -54.43 -0.18 -23.54
C SER A 391 -53.89 0.89 -22.60
N TRP A 392 -54.15 0.67 -21.32
CA TRP A 392 -53.71 1.50 -20.24
C TRP A 392 -52.17 1.56 -20.27
N GLU A 393 -51.55 0.51 -20.80
CA GLU A 393 -50.11 0.44 -20.88
C GLU A 393 -49.55 1.59 -21.71
N SER A 394 -50.21 1.94 -22.78
CA SER A 394 -49.83 3.06 -23.60
C SER A 394 -49.92 4.40 -22.88
N GLY A 395 -50.94 4.52 -22.05
CA GLY A 395 -51.15 5.66 -21.22
C GLY A 395 -50.06 5.82 -20.19
N VAL A 396 -49.68 4.71 -19.60
CA VAL A 396 -48.62 4.67 -18.62
C VAL A 396 -47.36 5.22 -19.25
N ARG A 397 -47.09 4.79 -20.47
CA ARG A 397 -45.89 5.20 -21.15
C ARG A 397 -45.84 6.71 -21.39
N VAL A 398 -46.94 7.29 -21.83
CA VAL A 398 -46.99 8.69 -22.07
C VAL A 398 -46.82 9.51 -20.81
N PHE A 399 -47.52 9.09 -19.79
CA PHE A 399 -47.41 9.74 -18.50
C PHE A 399 -45.98 9.64 -17.95
N ASP A 400 -45.38 8.50 -18.16
CA ASP A 400 -44.01 8.28 -17.71
C ASP A 400 -43.09 9.28 -18.35
N GLU A 401 -43.26 9.52 -19.63
CA GLU A 401 -42.53 10.52 -20.31
C GLU A 401 -42.75 11.96 -19.85
N LEU A 402 -43.99 12.35 -19.57
CA LEU A 402 -44.30 13.74 -19.40
C LEU A 402 -44.62 14.21 -17.97
N LEU A 403 -45.04 13.29 -17.15
CA LEU A 403 -45.63 13.63 -15.88
C LEU A 403 -44.63 13.58 -14.73
N LEU A 404 -44.42 14.69 -14.07
CA LEU A 404 -43.39 14.84 -13.09
C LEU A 404 -43.53 13.83 -11.90
N ASP A 405 -44.75 13.50 -11.51
CA ASP A 405 -44.99 12.70 -10.34
C ASP A 405 -45.30 11.23 -10.64
N ALA A 406 -45.07 10.87 -11.87
CA ALA A 406 -45.40 9.56 -12.35
C ALA A 406 -44.33 8.48 -12.24
N ASP A 407 -44.15 7.88 -11.10
CA ASP A 407 -43.27 6.75 -11.01
C ASP A 407 -43.91 5.39 -11.34
N PHE A 408 -43.10 4.36 -11.32
CA PHE A 408 -43.54 3.08 -11.79
C PHE A 408 -44.76 2.61 -11.01
N SER A 409 -44.71 2.68 -9.69
CA SER A 409 -45.80 2.15 -8.92
C SER A 409 -47.13 2.91 -9.02
N VAL A 410 -47.07 4.18 -8.77
CA VAL A 410 -48.22 5.01 -8.72
C VAL A 410 -48.85 5.13 -10.12
N ASN A 411 -48.03 5.29 -11.14
CA ASN A 411 -48.53 5.46 -12.49
C ASN A 411 -49.23 4.23 -13.02
N ALA A 412 -48.58 3.11 -13.04
CA ALA A 412 -49.24 1.91 -13.47
C ALA A 412 -50.43 1.56 -12.60
N GLY A 413 -50.31 1.70 -11.29
CA GLY A 413 -51.39 1.35 -10.43
C GLY A 413 -52.63 2.20 -10.70
N SER A 414 -52.45 3.48 -10.86
CA SER A 414 -53.53 4.34 -11.14
C SER A 414 -54.19 4.00 -12.45
N TRP A 415 -53.41 3.73 -13.45
CA TRP A 415 -53.96 3.42 -14.75
C TRP A 415 -54.80 2.14 -14.72
N MET A 416 -54.31 1.12 -14.05
CA MET A 416 -55.03 -0.11 -13.89
C MET A 416 -56.30 0.11 -13.06
N TRP A 417 -56.23 0.98 -12.08
CA TRP A 417 -57.40 1.28 -11.26
C TRP A 417 -58.48 1.97 -12.08
N LEU A 418 -58.09 2.97 -12.81
CA LEU A 418 -59.01 3.71 -13.59
C LEU A 418 -59.70 2.87 -14.67
N SER A 419 -58.95 2.03 -15.33
CA SER A 419 -59.37 1.28 -16.47
C SER A 419 -60.16 0.08 -16.06
N CYS A 420 -60.39 -0.08 -14.77
CA CYS A 420 -61.06 -1.24 -14.24
C CYS A 420 -60.35 -2.54 -14.52
N SER A 421 -59.02 -2.48 -14.57
CA SER A 421 -58.18 -3.65 -14.77
C SER A 421 -57.68 -4.34 -13.51
N ALA A 422 -57.67 -3.64 -12.41
CA ALA A 422 -57.26 -4.20 -11.15
C ALA A 422 -57.83 -3.48 -9.95
N PHE A 423 -57.53 -4.01 -8.78
CA PHE A 423 -58.00 -3.49 -7.51
C PHE A 423 -59.51 -3.47 -7.35
N PHE A 424 -60.16 -4.54 -7.80
CA PHE A 424 -61.54 -4.84 -7.46
C PHE A 424 -62.40 -3.64 -7.63
N GLN A 425 -62.72 -3.37 -8.88
CA GLN A 425 -63.52 -2.21 -9.14
C GLN A 425 -65.01 -2.45 -9.40
N GLN A 426 -65.77 -2.17 -8.37
CA GLN A 426 -67.18 -1.95 -8.52
C GLN A 426 -67.18 -0.65 -9.27
N PHE A 427 -67.77 -0.74 -10.44
CA PHE A 427 -67.62 0.15 -11.53
C PHE A 427 -68.10 1.47 -11.10
N PHE A 428 -67.50 2.49 -11.70
CA PHE A 428 -68.06 3.78 -11.77
C PHE A 428 -67.92 4.16 -13.22
N HIS A 429 -68.85 4.92 -13.75
CA HIS A 429 -68.82 5.29 -15.15
C HIS A 429 -67.70 6.27 -15.43
N CYS A 430 -67.28 6.24 -16.68
CA CYS A 430 -66.31 7.15 -17.21
C CYS A 430 -66.84 8.53 -17.37
N TYR A 431 -65.95 9.48 -17.24
CA TYR A 431 -66.28 10.85 -17.40
C TYR A 431 -66.62 11.18 -18.87
N CYS A 432 -67.54 12.11 -19.07
CA CYS A 432 -67.81 12.58 -20.38
C CYS A 432 -66.75 13.56 -20.81
N PRO A 433 -66.21 13.40 -22.00
CA PRO A 433 -65.17 14.29 -22.52
C PRO A 433 -65.63 15.71 -22.73
N VAL A 434 -66.94 15.91 -22.76
CA VAL A 434 -67.49 17.22 -22.87
C VAL A 434 -68.09 17.69 -21.55
N GLY A 435 -68.96 16.89 -21.00
CA GLY A 435 -69.66 17.27 -19.80
C GLY A 435 -68.80 17.52 -18.58
N PHE A 436 -67.79 16.69 -18.40
CA PHE A 436 -66.97 16.80 -17.23
C PHE A 436 -66.21 18.11 -17.22
N GLY A 437 -65.68 18.51 -18.34
CA GLY A 437 -64.97 19.75 -18.46
C GLY A 437 -65.83 20.95 -18.21
N ARG A 438 -67.03 20.93 -18.79
CA ARG A 438 -67.94 22.01 -18.63
C ARG A 438 -68.31 22.16 -17.17
N ARG A 439 -68.53 21.06 -16.51
CA ARG A 439 -68.81 21.01 -15.08
C ARG A 439 -67.65 21.51 -14.24
N THR A 440 -66.46 21.06 -14.57
CA THR A 440 -65.28 21.46 -13.85
C THR A 440 -64.89 22.93 -14.06
N ASP A 441 -64.93 23.42 -15.28
CA ASP A 441 -64.70 24.81 -15.58
C ASP A 441 -65.75 25.41 -16.50
N PRO A 442 -66.83 25.86 -15.92
CA PRO A 442 -67.97 26.36 -16.68
C PRO A 442 -67.57 27.56 -17.50
N SER A 443 -66.65 28.35 -17.00
CA SER A 443 -66.22 29.55 -17.70
C SER A 443 -65.59 29.22 -19.05
N GLY A 444 -64.95 28.10 -19.13
CA GLY A 444 -64.16 27.74 -20.28
C GLY A 444 -62.77 28.36 -20.37
N ASP A 445 -62.41 29.14 -19.38
CA ASP A 445 -61.14 29.80 -19.39
C ASP A 445 -59.90 28.86 -19.39
N TYR A 446 -60.02 27.68 -18.82
CA TYR A 446 -58.97 26.69 -18.88
C TYR A 446 -58.73 26.34 -20.34
N ILE A 447 -59.78 26.12 -21.11
CA ILE A 447 -59.64 25.88 -22.53
C ILE A 447 -59.03 27.08 -23.26
N ARG A 448 -59.49 28.27 -22.95
CA ARG A 448 -58.98 29.43 -23.60
C ARG A 448 -57.48 29.56 -23.39
N ARG A 449 -57.06 29.24 -22.18
CA ARG A 449 -55.66 29.28 -21.83
C ARG A 449 -54.74 28.30 -22.56
N TYR A 450 -55.12 27.05 -22.62
CA TYR A 450 -54.29 26.04 -23.24
C TYR A 450 -54.48 25.83 -24.74
N LEU A 451 -55.64 26.18 -25.28
CA LEU A 451 -55.95 26.09 -26.68
C LEU A 451 -56.50 27.43 -27.12
N PRO A 452 -55.62 28.40 -27.24
CA PRO A 452 -56.03 29.77 -27.52
C PRO A 452 -56.63 29.94 -28.91
N LYS A 453 -56.48 28.98 -29.79
CA LYS A 453 -57.15 29.03 -31.07
C LYS A 453 -58.69 29.00 -30.92
N LEU A 454 -59.13 28.48 -29.79
CA LEU A 454 -60.51 28.36 -29.44
C LEU A 454 -61.01 29.49 -28.55
N LYS A 455 -60.20 30.47 -28.29
CA LYS A 455 -60.59 31.48 -27.34
C LYS A 455 -61.84 32.26 -27.73
N GLY A 456 -62.12 32.32 -29.02
CA GLY A 456 -63.27 33.01 -29.56
C GLY A 456 -64.58 32.42 -29.16
N PHE A 457 -64.60 31.12 -28.93
CA PHE A 457 -65.83 30.44 -28.67
C PHE A 457 -66.48 30.87 -27.40
N PRO A 458 -67.78 30.97 -27.43
CA PRO A 458 -68.54 31.21 -26.20
C PRO A 458 -68.53 29.99 -25.31
N SER A 459 -68.78 30.19 -24.03
CA SER A 459 -68.70 29.12 -23.07
C SER A 459 -69.63 27.97 -23.38
N ARG A 460 -70.78 28.29 -23.94
CA ARG A 460 -71.78 27.29 -24.26
C ARG A 460 -71.32 26.32 -25.31
N TYR A 461 -70.35 26.72 -26.12
CA TYR A 461 -69.81 25.84 -27.14
C TYR A 461 -68.31 25.43 -27.03
N ILE A 462 -67.59 26.08 -26.16
CA ILE A 462 -66.16 25.88 -26.11
C ILE A 462 -65.75 24.43 -25.85
N TYR A 463 -66.53 23.67 -25.14
CA TYR A 463 -66.26 22.27 -24.93
C TYR A 463 -66.70 21.33 -26.03
N GLU A 464 -67.59 21.81 -26.90
CA GLU A 464 -68.13 21.03 -27.98
C GLU A 464 -68.27 21.90 -29.22
N PRO A 465 -67.16 22.45 -29.70
CA PRO A 465 -67.19 23.50 -30.71
C PRO A 465 -67.74 23.04 -32.04
N TRP A 466 -67.76 21.75 -32.29
CA TRP A 466 -68.29 21.16 -33.50
C TRP A 466 -69.81 21.41 -33.62
N ASN A 467 -70.47 21.61 -32.49
CA ASN A 467 -71.87 21.85 -32.43
C ASN A 467 -72.29 23.30 -32.58
N ALA A 468 -71.32 24.18 -32.58
CA ALA A 468 -71.59 25.55 -32.75
C ALA A 468 -72.14 25.84 -34.15
N PRO A 469 -73.11 26.72 -34.20
CA PRO A 469 -73.62 27.18 -35.50
C PRO A 469 -72.49 27.84 -36.24
N GLU A 470 -72.54 27.83 -37.55
CA GLU A 470 -71.48 28.29 -38.40
C GLU A 470 -71.18 29.75 -38.15
N SER A 471 -72.19 30.52 -37.85
CA SER A 471 -72.00 31.91 -37.53
C SER A 471 -71.18 32.04 -36.27
N VAL A 472 -71.32 31.10 -35.37
CA VAL A 472 -70.54 31.13 -34.15
C VAL A 472 -69.10 30.84 -34.43
N GLN A 473 -68.84 29.81 -35.22
CA GLN A 473 -67.50 29.43 -35.58
C GLN A 473 -66.80 30.58 -36.28
N LYS A 474 -67.50 31.25 -37.18
CA LYS A 474 -66.96 32.41 -37.86
C LYS A 474 -66.65 33.59 -36.98
N ALA A 475 -67.52 33.90 -36.05
CA ALA A 475 -67.25 34.95 -35.10
C ALA A 475 -66.04 34.63 -34.25
N ALA A 476 -65.88 33.36 -33.97
CA ALA A 476 -64.78 32.82 -33.21
C ALA A 476 -63.46 32.82 -33.97
N LYS A 477 -63.55 32.99 -35.27
CA LYS A 477 -62.44 32.84 -36.17
C LYS A 477 -61.83 31.47 -36.06
N CYS A 478 -62.65 30.48 -35.82
CA CYS A 478 -62.16 29.15 -35.80
C CYS A 478 -63.14 28.20 -36.41
N ILE A 479 -62.85 27.73 -37.59
CA ILE A 479 -63.72 26.83 -38.28
C ILE A 479 -63.34 25.40 -37.96
N ILE A 480 -64.24 24.67 -37.41
CA ILE A 480 -63.97 23.35 -37.00
C ILE A 480 -63.78 22.47 -38.19
N GLY A 481 -62.71 21.73 -38.14
CA GLY A 481 -62.28 20.87 -39.19
C GLY A 481 -61.28 21.61 -40.05
N VAL A 482 -61.12 22.89 -39.83
CA VAL A 482 -60.07 23.61 -40.51
C VAL A 482 -59.02 24.15 -39.57
N ASP A 483 -59.39 25.01 -38.66
CA ASP A 483 -58.46 25.54 -37.70
C ASP A 483 -58.30 24.73 -36.41
N TYR A 484 -59.24 23.85 -36.13
CA TYR A 484 -59.14 22.92 -35.03
C TYR A 484 -59.84 21.68 -35.50
N PRO A 485 -59.32 20.51 -35.18
CA PRO A 485 -59.93 19.31 -35.70
C PRO A 485 -61.29 18.96 -35.14
N ARG A 486 -61.98 18.21 -35.94
CA ARG A 486 -63.20 17.57 -35.57
C ARG A 486 -62.93 16.49 -34.54
N PRO A 487 -63.91 16.16 -33.72
CA PRO A 487 -63.72 15.09 -32.73
C PRO A 487 -63.43 13.75 -33.38
N ILE A 488 -62.44 13.05 -32.89
CA ILE A 488 -62.03 11.81 -33.51
C ILE A 488 -62.94 10.63 -33.35
N VAL A 489 -63.83 10.67 -32.41
CA VAL A 489 -64.82 9.63 -32.24
C VAL A 489 -66.17 10.26 -31.96
N ASN A 490 -67.20 9.46 -32.09
CA ASN A 490 -68.49 9.85 -31.62
C ASN A 490 -68.71 9.30 -30.23
N HIS A 491 -68.65 10.17 -29.26
CA HIS A 491 -68.59 9.73 -27.88
C HIS A 491 -69.79 8.92 -27.49
N ALA A 492 -70.97 9.34 -27.91
CA ALA A 492 -72.18 8.72 -27.43
C ALA A 492 -72.29 7.30 -27.97
N GLU A 493 -71.82 7.11 -29.16
CA GLU A 493 -71.85 5.82 -29.80
C GLU A 493 -70.74 4.96 -29.22
N THR A 494 -69.55 5.49 -29.20
CA THR A 494 -68.39 4.80 -28.69
C THR A 494 -68.56 4.41 -27.24
N SER A 495 -68.95 5.35 -26.41
CA SER A 495 -69.12 5.03 -25.02
C SER A 495 -70.15 3.95 -24.83
N ARG A 496 -71.23 3.96 -25.60
CA ARG A 496 -72.24 2.93 -25.48
C ARG A 496 -71.70 1.56 -25.80
N LEU A 497 -70.96 1.44 -26.87
CA LEU A 497 -70.33 0.19 -27.22
C LEU A 497 -69.31 -0.26 -26.17
N ASN A 498 -68.50 0.67 -25.68
CA ASN A 498 -67.50 0.38 -24.68
C ASN A 498 -68.07 -0.07 -23.33
N ILE A 499 -69.12 0.56 -22.89
CA ILE A 499 -69.72 0.22 -21.64
C ILE A 499 -70.25 -1.19 -21.75
N GLU A 500 -70.82 -1.53 -22.87
CA GLU A 500 -71.28 -2.87 -23.10
C GLU A 500 -70.13 -3.88 -23.13
N ARG A 501 -69.06 -3.51 -23.77
CA ARG A 501 -67.90 -4.37 -23.79
C ARG A 501 -67.37 -4.65 -22.40
N MET A 502 -67.27 -3.65 -21.58
CA MET A 502 -66.83 -3.81 -20.21
C MET A 502 -67.78 -4.66 -19.43
N LYS A 503 -69.06 -4.47 -19.66
CA LYS A 503 -69.99 -5.31 -18.98
C LYS A 503 -69.84 -6.77 -19.40
N GLN A 504 -69.64 -7.01 -20.67
CA GLN A 504 -69.47 -8.35 -21.17
C GLN A 504 -68.20 -8.99 -20.61
N ILE A 505 -67.16 -8.19 -20.53
CA ILE A 505 -65.88 -8.65 -20.00
C ILE A 505 -66.06 -9.09 -18.54
N TYR A 506 -66.69 -8.29 -17.71
CA TYR A 506 -66.93 -8.68 -16.35
C TYR A 506 -67.81 -9.91 -16.26
N GLN A 507 -68.76 -10.01 -17.16
CA GLN A 507 -69.66 -11.13 -17.17
C GLN A 507 -68.94 -12.42 -17.43
N GLN A 508 -67.89 -12.33 -18.20
CA GLN A 508 -67.15 -13.48 -18.64
C GLN A 508 -65.97 -13.79 -17.72
N LEU A 509 -65.87 -13.07 -16.62
CA LEU A 509 -64.92 -13.36 -15.56
C LEU A 509 -65.44 -14.49 -14.69
N SER A 510 -64.59 -15.45 -14.34
CA SER A 510 -65.05 -16.49 -13.46
C SER A 510 -65.41 -15.88 -12.12
N ARG A 511 -66.55 -16.23 -11.58
CA ARG A 511 -66.99 -15.55 -10.38
C ARG A 511 -66.19 -15.93 -9.13
N TYR A 512 -65.66 -17.13 -9.10
CA TYR A 512 -64.95 -17.64 -7.93
C TYR A 512 -64.05 -18.82 -8.27
N ALA B 21 27.29 -15.99 63.46
CA ALA B 21 26.21 -15.03 63.33
C ALA B 21 24.87 -15.68 63.50
N SER B 22 23.97 -14.93 64.10
CA SER B 22 22.57 -15.24 64.01
C SER B 22 22.07 -14.22 63.01
N SER B 23 21.72 -14.71 61.85
CA SER B 23 21.38 -13.86 60.74
C SER B 23 19.89 -13.87 60.40
N VAL B 24 19.39 -12.73 59.96
CA VAL B 24 18.09 -12.63 59.37
C VAL B 24 18.19 -12.12 57.93
N HIS B 25 17.66 -12.85 56.98
CA HIS B 25 17.51 -12.31 55.63
C HIS B 25 16.08 -11.83 55.43
N TRP B 26 15.95 -10.55 55.18
CA TRP B 26 14.66 -9.92 55.03
C TRP B 26 14.24 -9.83 53.53
N PHE B 27 13.31 -10.66 53.13
CA PHE B 27 12.69 -10.60 51.83
C PHE B 27 11.75 -9.41 51.77
N ARG B 28 11.85 -8.62 50.70
CA ARG B 28 10.86 -7.61 50.39
C ARG B 28 10.44 -7.76 48.91
N LYS B 29 11.28 -7.27 48.04
CA LYS B 29 11.44 -7.82 46.75
C LYS B 29 12.49 -8.95 46.90
N GLY B 30 13.13 -9.30 45.82
CA GLY B 30 14.04 -10.40 45.83
C GLY B 30 13.44 -11.67 46.36
N LEU B 31 12.21 -11.98 45.96
CA LEU B 31 11.54 -13.16 46.45
C LEU B 31 12.02 -14.43 45.76
N ARG B 32 13.28 -14.71 45.89
CA ARG B 32 13.86 -15.87 45.26
C ARG B 32 15.11 -16.32 46.02
N LEU B 33 15.47 -17.57 45.85
CA LEU B 33 16.75 -18.11 46.27
C LEU B 33 17.92 -17.93 45.28
N HIS B 34 17.65 -17.96 43.98
CA HIS B 34 18.66 -17.74 43.00
C HIS B 34 19.09 -16.29 42.96
N ASP B 35 20.31 -16.04 42.58
CA ASP B 35 20.81 -14.69 42.41
C ASP B 35 20.44 -13.76 43.58
N ASN B 36 20.82 -14.20 44.76
CA ASN B 36 20.49 -13.55 45.99
C ASN B 36 21.74 -13.35 46.83
N PRO B 37 22.55 -12.38 46.46
CA PRO B 37 23.78 -12.11 47.19
C PRO B 37 23.52 -11.71 48.65
N ALA B 38 22.42 -11.07 48.93
CA ALA B 38 22.10 -10.71 50.29
C ALA B 38 21.91 -11.95 51.18
N LEU B 39 21.24 -12.94 50.66
CA LEU B 39 21.06 -14.16 51.33
C LEU B 39 22.40 -14.84 51.60
N LEU B 40 23.28 -14.81 50.61
CA LEU B 40 24.58 -15.44 50.74
C LEU B 40 25.30 -14.78 51.87
N ALA B 41 25.22 -13.47 51.96
CA ALA B 41 25.80 -12.71 53.01
C ALA B 41 25.24 -13.09 54.39
N ALA B 42 23.98 -13.40 54.46
CA ALA B 42 23.36 -13.84 55.68
C ALA B 42 23.92 -15.18 56.10
N VAL B 43 24.05 -16.06 55.14
CA VAL B 43 24.50 -17.39 55.35
C VAL B 43 25.98 -17.59 55.78
N ARG B 44 26.87 -16.80 55.21
CA ARG B 44 28.27 -17.02 55.41
C ARG B 44 28.59 -16.86 56.89
N GLY B 45 29.11 -17.91 57.47
CA GLY B 45 29.62 -17.83 58.82
C GLY B 45 28.56 -17.86 59.89
N ALA B 46 27.33 -18.19 59.54
CA ALA B 46 26.26 -18.13 60.48
C ALA B 46 26.01 -19.41 61.25
N ARG B 47 25.75 -19.23 62.51
CA ARG B 47 25.20 -20.24 63.35
C ARG B 47 23.73 -20.55 63.01
N CYS B 48 22.97 -19.49 62.84
CA CYS B 48 21.54 -19.56 62.57
C CYS B 48 21.12 -18.53 61.54
N VAL B 49 20.36 -18.97 60.57
CA VAL B 49 19.73 -18.08 59.64
C VAL B 49 18.22 -18.19 59.66
N ARG B 50 17.57 -17.06 59.76
CA ARG B 50 16.13 -16.99 59.57
C ARG B 50 15.71 -16.09 58.39
N CYS B 51 14.95 -16.64 57.47
CA CYS B 51 14.39 -15.85 56.40
C CYS B 51 12.99 -15.30 56.74
N VAL B 52 12.89 -13.99 56.72
CA VAL B 52 11.65 -13.31 57.01
C VAL B 52 11.03 -12.38 55.91
N TYR B 53 9.73 -12.45 55.80
CA TYR B 53 8.93 -11.48 55.11
C TYR B 53 7.99 -10.87 56.16
N ILE B 54 7.95 -9.56 56.21
CA ILE B 54 7.15 -8.89 57.16
C ILE B 54 5.90 -8.34 56.43
N LEU B 55 4.76 -8.95 56.68
CA LEU B 55 3.50 -8.66 56.00
C LEU B 55 2.52 -7.83 56.82
N ASP B 56 2.09 -6.71 56.29
CA ASP B 56 1.15 -5.86 56.96
C ASP B 56 -0.25 -6.13 56.46
N PRO B 57 -1.04 -6.86 57.22
CA PRO B 57 -2.35 -7.32 56.78
C PRO B 57 -3.50 -6.32 57.04
N TRP B 58 -3.15 -5.17 57.56
CA TRP B 58 -4.13 -4.18 57.91
C TRP B 58 -4.49 -3.31 56.71
N PHE B 59 -5.31 -3.85 55.83
CA PHE B 59 -5.51 -3.28 54.51
C PHE B 59 -6.05 -1.90 54.53
N ALA B 60 -6.98 -1.63 55.41
CA ALA B 60 -7.68 -0.38 55.41
C ALA B 60 -6.78 0.82 55.70
N ALA B 61 -5.63 0.55 56.26
CA ALA B 61 -4.72 1.61 56.68
C ALA B 61 -3.81 2.13 55.57
N SER B 62 -3.81 1.44 54.46
CA SER B 62 -2.94 1.74 53.34
C SER B 62 -3.75 1.81 52.07
N SER B 63 -3.18 2.35 51.02
CA SER B 63 -3.87 2.46 49.76
C SER B 63 -4.26 1.06 49.32
N SER B 64 -5.36 0.96 48.64
CA SER B 64 -5.87 -0.32 48.21
C SER B 64 -5.00 -1.03 47.22
N VAL B 65 -4.93 -2.32 47.38
CA VAL B 65 -4.21 -3.16 46.50
C VAL B 65 -5.16 -4.28 46.15
N GLY B 66 -5.22 -4.60 44.89
CA GLY B 66 -6.12 -5.61 44.42
C GLY B 66 -5.80 -7.03 44.76
N ILE B 67 -6.78 -7.90 44.64
CA ILE B 67 -6.63 -9.28 44.99
C ILE B 67 -5.52 -9.98 44.17
N ASN B 68 -5.37 -9.56 42.93
CA ASN B 68 -4.40 -10.16 42.06
C ASN B 68 -2.93 -9.97 42.54
N ARG B 69 -2.61 -8.77 42.98
CA ARG B 69 -1.33 -8.51 43.60
C ARG B 69 -1.16 -9.30 44.91
N TRP B 70 -2.17 -9.30 45.76
CA TRP B 70 -2.09 -10.02 47.02
C TRP B 70 -1.89 -11.51 46.81
N ARG B 71 -2.64 -12.07 45.90
CA ARG B 71 -2.54 -13.45 45.62
C ARG B 71 -1.14 -13.78 45.04
N PHE B 72 -0.63 -12.93 44.19
CA PHE B 72 0.66 -13.18 43.57
C PHE B 72 1.75 -13.20 44.66
N LEU B 73 1.69 -12.25 45.55
CA LEU B 73 2.61 -12.21 46.66
C LEU B 73 2.52 -13.45 47.54
N LEU B 74 1.34 -13.85 47.92
CA LEU B 74 1.18 -15.00 48.77
C LEU B 74 1.69 -16.26 48.12
N GLN B 75 1.42 -16.44 46.86
CA GLN B 75 1.95 -17.55 46.11
C GLN B 75 3.46 -17.51 46.02
N SER B 76 4.02 -16.34 45.91
CA SER B 76 5.46 -16.16 45.91
C SER B 76 6.08 -16.57 47.26
N LEU B 77 5.42 -16.19 48.32
CA LEU B 77 5.75 -16.61 49.65
C LEU B 77 5.60 -18.10 49.88
N GLU B 78 4.54 -18.71 49.41
CA GLU B 78 4.38 -20.16 49.53
C GLU B 78 5.53 -20.86 48.81
N ASP B 79 5.90 -20.34 47.66
CA ASP B 79 6.94 -20.94 46.89
C ASP B 79 8.29 -20.91 47.64
N LEU B 80 8.65 -19.78 48.22
CA LEU B 80 9.84 -19.62 49.01
C LEU B 80 9.81 -20.57 50.20
N ASP B 81 8.69 -20.68 50.84
CA ASP B 81 8.58 -21.56 51.96
C ASP B 81 8.80 -22.97 51.50
N THR B 82 8.28 -23.34 50.35
CA THR B 82 8.44 -24.67 49.83
C THR B 82 9.89 -24.99 49.55
N SER B 83 10.60 -24.03 49.00
CA SER B 83 12.01 -24.16 48.70
C SER B 83 12.86 -24.30 49.97
N LEU B 84 12.51 -23.52 50.95
CA LEU B 84 13.17 -23.52 52.22
C LEU B 84 12.98 -24.86 52.92
N ARG B 85 11.82 -25.46 52.75
CA ARG B 85 11.57 -26.74 53.37
C ARG B 85 12.50 -27.78 52.83
N LYS B 86 12.89 -27.61 51.59
CA LYS B 86 13.86 -28.46 50.94
C LYS B 86 15.23 -28.37 51.56
N LEU B 87 15.53 -27.23 52.12
CA LEU B 87 16.78 -26.92 52.77
C LEU B 87 16.61 -27.11 54.27
N ASN B 88 15.58 -27.85 54.62
CA ASN B 88 15.17 -28.10 55.98
C ASN B 88 14.93 -26.87 56.86
N SER B 89 14.39 -25.82 56.28
CA SER B 89 14.12 -24.60 56.99
C SER B 89 12.68 -24.17 56.72
N ARG B 90 12.33 -22.96 57.11
CA ARG B 90 11.01 -22.41 56.84
C ARG B 90 11.08 -20.93 56.59
N LEU B 91 10.13 -20.41 55.84
CA LEU B 91 9.94 -18.99 55.76
C LEU B 91 9.30 -18.52 57.05
N PHE B 92 9.73 -17.39 57.55
CA PHE B 92 9.07 -16.75 58.64
C PHE B 92 8.27 -15.55 58.18
N VAL B 93 6.96 -15.65 58.20
CA VAL B 93 6.12 -14.53 57.90
C VAL B 93 5.67 -13.86 59.17
N VAL B 94 6.16 -12.68 59.38
CA VAL B 94 5.89 -11.90 60.55
C VAL B 94 4.88 -10.85 60.21
N ARG B 95 3.79 -10.80 60.96
CA ARG B 95 2.74 -9.84 60.74
C ARG B 95 3.03 -8.51 61.37
N GLY B 96 2.95 -7.46 60.60
CA GLY B 96 3.16 -6.14 61.13
C GLY B 96 3.89 -5.21 60.20
N GLN B 97 4.49 -4.21 60.76
CA GLN B 97 5.30 -3.31 60.02
C GLN B 97 6.77 -3.40 60.47
N PRO B 98 7.69 -3.21 59.54
CA PRO B 98 9.08 -3.46 59.87
C PRO B 98 9.64 -2.58 60.99
N ALA B 99 9.42 -1.30 60.97
CA ALA B 99 9.88 -0.45 62.03
C ALA B 99 9.28 -0.85 63.39
N ASP B 100 8.04 -1.28 63.36
CA ASP B 100 7.38 -1.76 64.53
C ASP B 100 7.90 -3.07 65.09
N VAL B 101 8.24 -4.01 64.24
CA VAL B 101 8.58 -5.32 64.68
C VAL B 101 10.05 -5.66 64.86
N PHE B 102 10.91 -4.99 64.14
CA PHE B 102 12.31 -5.36 64.15
C PHE B 102 12.98 -5.27 65.53
N PRO B 103 12.76 -4.23 66.32
CA PRO B 103 13.45 -4.16 67.61
C PRO B 103 13.10 -5.33 68.49
N ARG B 104 11.88 -5.78 68.53
CA ARG B 104 11.54 -6.98 69.24
C ARG B 104 12.16 -8.21 68.66
N LEU B 105 12.17 -8.30 67.35
CA LEU B 105 12.76 -9.44 66.68
C LEU B 105 14.25 -9.54 66.95
N PHE B 106 14.92 -8.42 66.96
CA PHE B 106 16.34 -8.42 67.17
C PHE B 106 16.61 -9.00 68.57
N LYS B 107 15.89 -8.52 69.56
CA LYS B 107 16.01 -9.02 70.90
C LYS B 107 15.60 -10.44 71.11
N GLU B 108 14.42 -10.83 70.72
CA GLU B 108 14.01 -12.20 70.92
C GLU B 108 14.75 -13.28 70.20
N TRP B 109 15.26 -12.99 69.03
CA TRP B 109 16.05 -13.93 68.25
C TRP B 109 17.57 -13.81 68.46
N GLY B 110 17.99 -12.77 69.14
CA GLY B 110 19.38 -12.50 69.30
C GLY B 110 20.11 -12.34 67.99
N VAL B 111 19.53 -11.57 67.10
CA VAL B 111 20.16 -11.37 65.83
C VAL B 111 21.41 -10.50 65.88
N THR B 112 22.39 -10.92 65.13
CA THR B 112 23.59 -10.17 64.99
C THR B 112 23.85 -9.59 63.60
N ARG B 113 23.22 -10.19 62.61
CA ARG B 113 23.28 -9.70 61.27
C ARG B 113 21.92 -9.63 60.61
N LEU B 114 21.66 -8.52 59.98
CA LEU B 114 20.51 -8.37 59.10
C LEU B 114 20.95 -8.09 57.64
N THR B 115 20.40 -8.85 56.71
CA THR B 115 20.63 -8.61 55.29
C THR B 115 19.34 -8.47 54.43
N PHE B 116 19.43 -7.67 53.38
CA PHE B 116 18.37 -7.52 52.39
C PHE B 116 18.86 -6.93 51.08
N GLU B 117 18.12 -7.17 50.02
CA GLU B 117 18.37 -6.54 48.76
C GLU B 117 18.08 -5.05 48.83
N TYR B 118 18.95 -4.25 48.28
CA TYR B 118 18.82 -2.82 48.32
C TYR B 118 17.55 -2.42 47.54
N ASP B 119 16.84 -1.42 48.04
CA ASP B 119 15.70 -0.79 47.39
C ASP B 119 16.02 0.65 47.04
N SER B 120 16.12 0.92 45.75
CA SER B 120 16.43 2.24 45.19
C SER B 120 15.30 3.27 45.31
N GLU B 121 14.10 2.77 45.49
CA GLU B 121 12.94 3.62 45.48
C GLU B 121 12.95 4.55 46.68
N PRO B 122 12.55 5.79 46.48
CA PRO B 122 12.75 6.77 47.54
C PRO B 122 12.05 6.45 48.88
N PHE B 123 10.82 5.97 48.90
CA PHE B 123 10.22 5.57 50.15
C PHE B 123 11.00 4.43 50.75
N GLY B 124 11.36 3.48 49.93
CA GLY B 124 12.05 2.32 50.40
C GLY B 124 13.38 2.66 51.02
N LYS B 125 14.09 3.57 50.39
CA LYS B 125 15.39 4.00 50.82
C LYS B 125 15.24 4.60 52.21
N GLU B 126 14.22 5.40 52.37
CA GLU B 126 13.91 6.02 53.63
C GLU B 126 13.52 5.05 54.79
N ARG B 127 12.67 4.08 54.48
CA ARG B 127 12.35 3.05 55.42
C ARG B 127 13.61 2.32 55.82
N ASP B 128 14.43 2.01 54.83
CA ASP B 128 15.61 1.22 55.01
C ASP B 128 16.66 1.93 55.88
N ALA B 129 16.79 3.24 55.71
CA ALA B 129 17.65 4.02 56.53
C ALA B 129 17.21 4.02 57.98
N ALA B 130 15.92 4.08 58.22
CA ALA B 130 15.40 3.98 59.56
C ALA B 130 15.69 2.63 60.22
N ILE B 131 15.54 1.56 59.49
CA ILE B 131 15.83 0.24 59.98
C ILE B 131 17.32 0.10 60.30
N MET B 132 18.13 0.68 59.46
CA MET B 132 19.56 0.65 59.63
C MET B 132 19.99 1.38 60.89
N LYS B 133 19.36 2.49 61.18
CA LYS B 133 19.57 3.17 62.43
C LYS B 133 19.16 2.32 63.61
N MET B 134 18.04 1.67 63.53
CA MET B 134 17.62 0.77 64.57
C MET B 134 18.63 -0.34 64.72
N ALA B 135 19.10 -0.88 63.63
CA ALA B 135 20.00 -2.02 63.68
C ALA B 135 21.31 -1.68 64.37
N LYS B 136 21.81 -0.50 64.08
CA LYS B 136 22.99 0.03 64.67
C LYS B 136 22.82 0.17 66.16
N GLU B 137 21.67 0.63 66.57
CA GLU B 137 21.35 0.84 67.95
C GLU B 137 21.40 -0.42 68.71
N ALA B 138 20.98 -1.50 68.12
CA ALA B 138 20.98 -2.79 68.74
C ALA B 138 22.25 -3.53 68.49
N GLY B 139 23.24 -2.89 67.89
CA GLY B 139 24.45 -3.55 67.50
C GLY B 139 24.26 -4.72 66.56
N VAL B 140 23.40 -4.54 65.58
CA VAL B 140 23.18 -5.51 64.56
C VAL B 140 23.88 -5.02 63.28
N GLU B 141 24.63 -5.89 62.68
CA GLU B 141 25.32 -5.63 61.42
C GLU B 141 24.30 -5.64 60.26
N VAL B 142 24.39 -4.66 59.38
CA VAL B 142 23.54 -4.69 58.20
C VAL B 142 24.36 -4.82 56.92
N VAL B 143 24.03 -5.81 56.12
CA VAL B 143 24.58 -5.94 54.80
C VAL B 143 23.47 -5.83 53.70
N THR B 144 23.66 -4.96 52.77
CA THR B 144 22.74 -4.86 51.65
C THR B 144 23.49 -5.12 50.34
N GLU B 145 22.79 -5.67 49.36
CA GLU B 145 23.37 -5.93 48.06
C GLU B 145 22.38 -5.51 46.99
N ASN B 146 22.85 -4.93 45.90
CA ASN B 146 21.94 -4.55 44.87
C ASN B 146 21.88 -5.67 43.88
N SER B 147 20.77 -6.32 43.89
CA SER B 147 20.46 -7.25 42.87
C SER B 147 19.05 -7.09 42.27
N HIS B 148 18.36 -6.03 42.61
CA HIS B 148 17.10 -5.73 41.97
C HIS B 148 17.21 -5.18 40.53
N THR B 149 18.34 -4.56 40.24
CA THR B 149 18.58 -3.87 39.00
C THR B 149 19.88 -4.39 38.40
N LEU B 150 20.05 -4.18 37.11
CA LEU B 150 21.22 -4.61 36.41
C LEU B 150 22.46 -3.90 36.86
N TYR B 151 22.32 -2.61 37.11
CA TYR B 151 23.41 -1.69 37.36
C TYR B 151 23.30 -1.01 38.73
N ASP B 152 24.38 -0.41 39.17
CA ASP B 152 24.38 0.42 40.32
C ASP B 152 23.94 1.78 39.87
N LEU B 153 22.73 2.11 40.22
CA LEU B 153 22.10 3.30 39.75
C LEU B 153 22.83 4.55 40.16
N ASP B 154 23.41 4.54 41.34
CA ASP B 154 24.11 5.68 41.91
C ASP B 154 25.32 6.00 41.01
N ARG B 155 25.92 4.96 40.47
CA ARG B 155 27.03 5.11 39.53
C ARG B 155 26.60 5.80 38.24
N ILE B 156 25.45 5.44 37.72
CA ILE B 156 24.96 6.05 36.52
C ILE B 156 24.78 7.52 36.76
N ILE B 157 24.17 7.83 37.86
CA ILE B 157 23.91 9.21 38.21
C ILE B 157 25.20 9.99 38.40
N GLU B 158 26.17 9.35 39.03
CA GLU B 158 27.46 9.94 39.29
C GLU B 158 28.16 10.30 38.01
N LEU B 159 28.14 9.40 37.05
CA LEU B 159 28.73 9.61 35.76
C LEU B 159 28.04 10.74 35.01
N ASN B 160 26.81 11.04 35.39
CA ASN B 160 26.00 12.02 34.71
C ASN B 160 26.00 13.36 35.39
N GLY B 161 26.96 13.60 36.26
CA GLY B 161 26.98 14.86 37.00
C GLY B 161 26.10 14.92 38.22
N GLN B 162 25.85 13.79 38.82
CA GLN B 162 25.02 13.67 40.00
C GLN B 162 23.59 14.10 39.78
N LYS B 163 23.12 13.86 38.58
CA LYS B 163 21.72 13.99 38.26
C LYS B 163 21.32 12.84 37.36
N PRO B 164 20.09 12.37 37.46
CA PRO B 164 19.68 11.25 36.60
C PRO B 164 19.56 11.67 35.13
N PRO B 165 19.77 10.77 34.20
CA PRO B 165 19.50 11.11 32.80
C PRO B 165 18.02 11.22 32.58
N LEU B 166 17.59 12.21 31.85
CA LEU B 166 16.19 12.39 31.57
C LEU B 166 15.74 12.03 30.19
N THR B 167 16.61 11.46 29.38
CA THR B 167 16.26 10.86 28.12
C THR B 167 16.86 9.49 28.07
N TYR B 168 16.18 8.58 27.40
CA TYR B 168 16.65 7.23 27.23
C TYR B 168 17.95 7.19 26.45
N LYS B 169 18.08 8.12 25.52
CA LYS B 169 19.26 8.21 24.71
C LYS B 169 20.52 8.52 25.56
N ARG B 170 20.39 9.48 26.46
CA ARG B 170 21.44 9.80 27.40
C ARG B 170 21.73 8.66 28.35
N PHE B 171 20.69 7.99 28.77
CA PHE B 171 20.83 6.85 29.63
C PHE B 171 21.66 5.76 28.94
N GLN B 172 21.37 5.51 27.68
CA GLN B 172 22.10 4.53 26.90
C GLN B 172 23.58 4.89 26.75
N ALA B 173 23.88 6.15 26.54
CA ALA B 173 25.25 6.60 26.44
C ALA B 173 26.00 6.34 27.74
N LEU B 174 25.33 6.58 28.87
CA LEU B 174 25.94 6.37 30.16
C LEU B 174 26.28 4.91 30.42
N ILE B 175 25.34 4.02 30.23
CA ILE B 175 25.62 2.62 30.41
C ILE B 175 26.63 2.06 29.42
N SER B 176 26.69 2.66 28.25
CA SER B 176 27.62 2.27 27.22
C SER B 176 29.06 2.42 27.65
N ARG B 177 29.31 3.36 28.52
CA ARG B 177 30.64 3.54 29.06
C ARG B 177 30.95 2.77 30.37
N MET B 178 30.02 1.98 30.83
CA MET B 178 30.16 1.21 32.05
C MET B 178 30.44 -0.26 31.81
N GLU B 179 30.88 -0.94 32.86
CA GLU B 179 31.09 -2.36 32.85
C GLU B 179 29.78 -3.02 32.66
N LEU B 180 29.81 -4.28 32.28
CA LEU B 180 28.63 -5.05 32.19
C LEU B 180 28.02 -5.29 33.58
N PRO B 181 26.74 -5.57 33.57
CA PRO B 181 26.07 -5.90 34.81
C PRO B 181 26.71 -7.16 35.40
N LYS B 182 26.67 -7.26 36.71
CA LYS B 182 27.24 -8.38 37.37
C LYS B 182 26.53 -9.63 36.97
N LYS B 183 27.25 -10.72 36.90
CA LYS B 183 26.63 -12.00 36.64
C LYS B 183 25.77 -12.45 37.81
N PRO B 184 24.80 -13.33 37.57
CA PRO B 184 23.97 -13.81 38.67
C PRO B 184 24.82 -14.54 39.69
N ALA B 185 24.54 -14.34 40.96
CA ALA B 185 25.31 -14.95 42.03
C ALA B 185 25.08 -16.43 42.09
N VAL B 186 26.01 -17.14 42.69
CA VAL B 186 25.85 -18.56 42.88
C VAL B 186 24.69 -18.89 43.80
N ALA B 187 24.05 -20.00 43.54
CA ALA B 187 22.96 -20.41 44.36
C ALA B 187 23.48 -20.73 45.76
N VAL B 188 22.62 -20.63 46.76
CA VAL B 188 23.04 -20.99 48.09
C VAL B 188 22.97 -22.50 48.25
N SER B 189 24.03 -23.09 48.77
CA SER B 189 24.12 -24.54 48.90
C SER B 189 23.18 -25.09 49.94
N SER B 190 22.74 -26.29 49.69
CA SER B 190 21.94 -27.03 50.59
C SER B 190 22.74 -27.30 51.83
N GLN B 191 24.02 -27.57 51.64
CA GLN B 191 24.85 -27.85 52.76
C GLN B 191 24.91 -26.62 53.61
N GLN B 192 25.18 -25.47 53.02
CA GLN B 192 25.37 -24.30 53.85
C GLN B 192 24.11 -24.06 54.63
N MET B 193 22.96 -24.20 54.00
CA MET B 193 21.71 -23.91 54.67
C MET B 193 21.38 -24.80 55.85
N GLU B 194 21.31 -26.09 55.59
CA GLU B 194 21.05 -26.99 56.67
C GLU B 194 22.43 -27.21 57.19
N SER B 195 22.68 -26.66 58.36
CA SER B 195 23.96 -26.34 58.87
C SER B 195 23.92 -24.92 59.43
N CYS B 196 22.91 -24.14 59.05
CA CYS B 196 22.56 -22.98 59.83
C CYS B 196 21.04 -22.87 60.13
N ARG B 197 20.37 -24.00 60.00
CA ARG B 197 18.93 -24.00 60.08
C ARG B 197 18.55 -23.61 61.43
N ALA B 198 17.43 -22.91 61.51
CA ALA B 198 16.91 -22.45 62.77
C ALA B 198 16.02 -23.49 63.35
N GLU B 199 15.81 -23.42 64.65
CA GLU B 199 14.92 -24.35 65.26
C GLU B 199 13.51 -23.97 64.90
N ILE B 200 12.82 -24.91 64.28
CA ILE B 200 11.46 -24.72 63.86
C ILE B 200 10.52 -25.42 64.82
N GLN B 201 9.69 -24.65 65.49
CA GLN B 201 8.72 -25.20 66.41
C GLN B 201 7.54 -25.87 65.75
N GLU B 202 6.88 -26.75 66.48
CA GLU B 202 5.70 -27.46 66.01
C GLU B 202 4.54 -26.50 65.71
N ASN B 203 4.53 -25.35 66.33
CA ASN B 203 3.46 -24.38 66.16
C ASN B 203 3.84 -23.25 65.18
N HIS B 204 4.73 -23.56 64.26
CA HIS B 204 5.30 -22.54 63.38
C HIS B 204 4.23 -21.87 62.54
N ASP B 205 3.30 -22.64 62.04
CA ASP B 205 2.25 -22.08 61.21
C ASP B 205 1.41 -21.05 61.90
N ASP B 206 1.22 -21.20 63.19
CA ASP B 206 0.41 -20.29 63.95
C ASP B 206 0.89 -18.87 63.96
N THR B 207 2.19 -18.69 64.04
CA THR B 207 2.70 -17.35 64.10
C THR B 207 3.35 -16.90 62.82
N TYR B 208 3.99 -17.83 62.14
CA TYR B 208 4.87 -17.55 61.03
C TYR B 208 4.47 -18.09 59.65
N GLY B 209 3.32 -18.74 59.56
CA GLY B 209 2.89 -19.34 58.35
C GLY B 209 2.46 -18.37 57.27
N VAL B 210 2.45 -18.83 56.05
CA VAL B 210 1.95 -17.99 55.01
C VAL B 210 0.43 -18.00 54.99
N PRO B 211 -0.16 -16.85 55.15
CA PRO B 211 -1.60 -16.75 55.17
C PRO B 211 -2.21 -17.05 53.82
N SER B 212 -3.39 -17.62 53.83
CA SER B 212 -4.23 -17.73 52.67
C SER B 212 -5.03 -16.45 52.44
N LEU B 213 -5.58 -16.32 51.26
CA LEU B 213 -6.42 -15.20 50.96
C LEU B 213 -7.64 -15.15 51.87
N GLU B 214 -8.23 -16.29 52.15
CA GLU B 214 -9.42 -16.39 52.98
C GLU B 214 -9.12 -15.85 54.35
N GLU B 215 -8.00 -16.29 54.87
CA GLU B 215 -7.56 -15.97 56.19
C GLU B 215 -7.38 -14.48 56.34
N LEU B 216 -6.95 -13.80 55.30
CA LEU B 216 -6.75 -12.38 55.35
C LEU B 216 -8.02 -11.60 55.09
N GLY B 217 -9.08 -12.31 54.78
CA GLY B 217 -10.36 -11.69 54.61
C GLY B 217 -10.86 -11.41 53.23
N PHE B 218 -10.16 -11.91 52.25
CA PHE B 218 -10.63 -11.84 50.89
C PHE B 218 -11.70 -12.85 50.58
N PRO B 219 -12.63 -12.44 49.77
CA PRO B 219 -13.65 -13.33 49.25
C PRO B 219 -13.05 -14.19 48.17
N THR B 220 -13.20 -15.48 48.28
CA THR B 220 -12.66 -16.39 47.31
C THR B 220 -13.65 -17.29 46.60
N GLU B 221 -14.93 -17.02 46.77
CA GLU B 221 -15.94 -17.81 46.11
C GLU B 221 -15.87 -17.62 44.61
N GLY B 222 -15.72 -18.74 43.92
CA GLY B 222 -15.62 -18.74 42.49
C GLY B 222 -14.31 -18.26 41.89
N LEU B 223 -13.28 -18.24 42.72
CA LEU B 223 -11.96 -17.81 42.28
C LEU B 223 -11.22 -18.98 41.74
N GLY B 224 -10.97 -18.88 40.46
CA GLY B 224 -10.19 -19.85 39.75
C GLY B 224 -8.70 -19.67 39.83
N PRO B 225 -7.97 -20.53 39.15
CA PRO B 225 -6.52 -20.46 39.18
C PRO B 225 -6.03 -19.12 38.64
N ALA B 226 -4.96 -18.63 39.18
CA ALA B 226 -4.42 -17.35 38.75
C ALA B 226 -3.93 -17.45 37.33
N VAL B 227 -4.12 -16.42 36.57
CA VAL B 227 -3.56 -16.36 35.26
C VAL B 227 -2.04 -16.28 35.33
N TRP B 228 -1.54 -15.58 36.33
CA TRP B 228 -0.14 -15.37 36.56
C TRP B 228 0.22 -15.97 37.92
N GLN B 229 0.61 -17.23 37.94
CA GLN B 229 0.94 -17.90 39.17
C GLN B 229 2.20 -17.29 39.79
N GLY B 230 2.15 -17.03 41.07
CA GLY B 230 3.28 -16.45 41.75
C GLY B 230 4.47 -17.36 41.99
N GLY B 231 5.59 -16.74 42.21
CA GLY B 231 6.79 -17.44 42.64
C GLY B 231 7.96 -17.76 41.75
N GLU B 232 9.09 -18.01 42.40
CA GLU B 232 10.34 -18.30 41.75
C GLU B 232 10.31 -19.55 40.91
N THR B 233 9.69 -20.61 41.38
CA THR B 233 9.64 -21.82 40.58
C THR B 233 8.94 -21.53 39.24
N GLU B 234 7.82 -20.83 39.27
CA GLU B 234 7.14 -20.47 38.08
C GLU B 234 7.97 -19.57 37.22
N ALA B 235 8.61 -18.60 37.79
CA ALA B 235 9.41 -17.66 37.07
C ALA B 235 10.57 -18.36 36.30
N LEU B 236 11.25 -19.29 36.94
CA LEU B 236 12.30 -20.06 36.31
C LEU B 236 11.80 -20.94 35.17
N ALA B 237 10.65 -21.53 35.35
CA ALA B 237 10.03 -22.30 34.29
C ALA B 237 9.67 -21.44 33.08
N ARG B 238 9.16 -20.24 33.33
CA ARG B 238 8.87 -19.29 32.31
C ARG B 238 10.12 -18.83 31.53
N LEU B 239 11.21 -18.62 32.23
CA LEU B 239 12.42 -18.19 31.61
C LEU B 239 12.92 -19.25 30.64
N ASP B 240 12.88 -20.51 31.06
CA ASP B 240 13.32 -21.55 30.19
C ASP B 240 12.48 -21.56 28.93
N LYS B 241 11.18 -21.50 29.08
CA LYS B 241 10.26 -21.49 27.95
C LYS B 241 10.41 -20.26 27.08
N HIS B 242 10.70 -19.15 27.72
CA HIS B 242 10.89 -17.90 27.08
C HIS B 242 12.05 -18.00 26.09
N LEU B 243 13.03 -18.81 26.41
CA LEU B 243 14.23 -18.95 25.63
C LEU B 243 14.21 -20.17 24.72
N GLU B 244 13.09 -20.84 24.66
CA GLU B 244 12.88 -21.90 23.69
C GLU B 244 12.60 -21.32 22.30
N ARG B 245 12.69 -22.15 21.28
CA ARG B 245 12.79 -21.63 19.92
C ARG B 245 11.59 -20.79 19.50
N LYS B 246 10.40 -21.24 19.78
CA LYS B 246 9.24 -20.54 19.33
C LYS B 246 9.12 -19.14 19.91
N ALA B 247 9.28 -19.04 21.20
CA ALA B 247 9.26 -17.75 21.85
C ALA B 247 10.42 -16.86 21.44
N TRP B 248 11.59 -17.44 21.25
CA TRP B 248 12.73 -16.64 20.88
C TRP B 248 12.51 -15.94 19.56
N VAL B 249 12.10 -16.70 18.58
CA VAL B 249 11.89 -16.11 17.26
C VAL B 249 10.81 -15.05 17.25
N ALA B 250 9.69 -15.36 17.86
CA ALA B 250 8.63 -14.41 17.92
C ALA B 250 8.93 -13.14 18.72
N ASN B 251 9.55 -13.27 19.88
CA ASN B 251 9.96 -12.11 20.63
C ASN B 251 11.12 -11.34 20.15
N TYR B 252 12.15 -12.05 19.72
CA TYR B 252 13.42 -11.44 19.41
C TYR B 252 13.82 -11.42 17.92
N GLU B 253 13.73 -12.53 17.20
CA GLU B 253 14.12 -12.53 15.80
C GLU B 253 13.23 -11.77 14.88
N ARG B 254 11.94 -12.07 14.93
CA ARG B 254 11.00 -11.34 14.14
C ARG B 254 9.83 -10.87 14.95
N PRO B 255 10.00 -9.79 15.71
CA PRO B 255 8.91 -9.28 16.52
C PRO B 255 7.93 -8.49 15.68
N ARG B 256 6.67 -8.88 15.74
CA ARG B 256 5.61 -8.08 15.22
C ARG B 256 4.37 -8.16 16.09
N MET B 257 3.73 -7.03 16.35
CA MET B 257 2.53 -7.04 17.13
C MET B 257 1.43 -7.82 16.43
N ASN B 258 0.69 -8.59 17.20
CA ASN B 258 -0.50 -9.24 16.74
C ASN B 258 -1.53 -9.38 17.84
N ALA B 259 -2.75 -9.68 17.45
CA ALA B 259 -3.85 -9.70 18.36
C ALA B 259 -3.63 -10.70 19.49
N ASN B 260 -3.04 -11.84 19.18
CA ASN B 260 -2.82 -12.89 20.13
C ASN B 260 -1.90 -12.44 21.28
N SER B 261 -1.03 -11.50 20.99
CA SER B 261 -0.13 -10.90 21.95
C SER B 261 -0.82 -10.16 23.10
N LEU B 262 -2.06 -9.75 22.88
CA LEU B 262 -2.84 -9.07 23.90
C LEU B 262 -3.11 -9.94 25.12
N LEU B 263 -3.16 -11.23 24.88
CA LEU B 263 -3.39 -12.25 25.85
C LEU B 263 -2.18 -12.50 26.74
N ALA B 264 -2.43 -12.88 27.97
CA ALA B 264 -1.37 -13.24 28.85
C ALA B 264 -0.60 -14.42 28.26
N SER B 265 0.72 -14.27 28.24
CA SER B 265 1.65 -15.24 27.72
C SER B 265 2.29 -16.13 28.75
N PRO B 266 2.37 -17.40 28.44
CA PRO B 266 3.04 -18.36 29.31
C PRO B 266 4.55 -18.10 29.40
N THR B 267 5.06 -17.24 28.57
CA THR B 267 6.43 -16.84 28.67
C THR B 267 6.66 -15.38 29.11
N GLY B 268 5.61 -14.70 29.53
CA GLY B 268 5.74 -13.38 30.07
C GLY B 268 6.48 -13.41 31.39
N LEU B 269 7.41 -12.47 31.54
CA LEU B 269 8.23 -12.37 32.73
C LEU B 269 8.03 -11.15 33.65
N SER B 270 7.24 -10.17 33.23
CA SER B 270 7.26 -8.89 33.89
C SER B 270 6.84 -8.91 35.38
N PRO B 271 5.84 -9.68 35.74
CA PRO B 271 5.46 -9.73 37.17
C PRO B 271 6.56 -10.31 38.00
N TYR B 272 7.19 -11.35 37.50
CA TYR B 272 8.28 -12.02 38.16
C TYR B 272 9.47 -11.12 38.39
N LEU B 273 9.76 -10.30 37.43
CA LEU B 273 10.78 -9.31 37.57
C LEU B 273 10.44 -8.28 38.61
N ARG B 274 9.19 -7.89 38.64
CA ARG B 274 8.77 -6.89 39.56
C ARG B 274 8.86 -7.34 41.05
N PHE B 275 8.43 -8.54 41.31
CA PHE B 275 8.44 -9.11 42.61
C PHE B 275 9.81 -9.69 42.99
N GLY B 276 10.69 -9.82 42.02
CA GLY B 276 11.99 -10.40 42.28
C GLY B 276 12.01 -11.91 42.28
N CYS B 277 10.95 -12.54 41.85
CA CYS B 277 10.90 -13.97 41.70
C CYS B 277 11.88 -14.43 40.62
N LEU B 278 12.19 -13.55 39.71
CA LEU B 278 13.19 -13.76 38.68
C LEU B 278 14.27 -12.68 38.76
N SER B 279 15.52 -13.12 38.78
CA SER B 279 16.61 -12.20 38.73
C SER B 279 16.68 -11.52 37.37
N CYS B 280 16.84 -10.22 37.34
CA CYS B 280 17.07 -9.55 36.11
C CYS B 280 18.43 -9.91 35.46
N ARG B 281 19.43 -10.10 36.29
CA ARG B 281 20.74 -10.49 35.84
C ARG B 281 20.75 -11.84 35.21
N LEU B 282 20.04 -12.78 35.77
CA LEU B 282 19.93 -14.07 35.19
C LEU B 282 19.24 -14.02 33.83
N PHE B 283 18.17 -13.25 33.76
CA PHE B 283 17.45 -13.09 32.53
C PHE B 283 18.40 -12.47 31.47
N TYR B 284 19.11 -11.43 31.86
CA TYR B 284 19.96 -10.69 30.99
C TYR B 284 21.03 -11.58 30.41
N TYR B 285 21.72 -12.32 31.23
CA TYR B 285 22.71 -13.29 30.79
C TYR B 285 22.22 -14.52 30.04
N ARG B 286 21.09 -15.06 30.44
CA ARG B 286 20.54 -16.18 29.70
C ARG B 286 20.16 -15.74 28.30
N LEU B 287 19.66 -14.54 28.17
CA LEU B 287 19.30 -13.97 26.90
C LEU B 287 20.54 -13.77 25.98
N TRP B 288 21.60 -13.22 26.55
CA TRP B 288 22.87 -12.99 25.86
C TRP B 288 23.48 -14.29 25.41
N ASP B 289 23.44 -15.27 26.25
CA ASP B 289 23.96 -16.57 25.94
C ASP B 289 23.20 -17.19 24.80
N LEU B 290 21.89 -17.04 24.77
CA LEU B 290 21.11 -17.51 23.64
C LEU B 290 21.45 -16.75 22.32
N TYR B 291 21.60 -15.46 22.43
CA TYR B 291 21.90 -14.64 21.32
C TYR B 291 23.22 -15.07 20.69
N LYS B 292 24.18 -15.36 21.52
CA LYS B 292 25.48 -15.84 21.10
C LYS B 292 25.34 -17.15 20.38
N LYS B 293 24.53 -18.05 20.89
CA LYS B 293 24.30 -19.30 20.21
C LYS B 293 23.66 -19.14 18.85
N VAL B 294 22.65 -18.32 18.77
CA VAL B 294 21.98 -18.04 17.53
C VAL B 294 22.77 -17.26 16.48
N LYS B 295 23.65 -16.39 16.91
CA LYS B 295 24.28 -15.45 16.05
C LYS B 295 25.79 -15.49 16.21
N ARG B 296 26.36 -16.66 16.10
CA ARG B 296 27.69 -16.76 15.61
C ARG B 296 28.59 -15.86 16.40
N ASN B 297 29.11 -14.85 15.77
CA ASN B 297 30.22 -14.17 16.31
C ASN B 297 29.84 -12.72 16.39
N SER B 298 28.81 -12.48 17.19
CA SER B 298 28.20 -11.17 17.22
C SER B 298 27.99 -10.65 18.65
N THR B 299 28.22 -9.38 18.85
CA THR B 299 27.83 -8.78 20.09
C THR B 299 26.45 -8.17 19.92
N PRO B 300 25.58 -8.37 20.90
CA PRO B 300 24.20 -7.93 20.77
C PRO B 300 24.00 -6.46 20.84
N PRO B 301 22.97 -5.94 20.24
CA PRO B 301 22.61 -4.54 20.42
C PRO B 301 21.95 -4.33 21.79
N LEU B 302 21.94 -3.12 22.29
CA LEU B 302 21.31 -2.81 23.56
C LEU B 302 19.79 -3.05 23.50
N SER B 303 19.23 -2.90 22.33
CA SER B 303 17.82 -3.10 22.10
C SER B 303 17.39 -4.51 22.43
N LEU B 304 18.32 -5.45 22.40
CA LEU B 304 18.01 -6.81 22.72
C LEU B 304 17.49 -6.86 24.19
N PHE B 305 17.98 -5.94 25.02
CA PHE B 305 17.70 -5.88 26.46
C PHE B 305 16.70 -4.79 26.80
N GLY B 306 15.97 -4.36 25.79
CA GLY B 306 15.19 -3.16 25.90
C GLY B 306 14.19 -3.18 27.04
N GLN B 307 13.55 -4.30 27.28
CA GLN B 307 12.60 -4.39 28.36
C GLN B 307 13.28 -4.15 29.71
N LEU B 308 14.44 -4.74 29.91
CA LEU B 308 15.23 -4.49 31.09
C LEU B 308 15.77 -3.06 31.22
N LEU B 309 16.22 -2.54 30.11
CA LEU B 309 16.78 -1.24 30.11
C LEU B 309 15.84 -0.08 30.37
N TRP B 310 14.66 -0.17 29.82
CA TRP B 310 13.66 0.82 30.10
C TRP B 310 13.35 0.77 31.60
N ARG B 311 13.27 -0.42 32.15
CA ARG B 311 13.05 -0.58 33.56
C ARG B 311 14.16 0.11 34.36
N GLU B 312 15.42 -0.09 33.97
CA GLU B 312 16.54 0.59 34.62
C GLU B 312 16.51 2.08 34.48
N PHE B 313 16.08 2.57 33.34
CA PHE B 313 16.01 3.99 33.12
C PHE B 313 15.09 4.65 34.14
N PHE B 314 13.92 4.09 34.31
CA PHE B 314 12.96 4.64 35.26
C PHE B 314 13.41 4.55 36.73
N TYR B 315 14.01 3.44 37.12
CA TYR B 315 14.54 3.30 38.47
C TYR B 315 15.59 4.36 38.78
N THR B 316 16.46 4.57 37.81
CA THR B 316 17.48 5.57 37.89
C THR B 316 16.87 6.97 38.03
N ALA B 317 15.87 7.27 37.23
CA ALA B 317 15.21 8.54 37.32
C ALA B 317 14.51 8.75 38.66
N ALA B 318 13.87 7.70 39.16
CA ALA B 318 13.13 7.72 40.40
C ALA B 318 13.94 7.86 41.67
N THR B 319 15.13 7.26 41.71
CA THR B 319 15.76 6.92 42.97
C THR B 319 16.00 8.15 43.86
N ASN B 320 16.37 9.27 43.28
CA ASN B 320 16.58 10.47 44.04
C ASN B 320 15.42 11.49 44.05
N ASN B 321 14.23 11.07 43.66
CA ASN B 321 13.13 11.97 43.51
C ASN B 321 11.92 11.52 44.33
N PRO B 322 11.80 12.04 45.53
CA PRO B 322 10.69 11.65 46.41
C PRO B 322 9.34 12.08 45.81
N ARG B 323 9.32 13.01 44.88
CA ARG B 323 8.09 13.49 44.28
C ARG B 323 7.82 12.90 42.88
N PHE B 324 8.44 11.77 42.60
CA PHE B 324 8.45 11.17 41.30
C PHE B 324 7.05 10.84 40.81
N ASP B 325 6.19 10.44 41.71
CA ASP B 325 4.86 10.01 41.33
C ASP B 325 3.80 11.11 41.45
N ARG B 326 4.25 12.34 41.52
CA ARG B 326 3.40 13.48 41.65
C ARG B 326 3.70 14.52 40.59
N MET B 327 2.74 15.39 40.34
CA MET B 327 2.98 16.45 39.45
C MET B 327 3.60 17.67 40.14
N GLU B 328 2.84 18.27 41.02
CA GLU B 328 3.30 19.45 41.68
C GLU B 328 4.52 19.17 42.54
N GLY B 329 5.54 19.99 42.39
CA GLY B 329 6.74 19.86 43.17
C GLY B 329 7.67 18.79 42.67
N ASN B 330 7.36 18.20 41.53
CA ASN B 330 8.23 17.23 40.90
C ASN B 330 9.05 17.94 39.86
N PRO B 331 10.35 17.99 40.05
CA PRO B 331 11.27 18.81 39.25
C PRO B 331 11.37 18.50 37.75
N ILE B 332 11.08 17.26 37.39
CA ILE B 332 11.10 16.83 36.02
C ILE B 332 9.74 16.89 35.29
N CYS B 333 8.69 17.21 36.02
CA CYS B 333 7.36 17.20 35.46
C CYS B 333 6.84 18.56 35.06
N ILE B 334 6.36 18.63 33.83
CA ILE B 334 5.64 19.78 33.35
C ILE B 334 4.36 19.92 34.14
N GLN B 335 4.04 21.13 34.55
CA GLN B 335 2.85 21.41 35.30
C GLN B 335 1.69 21.65 34.36
N ILE B 336 0.73 20.77 34.36
CA ILE B 336 -0.37 20.84 33.44
C ILE B 336 -1.64 20.86 34.24
N PRO B 337 -2.59 21.70 33.83
CA PRO B 337 -3.82 21.84 34.60
C PRO B 337 -4.83 20.81 34.17
N TRP B 338 -4.74 19.65 34.78
CA TRP B 338 -5.63 18.57 34.49
C TRP B 338 -6.99 18.88 35.10
N ASP B 339 -8.01 18.27 34.54
CA ASP B 339 -9.36 18.37 35.04
C ASP B 339 -9.46 17.54 36.27
N ARG B 340 -10.25 17.97 37.22
CA ARG B 340 -10.70 17.10 38.23
C ARG B 340 -12.03 16.52 37.77
N ASN B 341 -12.05 15.24 37.49
CA ASN B 341 -13.21 14.61 36.92
C ASN B 341 -13.44 13.24 37.48
N PRO B 342 -13.94 13.21 38.70
CA PRO B 342 -14.07 11.98 39.44
C PRO B 342 -14.98 10.99 38.77
N GLU B 343 -16.07 11.47 38.21
CA GLU B 343 -17.00 10.60 37.54
C GLU B 343 -16.37 9.95 36.32
N ALA B 344 -15.66 10.73 35.54
CA ALA B 344 -14.94 10.24 34.39
C ALA B 344 -13.82 9.24 34.74
N LEU B 345 -13.09 9.58 35.78
CA LEU B 345 -12.03 8.73 36.23
C LEU B 345 -12.59 7.40 36.63
N ALA B 346 -13.73 7.39 37.31
CA ALA B 346 -14.34 6.16 37.74
C ALA B 346 -14.81 5.28 36.60
N LYS B 347 -15.39 5.89 35.61
CA LYS B 347 -15.83 5.19 34.45
C LYS B 347 -14.65 4.53 33.71
N TRP B 348 -13.56 5.24 33.61
CA TRP B 348 -12.34 4.68 33.02
C TRP B 348 -11.81 3.51 33.81
N ALA B 349 -11.75 3.67 35.11
CA ALA B 349 -11.22 2.65 35.98
C ALA B 349 -12.02 1.36 35.92
N GLU B 350 -13.32 1.50 35.80
CA GLU B 350 -14.25 0.39 35.79
C GLU B 350 -14.59 -0.16 34.39
N GLY B 351 -13.96 0.39 33.37
CA GLY B 351 -14.28 0.02 32.03
C GLY B 351 -15.71 0.28 31.60
N LYS B 352 -16.19 1.46 31.88
CA LYS B 352 -17.52 1.88 31.48
C LYS B 352 -17.46 3.15 30.65
N THR B 353 -16.47 3.30 29.80
CA THR B 353 -16.34 4.47 28.96
C THR B 353 -17.23 4.46 27.70
N GLY B 354 -17.70 3.29 27.31
CA GLY B 354 -18.42 3.12 26.10
C GLY B 354 -17.54 2.98 24.85
N PHE B 355 -16.24 3.03 25.03
CA PHE B 355 -15.31 2.69 23.98
C PHE B 355 -14.85 1.29 24.24
N PRO B 356 -15.28 0.34 23.42
CA PRO B 356 -15.03 -1.05 23.72
C PRO B 356 -13.55 -1.43 23.83
N TRP B 357 -12.67 -0.86 23.03
CA TRP B 357 -11.26 -1.17 23.13
C TRP B 357 -10.73 -0.77 24.53
N ILE B 358 -11.01 0.44 24.95
CA ILE B 358 -10.64 0.92 26.25
C ILE B 358 -11.25 0.10 27.36
N ASP B 359 -12.52 -0.19 27.25
CA ASP B 359 -13.24 -0.99 28.23
C ASP B 359 -12.75 -2.41 28.33
N ALA B 360 -12.42 -3.02 27.21
CA ALA B 360 -11.90 -4.36 27.24
C ALA B 360 -10.53 -4.44 27.95
N ILE B 361 -9.68 -3.48 27.68
CA ILE B 361 -8.39 -3.44 28.29
C ILE B 361 -8.48 -3.29 29.82
N MET B 362 -9.29 -2.37 30.26
CA MET B 362 -9.50 -2.14 31.66
C MET B 362 -10.10 -3.40 32.32
N THR B 363 -10.95 -4.09 31.61
CA THR B 363 -11.51 -5.35 32.08
C THR B 363 -10.50 -6.45 32.23
N GLN B 364 -9.65 -6.60 31.25
CA GLN B 364 -8.58 -7.54 31.36
C GLN B 364 -7.65 -7.18 32.53
N LEU B 365 -7.37 -5.91 32.70
CA LEU B 365 -6.49 -5.50 33.75
C LEU B 365 -7.04 -5.87 35.13
N ARG B 366 -8.30 -5.56 35.35
CA ARG B 366 -8.94 -5.83 36.61
C ARG B 366 -9.02 -7.31 36.86
N GLN B 367 -9.42 -8.06 35.87
CA GLN B 367 -9.53 -9.49 36.02
C GLN B 367 -8.24 -10.28 36.24
N GLU B 368 -7.20 -9.94 35.50
CA GLU B 368 -6.00 -10.74 35.40
C GLU B 368 -4.71 -10.14 35.98
N GLY B 369 -4.61 -8.83 36.05
CA GLY B 369 -3.41 -8.18 36.52
C GLY B 369 -2.26 -7.85 35.56
N TRP B 370 -2.45 -8.10 34.27
CA TRP B 370 -1.48 -7.71 33.25
C TRP B 370 -2.24 -7.34 31.99
N ILE B 371 -1.81 -6.29 31.33
CA ILE B 371 -2.17 -5.95 29.97
C ILE B 371 -0.91 -5.62 29.15
N HIS B 372 -1.01 -5.74 27.85
CA HIS B 372 0.08 -5.50 26.95
C HIS B 372 0.51 -4.02 27.03
N HIS B 373 1.76 -3.74 26.74
CA HIS B 373 2.29 -2.38 26.78
C HIS B 373 1.53 -1.44 25.83
N LEU B 374 1.20 -1.92 24.65
CA LEU B 374 0.42 -1.12 23.71
C LEU B 374 -0.98 -0.81 24.25
N ALA B 375 -1.53 -1.79 24.94
CA ALA B 375 -2.80 -1.60 25.65
C ALA B 375 -2.70 -0.53 26.75
N ARG B 376 -1.62 -0.51 27.49
CA ARG B 376 -1.36 0.49 28.49
C ARG B 376 -1.32 1.87 27.87
N HIS B 377 -0.65 2.00 26.75
CA HIS B 377 -0.57 3.28 26.10
C HIS B 377 -1.97 3.74 25.72
N ALA B 378 -2.77 2.83 25.21
CA ALA B 378 -4.08 3.18 24.75
C ALA B 378 -4.98 3.71 25.88
N VAL B 379 -5.05 2.97 26.96
CA VAL B 379 -5.85 3.40 28.09
C VAL B 379 -5.33 4.65 28.77
N ALA B 380 -4.02 4.78 28.83
CA ALA B 380 -3.37 5.94 29.39
C ALA B 380 -3.58 7.23 28.62
N CYS B 381 -3.52 7.12 27.31
CA CYS B 381 -3.79 8.23 26.43
C CYS B 381 -5.21 8.69 26.65
N PHE B 382 -6.11 7.76 26.71
CA PHE B 382 -7.51 8.07 26.86
C PHE B 382 -7.75 8.84 28.15
N LEU B 383 -7.16 8.40 29.26
CA LEU B 383 -7.38 9.06 30.53
C LEU B 383 -6.82 10.46 30.56
N THR B 384 -5.68 10.63 29.94
CA THR B 384 -4.90 11.84 30.08
C THR B 384 -5.03 12.76 28.89
N ARG B 385 -3.97 12.96 28.15
CA ARG B 385 -3.93 13.92 27.06
C ARG B 385 -4.85 13.63 25.88
N GLY B 386 -5.16 12.38 25.62
CA GLY B 386 -6.00 12.06 24.52
C GLY B 386 -7.45 12.41 24.62
N ASP B 387 -8.08 12.03 25.72
CA ASP B 387 -9.50 12.25 25.87
C ASP B 387 -9.97 12.94 27.14
N LEU B 388 -9.91 12.24 28.25
CA LEU B 388 -10.43 12.73 29.52
C LEU B 388 -9.72 13.92 30.17
N TRP B 389 -8.48 14.14 29.83
CA TRP B 389 -7.70 15.21 30.42
C TRP B 389 -7.62 15.10 31.95
N VAL B 390 -7.65 13.90 32.47
CA VAL B 390 -7.44 13.64 33.88
C VAL B 390 -5.94 13.46 34.16
N SER B 391 -5.47 13.83 35.33
CA SER B 391 -4.05 13.70 35.65
C SER B 391 -3.55 12.26 35.59
N TRP B 392 -2.33 12.15 35.12
CA TRP B 392 -1.59 10.89 35.02
C TRP B 392 -1.46 10.28 36.42
N GLU B 393 -1.52 11.10 37.44
CA GLU B 393 -1.41 10.66 38.82
C GLU B 393 -2.50 9.66 39.16
N SER B 394 -3.71 9.95 38.71
CA SER B 394 -4.82 9.06 38.89
C SER B 394 -4.65 7.71 38.21
N GLY B 395 -4.06 7.74 37.03
CA GLY B 395 -3.74 6.55 36.28
C GLY B 395 -2.76 5.69 37.03
N VAL B 396 -1.77 6.34 37.64
CA VAL B 396 -0.74 5.67 38.38
C VAL B 396 -1.39 4.90 39.51
N ARG B 397 -2.34 5.54 40.16
CA ARG B 397 -2.97 4.97 41.32
C ARG B 397 -3.75 3.70 40.94
N VAL B 398 -4.47 3.75 39.84
CA VAL B 398 -5.22 2.61 39.41
C VAL B 398 -4.35 1.46 39.00
N PHE B 399 -3.31 1.78 38.26
CA PHE B 399 -2.36 0.79 37.85
C PHE B 399 -1.68 0.16 39.07
N ASP B 400 -1.39 0.98 40.06
CA ASP B 400 -0.75 0.51 41.28
C ASP B 400 -1.61 -0.53 41.96
N GLU B 401 -2.90 -0.27 42.03
CA GLU B 401 -3.81 -1.23 42.56
C GLU B 401 -3.92 -2.56 41.80
N LEU B 402 -3.96 -2.50 40.49
CA LEU B 402 -4.34 -3.63 39.69
C LEU B 402 -3.24 -4.35 38.88
N LEU B 403 -2.19 -3.63 38.55
CA LEU B 403 -1.22 -4.12 37.61
C LEU B 403 -0.03 -4.79 38.28
N LEU B 404 0.17 -6.05 37.98
CA LEU B 404 1.11 -6.89 38.65
C LEU B 404 2.56 -6.35 38.58
N ASP B 405 2.91 -5.72 37.48
CA ASP B 405 4.26 -5.34 37.20
C ASP B 405 4.52 -3.85 37.43
N ALA B 406 3.58 -3.23 38.09
CA ALA B 406 3.63 -1.82 38.30
C ALA B 406 4.25 -1.46 39.61
N ASP B 407 5.51 -1.14 39.64
CA ASP B 407 6.09 -0.58 40.82
C ASP B 407 6.22 0.94 40.76
N PHE B 408 6.70 1.53 41.82
CA PHE B 408 6.72 2.95 41.91
C PHE B 408 7.50 3.57 40.75
N SER B 409 8.69 3.12 40.44
CA SER B 409 9.46 3.77 39.42
C SER B 409 8.94 3.65 37.95
N VAL B 410 8.70 2.43 37.54
CA VAL B 410 8.26 2.11 36.20
C VAL B 410 6.85 2.68 35.94
N ASN B 411 5.96 2.55 36.89
CA ASN B 411 4.60 3.01 36.68
C ASN B 411 4.54 4.52 36.50
N ALA B 412 5.01 5.29 37.47
CA ALA B 412 5.00 6.72 37.37
C ALA B 412 5.78 7.21 36.18
N GLY B 413 6.92 6.59 35.93
CA GLY B 413 7.73 7.00 34.84
C GLY B 413 7.02 6.83 33.51
N SER B 414 6.40 5.70 33.31
CA SER B 414 5.68 5.44 32.09
C SER B 414 4.52 6.39 31.91
N TRP B 415 3.78 6.67 32.96
CA TRP B 415 2.66 7.57 32.89
C TRP B 415 3.09 9.01 32.51
N MET B 416 4.15 9.48 33.13
CA MET B 416 4.71 10.75 32.79
C MET B 416 5.25 10.80 31.35
N TRP B 417 5.86 9.73 30.90
CA TRP B 417 6.37 9.68 29.54
C TRP B 417 5.21 9.75 28.54
N LEU B 418 4.20 8.96 28.79
CA LEU B 418 3.11 8.88 27.87
C LEU B 418 2.35 10.19 27.75
N SER B 419 2.16 10.85 28.86
CA SER B 419 1.34 12.00 28.94
C SER B 419 2.11 13.22 28.50
N CYS B 420 3.33 13.04 28.04
CA CYS B 420 4.15 14.16 27.63
C CYS B 420 4.48 15.10 28.78
N SER B 421 4.47 14.57 29.99
CA SER B 421 4.83 15.32 31.19
C SER B 421 6.33 15.38 31.53
N ALA B 422 7.07 14.39 31.10
CA ALA B 422 8.49 14.35 31.37
C ALA B 422 9.28 13.56 30.32
N PHE B 423 10.59 13.58 30.43
CA PHE B 423 11.46 12.80 29.58
C PHE B 423 11.49 13.34 28.15
N PHE B 424 10.34 13.71 27.64
CA PHE B 424 10.19 14.49 26.42
C PHE B 424 10.75 13.88 25.14
N GLN B 425 11.59 14.61 24.44
CA GLN B 425 12.03 14.19 23.10
C GLN B 425 10.91 14.12 22.00
N GLN B 426 10.84 13.02 21.27
CA GLN B 426 9.92 12.90 20.12
C GLN B 426 8.45 12.99 20.57
N PHE B 427 7.58 13.73 19.87
CA PHE B 427 6.15 13.85 20.28
C PHE B 427 5.15 12.68 20.12
N PHE B 428 4.82 12.29 18.93
CA PHE B 428 3.80 11.27 18.77
C PHE B 428 2.39 11.57 19.29
N HIS B 429 1.42 11.41 18.40
CA HIS B 429 0.02 11.61 18.72
C HIS B 429 -0.51 10.49 19.55
N CYS B 430 -1.59 10.79 20.23
CA CYS B 430 -2.33 9.79 20.94
C CYS B 430 -3.03 8.84 20.03
N TYR B 431 -3.19 7.64 20.51
CA TYR B 431 -3.86 6.59 19.83
C TYR B 431 -5.37 6.87 19.78
N CYS B 432 -5.99 6.53 18.67
CA CYS B 432 -7.41 6.59 18.58
C CYS B 432 -8.06 5.45 19.35
N PRO B 433 -9.05 5.79 20.19
CA PRO B 433 -9.74 4.78 20.99
C PRO B 433 -10.51 3.79 20.17
N VAL B 434 -10.79 4.10 18.92
CA VAL B 434 -11.42 3.15 18.05
C VAL B 434 -10.46 2.55 17.07
N GLY B 435 -9.77 3.39 16.36
CA GLY B 435 -8.89 2.95 15.31
C GLY B 435 -7.74 2.03 15.74
N PHE B 436 -7.14 2.33 16.86
CA PHE B 436 -6.03 1.54 17.32
C PHE B 436 -6.45 0.11 17.63
N GLY B 437 -7.58 -0.04 18.27
CA GLY B 437 -8.09 -1.34 18.56
C GLY B 437 -8.41 -2.12 17.31
N ARG B 438 -9.02 -1.47 16.34
CA ARG B 438 -9.34 -2.09 15.10
C ARG B 438 -8.09 -2.54 14.39
N ARG B 439 -7.08 -1.71 14.37
CA ARG B 439 -5.79 -2.08 13.80
C ARG B 439 -5.13 -3.23 14.54
N THR B 440 -5.14 -3.16 15.84
CA THR B 440 -4.52 -4.18 16.65
C THR B 440 -5.21 -5.53 16.60
N ASP B 441 -6.53 -5.54 16.66
CA ASP B 441 -7.28 -6.78 16.51
C ASP B 441 -8.46 -6.62 15.56
N PRO B 442 -8.19 -6.80 14.28
CA PRO B 442 -9.21 -6.56 13.27
C PRO B 442 -10.39 -7.48 13.47
N SER B 443 -10.17 -8.67 13.98
CA SER B 443 -11.21 -9.65 14.17
C SER B 443 -12.25 -9.21 15.17
N GLY B 444 -11.82 -8.42 16.13
CA GLY B 444 -12.63 -8.06 17.26
C GLY B 444 -12.77 -9.12 18.34
N ASP B 445 -12.07 -10.21 18.19
CA ASP B 445 -12.17 -11.30 19.13
C ASP B 445 -11.74 -10.95 20.58
N TYR B 446 -10.80 -10.04 20.72
CA TYR B 446 -10.38 -9.52 22.02
C TYR B 446 -11.56 -8.86 22.71
N ILE B 447 -12.31 -8.02 22.01
CA ILE B 447 -13.48 -7.43 22.58
C ILE B 447 -14.53 -8.48 22.96
N ARG B 448 -14.74 -9.44 22.08
CA ARG B 448 -15.74 -10.43 22.31
C ARG B 448 -15.40 -11.18 23.59
N ARG B 449 -14.12 -11.43 23.80
CA ARG B 449 -13.66 -12.13 24.98
C ARG B 449 -13.88 -11.41 26.30
N TYR B 450 -13.49 -10.15 26.36
CA TYR B 450 -13.59 -9.40 27.58
C TYR B 450 -14.88 -8.64 27.80
N LEU B 451 -15.62 -8.34 26.75
CA LEU B 451 -16.91 -7.70 26.83
C LEU B 451 -17.91 -8.54 26.04
N PRO B 452 -18.26 -9.70 26.57
CA PRO B 452 -19.08 -10.65 25.83
C PRO B 452 -20.51 -10.16 25.54
N LYS B 453 -20.94 -9.09 26.17
CA LYS B 453 -22.19 -8.47 25.83
C LYS B 453 -22.22 -7.92 24.40
N LEU B 454 -21.05 -7.62 23.88
CA LEU B 454 -20.84 -7.12 22.54
C LEU B 454 -20.50 -8.20 21.54
N LYS B 455 -20.56 -9.44 21.93
CA LYS B 455 -20.11 -10.49 21.07
C LYS B 455 -20.88 -10.52 19.75
N GLY B 456 -22.12 -10.12 19.78
CA GLY B 456 -23.01 -10.13 18.65
C GLY B 456 -22.63 -9.22 17.52
N PHE B 457 -21.92 -8.14 17.82
CA PHE B 457 -21.55 -7.18 16.82
C PHE B 457 -20.60 -7.71 15.80
N PRO B 458 -20.80 -7.31 14.56
CA PRO B 458 -19.82 -7.59 13.53
C PRO B 458 -18.58 -6.77 13.75
N SER B 459 -17.48 -7.22 13.18
CA SER B 459 -16.18 -6.59 13.35
C SER B 459 -16.14 -5.15 12.87
N ARG B 460 -16.91 -4.86 11.84
CA ARG B 460 -16.91 -3.53 11.28
C ARG B 460 -17.48 -2.54 12.27
N TYR B 461 -18.25 -3.01 13.23
CA TYR B 461 -18.81 -2.14 14.25
C TYR B 461 -18.39 -2.38 15.72
N ILE B 462 -17.76 -3.49 15.99
CA ILE B 462 -17.49 -3.87 17.36
C ILE B 462 -16.66 -2.86 18.14
N TYR B 463 -15.83 -2.09 17.48
CA TYR B 463 -15.06 -1.02 18.10
C TYR B 463 -15.74 0.33 18.23
N GLU B 464 -16.83 0.52 17.49
CA GLU B 464 -17.61 1.71 17.48
C GLU B 464 -19.09 1.35 17.40
N PRO B 465 -19.59 0.59 18.36
CA PRO B 465 -20.92 0.00 18.26
C PRO B 465 -22.03 1.05 18.21
N TRP B 466 -21.75 2.26 18.62
CA TRP B 466 -22.70 3.35 18.57
C TRP B 466 -23.09 3.75 17.14
N ASN B 467 -22.22 3.45 16.18
CA ASN B 467 -22.40 3.80 14.79
C ASN B 467 -23.13 2.73 13.99
N ALA B 468 -23.35 1.60 14.62
CA ALA B 468 -24.04 0.54 14.02
C ALA B 468 -25.50 0.92 13.77
N PRO B 469 -26.00 0.56 12.61
CA PRO B 469 -27.41 0.79 12.33
C PRO B 469 -28.22 0.02 13.35
N GLU B 470 -29.42 0.49 13.58
CA GLU B 470 -30.26 -0.04 14.61
C GLU B 470 -30.50 -1.50 14.33
N SER B 471 -30.59 -1.89 13.08
CA SER B 471 -30.84 -3.28 12.76
C SER B 471 -29.70 -4.14 13.24
N VAL B 472 -28.49 -3.62 13.12
CA VAL B 472 -27.32 -4.31 13.58
C VAL B 472 -27.30 -4.45 15.11
N GLN B 473 -27.62 -3.40 15.83
CA GLN B 473 -27.67 -3.47 17.28
C GLN B 473 -28.67 -4.52 17.76
N LYS B 474 -29.85 -4.55 17.16
CA LYS B 474 -30.84 -5.57 17.47
C LYS B 474 -30.42 -6.97 17.16
N ALA B 475 -29.80 -7.20 16.04
CA ALA B 475 -29.32 -8.51 15.74
C ALA B 475 -28.26 -8.96 16.74
N ALA B 476 -27.49 -8.00 17.23
CA ALA B 476 -26.44 -8.21 18.21
C ALA B 476 -27.01 -8.45 19.59
N LYS B 477 -28.28 -8.14 19.75
CA LYS B 477 -28.94 -8.21 21.00
C LYS B 477 -28.28 -7.29 21.99
N CYS B 478 -27.76 -6.18 21.51
CA CYS B 478 -27.21 -5.22 22.40
C CYS B 478 -27.51 -3.85 21.91
N ILE B 479 -28.31 -3.14 22.65
CA ILE B 479 -28.71 -1.83 22.24
C ILE B 479 -27.84 -0.80 22.95
N ILE B 480 -27.17 0.00 22.19
CA ILE B 480 -26.27 0.93 22.74
C ILE B 480 -27.01 1.98 23.48
N GLY B 481 -26.55 2.21 24.69
CA GLY B 481 -27.14 3.12 25.62
C GLY B 481 -28.06 2.38 26.55
N VAL B 482 -28.35 1.14 26.23
CA VAL B 482 -29.14 0.33 27.11
C VAL B 482 -28.38 -0.85 27.68
N ASP B 483 -27.90 -1.72 26.84
CA ASP B 483 -27.13 -2.84 27.32
C ASP B 483 -25.62 -2.60 27.42
N TYR B 484 -25.14 -1.54 26.81
CA TYR B 484 -23.77 -1.11 26.93
C TYR B 484 -23.81 0.38 26.78
N PRO B 485 -22.99 1.10 27.50
CA PRO B 485 -23.09 2.54 27.45
C PRO B 485 -22.60 3.16 26.17
N ARG B 486 -23.12 4.35 25.97
CA ARG B 486 -22.71 5.23 24.94
C ARG B 486 -21.33 5.77 25.28
N PRO B 487 -20.57 6.19 24.28
CA PRO B 487 -19.25 6.72 24.53
C PRO B 487 -19.32 7.95 25.40
N ILE B 488 -18.48 8.06 26.41
CA ILE B 488 -18.53 9.18 27.32
C ILE B 488 -18.03 10.52 26.82
N VAL B 489 -17.30 10.53 25.74
CA VAL B 489 -16.85 11.75 25.12
C VAL B 489 -16.99 11.63 23.62
N ASN B 490 -16.94 12.75 22.94
CA ASN B 490 -16.82 12.73 21.51
C ASN B 490 -15.37 12.84 21.15
N HIS B 491 -14.80 11.77 20.64
CA HIS B 491 -13.37 11.72 20.50
C HIS B 491 -12.83 12.77 19.56
N ALA B 492 -13.50 12.96 18.44
CA ALA B 492 -12.95 13.83 17.45
C ALA B 492 -12.89 15.25 17.97
N GLU B 493 -13.93 15.66 18.65
CA GLU B 493 -13.92 16.98 19.24
C GLU B 493 -12.99 17.12 20.44
N THR B 494 -13.02 16.13 21.31
CA THR B 494 -12.19 16.17 22.49
C THR B 494 -10.72 16.13 22.13
N SER B 495 -10.35 15.24 21.25
CA SER B 495 -8.98 15.17 20.86
C SER B 495 -8.48 16.43 20.23
N ARG B 496 -9.28 17.07 19.40
CA ARG B 496 -8.88 18.29 18.72
C ARG B 496 -8.61 19.38 19.70
N LEU B 497 -9.48 19.50 20.66
CA LEU B 497 -9.28 20.44 21.73
C LEU B 497 -8.04 20.13 22.57
N ASN B 498 -7.85 18.88 22.93
CA ASN B 498 -6.71 18.46 23.71
C ASN B 498 -5.37 18.65 23.02
N ILE B 499 -5.34 18.35 21.75
CA ILE B 499 -4.13 18.49 20.99
C ILE B 499 -3.74 19.95 20.96
N GLU B 500 -4.70 20.82 20.79
CA GLU B 500 -4.46 22.23 20.85
C GLU B 500 -4.02 22.66 22.23
N ARG B 501 -4.67 22.12 23.23
CA ARG B 501 -4.36 22.44 24.61
C ARG B 501 -2.91 22.09 24.91
N MET B 502 -2.46 20.93 24.47
CA MET B 502 -1.07 20.53 24.57
C MET B 502 -0.14 21.40 23.78
N LYS B 503 -0.56 21.78 22.59
CA LYS B 503 0.26 22.63 21.78
C LYS B 503 0.46 23.94 22.48
N GLN B 504 -0.59 24.48 23.06
CA GLN B 504 -0.50 25.72 23.80
C GLN B 504 0.38 25.56 25.01
N ILE B 505 0.27 24.45 25.70
CA ILE B 505 1.06 24.25 26.88
C ILE B 505 2.56 24.25 26.54
N TYR B 506 2.95 23.50 25.51
CA TYR B 506 4.33 23.51 25.08
C TYR B 506 4.79 24.88 24.58
N GLN B 507 3.89 25.63 23.99
CA GLN B 507 4.21 26.94 23.50
C GLN B 507 4.56 27.89 24.62
N GLN B 508 3.91 27.69 25.74
CA GLN B 508 3.99 28.54 26.88
C GLN B 508 5.09 28.10 27.85
N LEU B 509 5.90 27.13 27.45
CA LEU B 509 7.07 26.69 28.23
C LEU B 509 8.24 27.58 27.87
N SER B 510 9.00 28.04 28.84
CA SER B 510 10.15 28.82 28.49
C SER B 510 11.13 27.97 27.70
N ARG B 511 11.63 28.47 26.59
CA ARG B 511 12.44 27.64 25.72
C ARG B 511 13.83 27.26 26.28
N TYR B 512 14.38 28.09 27.15
CA TYR B 512 15.72 27.87 27.68
C TYR B 512 15.97 28.65 28.98
N ALA C 21 17.79 9.88 -6.50
CA ALA C 21 17.96 8.87 -5.44
C ALA C 21 18.47 9.47 -4.15
N SER C 22 18.09 8.84 -3.05
CA SER C 22 18.59 9.27 -1.75
C SER C 22 19.64 8.25 -1.32
N SER C 23 20.86 8.70 -1.24
CA SER C 23 21.97 7.77 -1.07
C SER C 23 22.61 7.88 0.28
N VAL C 24 22.94 6.72 0.81
CA VAL C 24 23.81 6.64 1.96
C VAL C 24 25.12 5.97 1.56
N HIS C 25 26.22 6.64 1.75
CA HIS C 25 27.53 5.97 1.70
C HIS C 25 27.97 5.58 3.10
N TRP C 26 28.11 4.28 3.31
CA TRP C 26 28.44 3.78 4.61
C TRP C 26 29.97 3.51 4.71
N PHE C 27 30.69 4.34 5.44
CA PHE C 27 32.08 4.11 5.80
C PHE C 27 32.23 3.04 6.87
N ARG C 28 33.19 2.16 6.71
CA ARG C 28 33.60 1.24 7.73
C ARG C 28 35.13 1.23 7.75
N LYS C 29 35.69 0.63 6.75
CA LYS C 29 37.01 0.95 6.29
C LYS C 29 36.76 2.00 5.21
N GLY C 30 37.71 2.18 4.33
CA GLY C 30 37.56 3.17 3.30
C GLY C 30 37.35 4.55 3.84
N LEU C 31 38.03 4.91 4.91
CA LEU C 31 37.81 6.19 5.54
C LEU C 31 38.55 7.28 4.77
N ARG C 32 38.13 7.45 3.52
CA ARG C 32 38.68 8.46 2.64
C ARG C 32 37.67 8.91 1.57
N LEU C 33 37.82 10.14 1.14
CA LEU C 33 37.28 10.62 -0.11
C LEU C 33 37.95 10.15 -1.41
N HIS C 34 39.26 10.05 -1.41
CA HIS C 34 39.96 9.59 -2.58
C HIS C 34 39.80 8.13 -2.87
N ASP C 35 39.89 7.78 -4.13
CA ASP C 35 39.81 6.41 -4.56
C ASP C 35 38.67 5.74 -3.86
N ASN C 36 37.49 6.28 -4.06
CA ASN C 36 36.29 5.78 -3.43
C ASN C 36 35.21 5.56 -4.44
N PRO C 37 35.30 4.45 -5.13
CA PRO C 37 34.33 4.10 -6.14
C PRO C 37 32.92 3.93 -5.57
N ALA C 38 32.80 3.44 -4.36
CA ALA C 38 31.50 3.32 -3.73
C ALA C 38 30.81 4.66 -3.48
N LEU C 39 31.54 5.65 -3.05
CA LEU C 39 31.05 6.97 -2.89
C LEU C 39 30.63 7.53 -4.22
N LEU C 40 31.35 7.19 -5.30
CA LEU C 40 31.00 7.67 -6.63
C LEU C 40 29.65 7.14 -7.01
N ALA C 41 29.42 5.88 -6.73
CA ALA C 41 28.18 5.24 -6.98
C ALA C 41 27.04 5.84 -6.15
N ALA C 42 27.32 6.27 -4.94
CA ALA C 42 26.34 6.96 -4.16
C ALA C 42 25.96 8.29 -4.77
N VAL C 43 26.92 9.05 -5.21
CA VAL C 43 26.67 10.40 -5.69
C VAL C 43 25.94 10.47 -7.03
N ARG C 44 25.97 9.39 -7.78
CA ARG C 44 25.56 9.39 -9.14
C ARG C 44 24.08 9.37 -9.30
N GLY C 45 23.57 10.44 -9.87
CA GLY C 45 22.16 10.60 -10.11
C GLY C 45 21.38 10.59 -8.83
N ALA C 46 21.93 11.24 -7.82
CA ALA C 46 21.33 11.25 -6.51
C ALA C 46 20.81 12.62 -6.18
N ARG C 47 19.59 12.65 -5.68
CA ARG C 47 19.03 13.84 -5.10
C ARG C 47 19.74 14.25 -3.85
N CYS C 48 19.98 13.27 -3.00
CA CYS C 48 20.53 13.49 -1.68
C CYS C 48 21.56 12.44 -1.33
N VAL C 49 22.67 12.87 -0.77
CA VAL C 49 23.69 11.96 -0.30
C VAL C 49 24.02 12.21 1.18
N ARG C 50 24.04 11.14 1.94
CA ARG C 50 24.49 11.18 3.32
C ARG C 50 25.63 10.20 3.58
N CYS C 51 26.71 10.70 4.13
CA CYS C 51 27.82 9.85 4.52
C CYS C 51 27.77 9.50 6.03
N VAL C 52 27.77 8.20 6.30
CA VAL C 52 27.63 7.71 7.65
C VAL C 52 28.69 6.72 8.12
N TYR C 53 29.03 6.84 9.37
CA TYR C 53 29.75 5.86 10.12
C TYR C 53 28.90 5.40 11.32
N ILE C 54 28.80 4.11 11.49
CA ILE C 54 28.05 3.57 12.60
C ILE C 54 28.98 3.07 13.70
N LEU C 55 29.05 3.86 14.75
CA LEU C 55 29.93 3.62 15.86
C LEU C 55 29.24 2.95 17.06
N ASP C 56 29.76 1.81 17.50
CA ASP C 56 29.25 1.14 18.67
C ASP C 56 30.08 1.48 19.90
N PRO C 57 29.57 2.33 20.77
CA PRO C 57 30.35 2.80 21.92
C PRO C 57 30.25 1.95 23.20
N TRP C 58 29.56 0.81 23.13
CA TRP C 58 29.37 -0.08 24.26
C TRP C 58 30.53 -1.04 24.39
N PHE C 59 31.63 -0.52 24.90
CA PHE C 59 32.90 -1.20 24.84
C PHE C 59 32.90 -2.53 25.53
N ALA C 60 32.23 -2.59 26.66
CA ALA C 60 32.25 -3.76 27.49
C ALA C 60 31.62 -5.00 26.87
N ALA C 61 30.84 -4.83 25.83
CA ALA C 61 30.14 -5.93 25.19
C ALA C 61 30.96 -6.64 24.13
N SER C 62 32.10 -6.05 23.82
CA SER C 62 32.97 -6.53 22.76
C SER C 62 34.37 -6.75 23.30
N SER C 63 35.19 -7.45 22.55
CA SER C 63 36.54 -7.66 22.95
C SER C 63 37.19 -6.29 23.08
N SER C 64 38.05 -6.15 24.04
CA SER C 64 38.68 -4.89 24.33
C SER C 64 39.55 -4.37 23.19
N VAL C 65 39.47 -3.08 22.98
CA VAL C 65 40.21 -2.38 22.01
C VAL C 65 40.90 -1.24 22.71
N GLY C 66 42.17 -1.07 22.43
CA GLY C 66 42.94 -0.05 23.07
C GLY C 66 42.62 1.35 22.66
N ILE C 67 43.00 2.28 23.51
CA ILE C 67 42.76 3.66 23.27
C ILE C 67 43.41 4.18 22.00
N ASN C 68 44.55 3.64 21.64
CA ASN C 68 45.21 4.10 20.44
C ASN C 68 44.37 3.85 19.17
N ARG C 69 43.80 2.66 19.05
CA ARG C 69 42.92 2.34 17.96
C ARG C 69 41.69 3.24 17.97
N TRP C 70 41.09 3.45 19.13
CA TRP C 70 39.93 4.29 19.23
C TRP C 70 40.28 5.71 18.82
N ARG C 71 41.39 6.22 19.30
CA ARG C 71 41.79 7.55 18.94
C ARG C 71 42.09 7.71 17.43
N PHE C 72 42.72 6.72 16.86
CA PHE C 72 43.01 6.78 15.46
C PHE C 72 41.69 6.82 14.69
N LEU C 73 40.74 6.00 15.08
CA LEU C 73 39.48 6.00 14.40
C LEU C 73 38.77 7.33 14.49
N LEU C 74 38.71 7.90 15.67
CA LEU C 74 38.04 9.15 15.85
C LEU C 74 38.70 10.28 15.06
N GLN C 75 39.99 10.29 15.03
CA GLN C 75 40.71 11.24 14.24
C GLN C 75 40.41 11.08 12.76
N SER C 76 40.29 9.87 12.30
CA SER C 76 39.95 9.62 10.91
C SER C 76 38.55 10.12 10.57
N LEU C 77 37.63 9.91 11.49
CA LEU C 77 36.30 10.42 11.41
C LEU C 77 36.28 11.92 11.46
N GLU C 78 37.03 12.53 12.35
CA GLU C 78 37.10 13.97 12.43
C GLU C 78 37.57 14.48 11.10
N ASP C 79 38.58 13.82 10.52
CA ASP C 79 39.12 14.26 9.24
C ASP C 79 38.08 14.21 8.13
N LEU C 80 37.31 13.15 8.05
CA LEU C 80 36.28 13.04 7.07
C LEU C 80 35.25 14.12 7.26
N ASP C 81 34.91 14.41 8.48
CA ASP C 81 33.97 15.45 8.78
C ASP C 81 34.49 16.77 8.32
N THR C 82 35.76 17.03 8.56
CA THR C 82 36.39 18.25 8.12
C THR C 82 36.36 18.39 6.61
N SER C 83 36.59 17.32 5.91
CA SER C 83 36.52 17.32 4.47
C SER C 83 35.11 17.58 3.90
N LEU C 84 34.12 16.96 4.49
CA LEU C 84 32.76 17.16 4.10
C LEU C 84 32.30 18.61 4.36
N ARG C 85 32.80 19.21 5.39
CA ARG C 85 32.41 20.53 5.76
C ARG C 85 32.74 21.52 4.69
N LYS C 86 33.78 21.25 3.92
CA LYS C 86 34.17 22.20 2.91
C LYS C 86 33.45 21.93 1.61
N LEU C 87 32.61 20.92 1.62
CA LEU C 87 31.60 20.73 0.62
C LEU C 87 30.24 21.09 1.19
N ASN C 88 30.29 21.77 2.31
CA ASN C 88 29.13 22.18 3.07
C ASN C 88 28.23 21.09 3.61
N SER C 89 28.80 19.92 3.84
CA SER C 89 28.10 18.79 4.42
C SER C 89 28.68 18.36 5.76
N ARG C 90 28.26 17.20 6.21
CA ARG C 90 28.80 16.60 7.39
C ARG C 90 28.83 15.08 7.34
N LEU C 91 29.73 14.52 8.09
CA LEU C 91 29.68 13.11 8.37
C LEU C 91 28.53 12.90 9.32
N PHE C 92 27.78 11.84 9.15
CA PHE C 92 26.83 11.44 10.15
C PHE C 92 27.34 10.25 10.94
N VAL C 93 27.69 10.48 12.17
CA VAL C 93 28.06 9.40 13.03
C VAL C 93 26.87 8.89 13.82
N VAL C 94 26.47 7.68 13.50
CA VAL C 94 25.35 7.03 14.13
C VAL C 94 25.77 6.03 15.20
N ARG C 95 25.32 6.25 16.42
CA ARG C 95 25.66 5.39 17.53
C ARG C 95 24.86 4.13 17.51
N GLY C 96 25.51 3.01 17.56
CA GLY C 96 24.84 1.74 17.60
C GLY C 96 25.53 0.67 16.81
N GLN C 97 24.77 -0.35 16.49
CA GLN C 97 25.18 -1.45 15.65
C GLN C 97 24.40 -1.46 14.32
N PRO C 98 25.05 -1.81 13.23
CA PRO C 98 24.45 -1.59 11.92
C PRO C 98 23.15 -2.32 11.67
N ALA C 99 23.07 -3.59 11.93
CA ALA C 99 21.85 -4.31 11.74
C ALA C 99 20.72 -3.75 12.61
N ASP C 100 21.06 -3.29 13.80
CA ASP C 100 20.13 -2.66 14.69
C ASP C 100 19.60 -1.33 14.22
N VAL C 101 20.46 -0.47 13.69
CA VAL C 101 20.06 0.86 13.32
C VAL C 101 19.59 1.11 11.86
N PHE C 102 19.98 0.28 10.92
CA PHE C 102 19.70 0.52 9.49
C PHE C 102 18.22 0.54 9.08
N PRO C 103 17.41 -0.38 9.55
CA PRO C 103 16.01 -0.38 9.12
C PRO C 103 15.35 0.92 9.45
N ARG C 104 15.59 1.48 10.62
CA ARG C 104 15.12 2.80 10.95
C ARG C 104 15.71 3.92 10.11
N LEU C 105 16.99 3.83 9.81
CA LEU C 105 17.64 4.86 9.05
C LEU C 105 17.06 4.95 7.66
N PHE C 106 16.85 3.80 7.05
CA PHE C 106 16.35 3.72 5.71
C PHE C 106 14.99 4.43 5.68
N LYS C 107 14.17 4.13 6.68
CA LYS C 107 12.86 4.72 6.80
C LYS C 107 12.81 6.21 7.04
N GLU C 108 13.55 6.71 7.99
CA GLU C 108 13.46 8.11 8.32
C GLU C 108 14.25 9.05 7.48
N TRP C 109 15.10 8.50 6.63
CA TRP C 109 15.84 9.28 5.68
C TRP C 109 15.30 9.03 4.26
N GLY C 110 14.40 8.07 4.12
CA GLY C 110 13.90 7.68 2.84
C GLY C 110 14.92 7.23 1.82
N VAL C 111 15.77 6.34 2.24
CA VAL C 111 16.90 5.89 1.48
C VAL C 111 16.51 4.97 0.34
N THR C 112 17.06 5.24 -0.84
CA THR C 112 16.89 4.40 -1.99
C THR C 112 18.16 3.68 -2.42
N ARG C 113 19.29 4.26 -2.06
CA ARG C 113 20.57 3.62 -2.34
C ARG C 113 21.51 3.56 -1.17
N LEU C 114 22.07 2.41 -0.96
CA LEU C 114 23.15 2.22 0.01
C LEU C 114 24.46 1.74 -0.68
N THR C 115 25.56 2.42 -0.44
CA THR C 115 26.83 1.98 -0.98
C THR C 115 27.90 1.80 0.10
N PHE C 116 28.79 0.85 -0.11
CA PHE C 116 29.95 0.72 0.73
C PHE C 116 31.07 -0.04 0.07
N GLU C 117 32.28 0.16 0.54
CA GLU C 117 33.39 -0.64 0.10
C GLU C 117 33.27 -2.08 0.59
N TYR C 118 33.49 -3.03 -0.26
CA TYR C 118 33.37 -4.41 0.09
C TYR C 118 34.38 -4.89 1.18
N ASP C 119 33.90 -5.78 2.04
CA ASP C 119 34.70 -6.41 3.07
C ASP C 119 34.85 -7.91 2.87
N SER C 120 36.05 -8.32 2.53
CA SER C 120 36.43 -9.69 2.30
C SER C 120 36.49 -10.57 3.54
N GLU C 121 36.65 -9.96 4.67
CA GLU C 121 36.85 -10.70 5.90
C GLU C 121 35.60 -11.46 6.27
N PRO C 122 35.73 -12.67 6.73
CA PRO C 122 34.58 -13.56 6.83
C PRO C 122 33.47 -13.06 7.74
N PHE C 123 33.75 -12.48 8.89
CA PHE C 123 32.70 -11.89 9.71
C PHE C 123 32.08 -10.74 8.98
N GLY C 124 32.90 -9.95 8.34
CA GLY C 124 32.45 -8.80 7.63
C GLY C 124 31.51 -9.15 6.50
N LYS C 125 31.83 -10.21 5.81
CA LYS C 125 31.04 -10.67 4.69
C LYS C 125 29.65 -11.08 5.15
N GLU C 126 29.61 -11.80 6.24
CA GLU C 126 28.36 -12.19 6.83
C GLU C 126 27.46 -11.06 7.35
N ARG C 127 28.03 -10.07 8.03
CA ARG C 127 27.28 -8.92 8.48
C ARG C 127 26.69 -8.20 7.29
N ASP C 128 27.52 -8.04 6.28
CA ASP C 128 27.16 -7.33 5.09
C ASP C 128 26.04 -8.02 4.35
N ALA C 129 26.05 -9.32 4.37
CA ALA C 129 25.04 -10.12 3.75
C ALA C 129 23.69 -9.91 4.40
N ALA C 130 23.67 -9.87 5.71
CA ALA C 130 22.47 -9.58 6.45
C ALA C 130 21.97 -8.18 6.19
N ILE C 131 22.87 -7.22 6.09
CA ILE C 131 22.49 -5.88 5.75
C ILE C 131 21.89 -5.76 4.35
N MET C 132 22.44 -6.50 3.41
CA MET C 132 21.90 -6.45 2.06
C MET C 132 20.49 -7.01 2.03
N LYS C 133 20.28 -8.05 2.81
CA LYS C 133 18.97 -8.63 2.93
C LYS C 133 17.96 -7.64 3.51
N MET C 134 18.35 -6.86 4.50
CA MET C 134 17.51 -5.81 5.01
C MET C 134 17.25 -4.78 3.96
N ALA C 135 18.26 -4.44 3.19
CA ALA C 135 18.13 -3.41 2.20
C ALA C 135 17.12 -3.73 1.09
N LYS C 136 17.14 -4.98 0.66
CA LYS C 136 16.19 -5.46 -0.33
C LYS C 136 14.77 -5.43 0.18
N GLU C 137 14.58 -5.78 1.44
CA GLU C 137 13.27 -5.74 2.06
C GLU C 137 12.76 -4.34 2.06
N ALA C 138 13.61 -3.38 2.28
CA ALA C 138 13.18 -2.01 2.35
C ALA C 138 13.19 -1.39 0.99
N GLY C 139 13.41 -2.17 -0.06
CA GLY C 139 13.56 -1.63 -1.39
C GLY C 139 14.69 -0.66 -1.65
N VAL C 140 15.83 -0.97 -1.07
CA VAL C 140 17.02 -0.19 -1.20
C VAL C 140 18.00 -0.89 -2.11
N GLU C 141 18.47 -0.18 -3.13
CA GLU C 141 19.51 -0.66 -4.01
C GLU C 141 20.84 -0.65 -3.25
N VAL C 142 21.62 -1.69 -3.37
CA VAL C 142 22.91 -1.74 -2.71
C VAL C 142 24.02 -1.87 -3.73
N VAL C 143 25.00 -0.97 -3.67
CA VAL C 143 26.20 -1.10 -4.46
C VAL C 143 27.50 -1.25 -3.64
N THR C 144 28.26 -2.29 -3.89
CA THR C 144 29.57 -2.44 -3.26
C THR C 144 30.70 -2.38 -4.27
N GLU C 145 31.83 -1.82 -3.87
CA GLU C 145 33.05 -1.83 -4.68
C GLU C 145 34.26 -2.32 -3.87
N ASN C 146 35.13 -3.07 -4.50
CA ASN C 146 36.18 -3.72 -3.76
C ASN C 146 37.49 -2.97 -3.64
N SER C 147 37.44 -1.72 -3.33
CA SER C 147 38.61 -0.92 -3.32
C SER C 147 39.51 -1.00 -2.06
N HIS C 148 39.24 -1.93 -1.16
CA HIS C 148 40.11 -2.22 -0.04
C HIS C 148 41.42 -2.97 -0.36
N THR C 149 41.43 -3.71 -1.44
CA THR C 149 42.52 -4.57 -1.83
C THR C 149 42.87 -4.30 -3.28
N LEU C 150 44.08 -4.65 -3.69
CA LEU C 150 44.50 -4.39 -5.05
C LEU C 150 43.70 -5.13 -6.07
N TYR C 151 43.40 -6.37 -5.78
CA TYR C 151 42.85 -7.32 -6.68
C TYR C 151 41.47 -7.83 -6.23
N ASP C 152 40.79 -8.51 -7.12
CA ASP C 152 39.60 -9.23 -6.83
C ASP C 152 40.00 -10.55 -6.28
N LEU C 153 39.86 -10.72 -4.99
CA LEU C 153 40.38 -11.90 -4.32
C LEU C 153 39.73 -13.18 -4.80
N ASP C 154 38.45 -13.10 -5.10
CA ASP C 154 37.68 -14.25 -5.54
C ASP C 154 38.19 -14.74 -6.88
N ARG C 155 38.60 -13.81 -7.68
CA ARG C 155 39.21 -14.13 -8.95
C ARG C 155 40.51 -14.89 -8.79
N ILE C 156 41.33 -14.48 -7.84
CA ILE C 156 42.52 -15.19 -7.52
C ILE C 156 42.19 -16.58 -7.04
N ILE C 157 41.18 -16.69 -6.21
CA ILE C 157 40.76 -17.98 -5.72
C ILE C 157 40.25 -18.90 -6.83
N GLU C 158 39.48 -18.32 -7.70
CA GLU C 158 38.95 -19.05 -8.79
C GLU C 158 40.03 -19.57 -9.74
N LEU C 159 41.00 -18.75 -10.06
CA LEU C 159 42.12 -19.14 -10.91
C LEU C 159 42.86 -20.26 -10.23
N ASN C 160 42.71 -20.37 -8.92
CA ASN C 160 43.43 -21.37 -8.17
C ASN C 160 42.70 -22.70 -7.94
N GLY C 161 41.62 -22.93 -8.66
CA GLY C 161 40.82 -24.13 -8.40
C GLY C 161 39.86 -23.98 -7.25
N GLN C 162 39.47 -22.75 -7.01
CA GLN C 162 38.51 -22.45 -6.00
C GLN C 162 39.03 -22.67 -4.57
N LYS C 163 40.33 -22.65 -4.38
CA LYS C 163 40.95 -22.72 -3.07
C LYS C 163 42.03 -21.64 -3.00
N PRO C 164 42.22 -21.01 -1.86
CA PRO C 164 43.18 -19.93 -1.80
C PRO C 164 44.60 -20.45 -1.87
N PRO C 165 45.51 -19.68 -2.41
CA PRO C 165 46.90 -20.13 -2.44
C PRO C 165 47.40 -20.13 -1.02
N LEU C 166 48.09 -21.17 -0.62
CA LEU C 166 48.65 -21.23 0.70
C LEU C 166 50.14 -20.96 0.82
N THR C 167 50.78 -20.63 -0.27
CA THR C 167 52.14 -20.11 -0.26
C THR C 167 52.26 -18.79 -1.03
N TYR C 168 53.17 -17.95 -0.62
CA TYR C 168 53.39 -16.70 -1.27
C TYR C 168 53.85 -16.95 -2.71
N LYS C 169 54.58 -18.01 -2.95
CA LYS C 169 55.07 -18.30 -4.27
C LYS C 169 53.94 -18.60 -5.28
N ARG C 170 53.01 -19.42 -4.88
CA ARG C 170 51.83 -19.70 -5.67
C ARG C 170 50.99 -18.46 -5.88
N PHE C 171 50.89 -17.66 -4.85
CA PHE C 171 50.14 -16.45 -4.93
C PHE C 171 50.74 -15.53 -5.98
N GLN C 172 52.04 -15.39 -5.98
CA GLN C 172 52.70 -14.59 -6.97
C GLN C 172 52.47 -15.10 -8.41
N ALA C 173 52.47 -16.40 -8.55
CA ALA C 173 52.18 -17.03 -9.82
C ALA C 173 50.78 -16.67 -10.30
N LEU C 174 49.79 -16.72 -9.40
CA LEU C 174 48.44 -16.38 -9.77
C LEU C 174 48.23 -14.96 -10.19
N ILE C 175 48.72 -14.02 -9.42
CA ILE C 175 48.62 -12.66 -9.82
C ILE C 175 49.45 -12.31 -11.06
N SER C 176 50.48 -13.07 -11.31
CA SER C 176 51.34 -12.80 -12.44
C SER C 176 50.56 -12.93 -13.74
N ARG C 177 49.56 -13.78 -13.76
CA ARG C 177 48.79 -14.01 -14.94
C ARG C 177 47.48 -13.23 -15.03
N MET C 178 47.28 -12.30 -14.12
CA MET C 178 46.10 -11.47 -14.06
C MET C 178 46.41 -10.05 -14.52
N GLU C 179 45.38 -9.32 -14.80
CA GLU C 179 45.51 -7.94 -15.16
C GLU C 179 46.08 -7.16 -14.01
N LEU C 180 46.47 -5.95 -14.29
CA LEU C 180 46.94 -5.07 -13.28
C LEU C 180 45.79 -4.66 -12.36
N PRO C 181 46.09 -4.27 -11.15
CA PRO C 181 45.08 -3.78 -10.25
C PRO C 181 44.48 -2.53 -10.87
N LYS C 182 43.25 -2.22 -10.56
CA LYS C 182 42.59 -1.06 -11.09
C LYS C 182 43.29 0.19 -10.63
N LYS C 183 43.31 1.21 -11.46
CA LYS C 183 43.86 2.48 -11.07
C LYS C 183 42.94 3.10 -10.04
N PRO C 184 43.41 4.03 -9.25
CA PRO C 184 42.56 4.67 -8.27
C PRO C 184 41.47 5.45 -8.97
N ALA C 185 40.27 5.40 -8.44
CA ALA C 185 39.12 5.99 -9.06
C ALA C 185 39.25 7.48 -9.09
N VAL C 186 38.52 8.11 -9.99
CA VAL C 186 38.55 9.55 -10.13
C VAL C 186 38.00 10.19 -8.90
N ALA C 187 38.45 11.38 -8.60
CA ALA C 187 38.02 12.04 -7.41
C ALA C 187 36.52 12.32 -7.51
N VAL C 188 35.80 12.28 -6.40
CA VAL C 188 34.40 12.59 -6.46
C VAL C 188 34.25 14.08 -6.70
N SER C 189 33.28 14.46 -7.49
CA SER C 189 33.12 15.87 -7.79
C SER C 189 32.70 16.70 -6.59
N SER C 190 33.45 17.72 -6.32
CA SER C 190 33.13 18.62 -5.27
C SER C 190 31.80 19.30 -5.57
N GLN C 191 31.56 19.58 -6.82
CA GLN C 191 30.36 20.24 -7.20
C GLN C 191 29.17 19.42 -6.86
N GLN C 192 29.20 18.18 -7.32
CA GLN C 192 28.11 17.25 -7.11
C GLN C 192 27.84 16.96 -5.65
N MET C 193 28.88 16.82 -4.85
CA MET C 193 28.68 16.62 -3.44
C MET C 193 28.01 17.77 -2.75
N GLU C 194 28.50 18.98 -2.98
CA GLU C 194 27.89 20.14 -2.38
C GLU C 194 26.46 20.25 -2.87
N SER C 195 26.26 19.92 -4.13
CA SER C 195 24.96 20.05 -4.72
C SER C 195 23.94 19.12 -4.09
N CYS C 196 24.33 17.88 -3.83
CA CYS C 196 23.37 16.91 -3.36
C CYS C 196 23.49 16.63 -1.86
N ARG C 197 23.91 17.65 -1.14
CA ARG C 197 24.08 17.60 0.29
C ARG C 197 22.78 17.48 1.02
N ALA C 198 22.84 16.92 2.22
CA ALA C 198 21.70 16.89 3.12
C ALA C 198 21.59 18.16 3.91
N GLU C 199 20.39 18.48 4.36
CA GLU C 199 20.22 19.63 5.19
C GLU C 199 20.79 19.29 6.51
N ILE C 200 21.62 20.17 7.04
CA ILE C 200 22.22 19.90 8.31
C ILE C 200 21.52 20.72 9.36
N GLN C 201 20.93 20.04 10.32
CA GLN C 201 20.29 20.64 11.47
C GLN C 201 21.28 21.28 12.46
N GLU C 202 20.80 22.18 13.30
CA GLU C 202 21.69 23.02 14.09
C GLU C 202 22.13 22.35 15.40
N ASN C 203 21.60 21.16 15.63
CA ASN C 203 21.95 20.27 16.72
C ASN C 203 22.64 19.01 16.18
N HIS C 204 23.25 19.11 15.01
CA HIS C 204 23.73 17.92 14.31
C HIS C 204 24.69 17.20 15.22
N ASP C 205 25.48 17.97 15.92
CA ASP C 205 26.55 17.47 16.75
C ASP C 205 26.04 16.60 17.85
N ASP C 206 24.85 16.92 18.32
CA ASP C 206 24.26 16.19 19.38
C ASP C 206 23.93 14.75 19.08
N THR C 207 23.40 14.47 17.91
CA THR C 207 23.08 13.10 17.57
C THR C 207 24.08 12.46 16.66
N TYR C 208 24.70 13.28 15.85
CA TYR C 208 25.55 12.84 14.74
C TYR C 208 27.01 13.25 14.76
N GLY C 209 27.44 13.94 15.78
CA GLY C 209 28.80 14.42 15.84
C GLY C 209 29.83 13.34 16.07
N VAL C 210 31.07 13.63 15.73
CA VAL C 210 32.12 12.72 16.03
C VAL C 210 32.43 12.89 17.50
N PRO C 211 32.29 11.83 18.27
CA PRO C 211 32.55 11.93 19.68
C PRO C 211 34.01 12.06 20.00
N SER C 212 34.33 12.70 21.09
CA SER C 212 35.65 12.72 21.66
C SER C 212 35.94 11.55 22.55
N LEU C 213 37.20 11.37 22.87
CA LEU C 213 37.62 10.30 23.74
C LEU C 213 37.01 10.48 25.13
N GLU C 214 36.99 11.72 25.58
CA GLU C 214 36.50 12.00 26.92
C GLU C 214 35.03 11.65 26.99
N GLU C 215 34.29 12.02 25.98
CA GLU C 215 32.87 11.76 25.90
C GLU C 215 32.54 10.27 25.90
N LEU C 216 33.37 9.45 25.29
CA LEU C 216 33.15 8.03 25.26
C LEU C 216 33.60 7.37 26.50
N GLY C 217 34.25 8.11 27.37
CA GLY C 217 34.70 7.58 28.63
C GLY C 217 36.16 7.22 28.89
N PHE C 218 37.04 7.52 27.95
CA PHE C 218 38.45 7.29 28.12
C PHE C 218 39.08 8.33 29.02
N PRO C 219 40.05 7.93 29.80
CA PRO C 219 40.80 8.90 30.60
C PRO C 219 41.78 9.59 29.71
N THR C 220 41.71 10.89 29.61
CA THR C 220 42.61 11.63 28.75
C THR C 220 43.60 12.55 29.46
N GLU C 221 43.66 12.50 30.77
CA GLU C 221 44.53 13.41 31.47
C GLU C 221 45.98 13.02 31.26
N GLY C 222 46.75 13.96 30.76
CA GLY C 222 48.13 13.72 30.44
C GLY C 222 48.39 13.03 29.10
N LEU C 223 47.37 12.93 28.27
CA LEU C 223 47.50 12.27 27.01
C LEU C 223 48.01 13.26 26.03
N GLY C 224 49.18 12.99 25.52
CA GLY C 224 49.84 13.80 24.54
C GLY C 224 49.38 13.57 23.12
N PRO C 225 49.95 14.27 22.17
CA PRO C 225 49.50 14.13 20.80
C PRO C 225 49.79 12.70 20.30
N ALA C 226 48.95 12.20 19.42
CA ALA C 226 49.09 10.83 18.97
C ALA C 226 50.36 10.69 18.16
N VAL C 227 51.10 9.62 18.33
CA VAL C 227 52.23 9.30 17.48
C VAL C 227 51.81 9.07 16.02
N TRP C 228 50.69 8.38 15.84
CA TRP C 228 50.12 8.12 14.55
C TRP C 228 48.82 8.88 14.45
N GLN C 229 48.86 10.06 13.88
CA GLN C 229 47.66 10.84 13.71
C GLN C 229 46.74 10.20 12.70
N GLY C 230 45.48 10.06 13.04
CA GLY C 230 44.54 9.48 12.13
C GLY C 230 44.11 10.33 10.95
N GLY C 231 43.61 9.69 9.92
CA GLY C 231 43.01 10.39 8.82
C GLY C 231 43.66 10.46 7.47
N GLU C 232 42.82 10.70 6.48
CA GLU C 232 43.18 10.74 5.10
C GLU C 232 44.16 11.84 4.80
N THR C 233 43.93 12.97 5.41
CA THR C 233 44.75 14.11 5.14
C THR C 233 46.18 13.77 5.56
N GLU C 234 46.30 13.19 6.74
CA GLU C 234 47.58 12.78 7.22
C GLU C 234 48.18 11.72 6.32
N ALA C 235 47.36 10.81 5.87
CA ALA C 235 47.80 9.73 5.06
C ALA C 235 48.35 10.17 3.71
N LEU C 236 47.67 11.10 3.09
CA LEU C 236 48.11 11.68 1.85
C LEU C 236 49.41 12.42 2.03
N ALA C 237 49.56 13.12 3.13
CA ALA C 237 50.78 13.82 3.42
C ALA C 237 51.93 12.85 3.60
N ARG C 238 51.65 11.75 4.27
CA ARG C 238 52.65 10.74 4.47
C ARG C 238 53.11 10.11 3.17
N LEU C 239 52.18 9.83 2.29
CA LEU C 239 52.49 9.19 1.03
C LEU C 239 53.41 10.07 0.20
N ASP C 240 53.15 11.36 0.18
CA ASP C 240 53.98 12.27 -0.55
C ASP C 240 55.36 12.24 0.01
N LYS C 241 55.49 12.25 1.32
CA LYS C 241 56.76 12.15 1.98
C LYS C 241 57.50 10.84 1.75
N HIS C 242 56.74 9.77 1.71
CA HIS C 242 57.24 8.43 1.56
C HIS C 242 57.97 8.29 0.23
N LEU C 243 57.51 9.05 -0.74
CA LEU C 243 57.99 9.08 -2.10
C LEU C 243 58.98 10.21 -2.41
N GLU C 244 59.41 10.94 -1.40
CA GLU C 244 60.48 11.90 -1.53
C GLU C 244 61.82 11.17 -1.49
N ARG C 245 62.90 11.84 -1.85
CA ARG C 245 64.13 11.12 -2.12
C ARG C 245 64.69 10.37 -0.94
N LYS C 246 64.66 10.98 0.22
CA LYS C 246 65.24 10.35 1.39
C LYS C 246 64.58 9.05 1.79
N ALA C 247 63.27 9.05 1.87
CA ALA C 247 62.53 7.85 2.12
C ALA C 247 62.62 6.85 0.99
N TRP C 248 62.58 7.32 -0.24
CA TRP C 248 62.66 6.39 -1.35
C TRP C 248 63.98 5.61 -1.32
N VAL C 249 65.08 6.31 -1.21
CA VAL C 249 66.36 5.63 -1.26
C VAL C 249 66.52 4.66 -0.13
N ALA C 250 66.20 5.12 1.08
CA ALA C 250 66.27 4.31 2.26
C ALA C 250 65.31 3.15 2.30
N ASN C 251 64.08 3.36 1.88
CA ASN C 251 63.10 2.29 1.78
C ASN C 251 63.21 1.28 0.66
N TYR C 252 63.45 1.78 -0.53
CA TYR C 252 63.43 0.96 -1.70
C TYR C 252 64.78 0.76 -2.41
N GLU C 253 65.62 1.78 -2.47
CA GLU C 253 66.92 1.59 -3.10
C GLU C 253 67.95 0.82 -2.31
N ARG C 254 68.27 1.27 -1.11
CA ARG C 254 69.16 0.50 -0.25
C ARG C 254 68.63 0.27 1.16
N PRO C 255 67.69 -0.63 1.27
CA PRO C 255 67.07 -0.91 2.56
C PRO C 255 67.95 -1.72 3.44
N ARG C 256 68.15 -1.27 4.66
CA ARG C 256 68.80 -2.09 5.68
C ARG C 256 68.29 -1.79 7.06
N MET C 257 68.17 -2.81 7.87
CA MET C 257 67.72 -2.63 9.22
C MET C 257 68.70 -1.85 10.05
N ASN C 258 68.18 -0.99 10.90
CA ASN C 258 68.97 -0.36 11.91
C ASN C 258 68.12 0.04 13.11
N ALA C 259 68.78 0.45 14.16
CA ALA C 259 68.10 0.69 15.41
C ALA C 259 67.03 1.78 15.28
N ASN C 260 67.31 2.78 14.46
CA ASN C 260 66.43 3.91 14.24
C ASN C 260 65.14 3.44 13.65
N SER C 261 65.20 2.33 12.95
CA SER C 261 64.06 1.76 12.27
C SER C 261 62.94 1.37 13.23
N LEU C 262 63.29 1.13 14.48
CA LEU C 262 62.35 0.69 15.50
C LEU C 262 61.32 1.74 15.81
N LEU C 263 61.75 2.98 15.67
CA LEU C 263 60.93 4.13 15.95
C LEU C 263 59.86 4.35 14.90
N ALA C 264 58.74 4.92 15.30
CA ALA C 264 57.71 5.24 14.38
C ALA C 264 58.19 6.23 13.33
N SER C 265 57.92 5.89 12.10
CA SER C 265 58.28 6.68 10.95
C SER C 265 57.24 7.68 10.48
N PRO C 266 57.68 8.88 10.14
CA PRO C 266 56.81 9.89 9.55
C PRO C 266 56.41 9.55 8.13
N THR C 267 56.98 8.53 7.56
CA THR C 267 56.59 8.02 6.25
C THR C 267 55.92 6.64 6.30
N GLY C 268 55.71 6.12 7.49
CA GLY C 268 55.01 4.89 7.65
C GLY C 268 53.55 4.98 7.20
N LEU C 269 53.08 4.01 6.45
CA LEU C 269 51.72 3.99 5.93
C LEU C 269 50.74 2.95 6.47
N SER C 270 51.23 1.98 7.21
CA SER C 270 50.46 0.79 7.47
C SER C 270 49.13 0.98 8.25
N PRO C 271 49.11 1.86 9.23
CA PRO C 271 47.83 2.13 9.90
C PRO C 271 46.87 2.73 8.92
N TYR C 272 47.36 3.60 8.06
CA TYR C 272 46.54 4.26 7.06
C TYR C 272 45.93 3.28 6.06
N LEU C 273 46.70 2.33 5.66
CA LEU C 273 46.23 1.29 4.80
C LEU C 273 45.16 0.42 5.48
N ARG C 274 45.36 0.09 6.73
CA ARG C 274 44.43 -0.74 7.46
C ARG C 274 43.04 -0.13 7.64
N PHE C 275 43.00 1.13 8.02
CA PHE C 275 41.78 1.91 8.16
C PHE C 275 41.13 2.39 6.86
N GLY C 276 41.87 2.34 5.75
CA GLY C 276 41.45 2.94 4.51
C GLY C 276 41.60 4.44 4.37
N CYS C 277 42.35 5.06 5.22
CA CYS C 277 42.67 6.47 5.07
C CYS C 277 43.52 6.66 3.78
N LEU C 278 44.16 5.61 3.35
CA LEU C 278 44.97 5.61 2.16
C LEU C 278 44.56 4.47 1.28
N SER C 279 44.31 4.78 0.02
CA SER C 279 44.06 3.79 -0.97
C SER C 279 45.30 2.95 -1.21
N CYS C 280 45.13 1.64 -1.24
CA CYS C 280 46.20 0.80 -1.62
C CYS C 280 46.56 0.94 -3.12
N ARG C 281 45.54 1.12 -3.92
CA ARG C 281 45.71 1.35 -5.30
C ARG C 281 46.42 2.64 -5.56
N LEU C 282 46.13 3.68 -4.83
CA LEU C 282 46.82 4.91 -5.00
C LEU C 282 48.28 4.75 -4.66
N PHE C 283 48.54 4.07 -3.56
CA PHE C 283 49.89 3.81 -3.14
C PHE C 283 50.66 3.02 -4.19
N TYR C 284 50.08 1.96 -4.70
CA TYR C 284 50.70 1.06 -5.63
C TYR C 284 51.11 1.79 -6.90
N TYR C 285 50.21 2.59 -7.45
CA TYR C 285 50.48 3.41 -8.63
C TYR C 285 51.44 4.56 -8.48
N ARG C 286 51.39 5.25 -7.37
CA ARG C 286 52.36 6.27 -7.10
C ARG C 286 53.75 5.69 -6.99
N LEU C 287 53.84 4.51 -6.41
CA LEU C 287 55.08 3.79 -6.31
C LEU C 287 55.62 3.37 -7.67
N TRP C 288 54.76 2.85 -8.52
CA TRP C 288 55.13 2.41 -9.85
C TRP C 288 55.62 3.62 -10.61
N ASP C 289 54.92 4.72 -10.50
CA ASP C 289 55.27 5.94 -11.16
C ASP C 289 56.60 6.53 -10.75
N LEU C 290 56.94 6.45 -9.48
CA LEU C 290 58.28 6.80 -9.05
C LEU C 290 59.35 5.88 -9.63
N TYR C 291 59.08 4.60 -9.66
CA TYR C 291 60.03 3.62 -10.11
C TYR C 291 60.37 3.92 -11.56
N LYS C 292 59.37 4.22 -12.33
CA LYS C 292 59.55 4.53 -13.70
C LYS C 292 60.38 5.76 -13.88
N LYS C 293 60.13 6.81 -13.14
CA LYS C 293 60.99 7.96 -13.22
C LYS C 293 62.39 7.70 -12.76
N VAL C 294 62.56 7.02 -11.67
CA VAL C 294 63.87 6.62 -11.21
C VAL C 294 64.65 5.63 -12.09
N LYS C 295 64.00 4.63 -12.64
CA LYS C 295 64.70 3.54 -13.31
C LYS C 295 64.60 3.54 -14.81
N ARG C 296 64.25 4.64 -15.41
CA ARG C 296 64.17 4.68 -16.84
C ARG C 296 63.23 3.63 -17.39
N ASN C 297 63.69 2.86 -18.36
CA ASN C 297 62.86 1.98 -19.15
C ASN C 297 62.71 0.56 -18.60
N SER C 298 62.27 0.44 -17.35
CA SER C 298 62.11 -0.88 -16.80
C SER C 298 60.76 -1.12 -16.15
N THR C 299 60.37 -2.37 -16.12
CA THR C 299 59.18 -2.74 -15.42
C THR C 299 59.57 -3.25 -14.03
N PRO C 300 58.86 -2.79 -12.99
CA PRO C 300 59.23 -3.12 -11.62
C PRO C 300 59.05 -4.56 -11.29
N PRO C 301 59.85 -5.08 -10.40
CA PRO C 301 59.60 -6.39 -9.83
C PRO C 301 58.43 -6.38 -8.82
N LEU C 302 57.85 -7.53 -8.60
CA LEU C 302 56.75 -7.66 -7.69
C LEU C 302 57.17 -7.27 -6.25
N SER C 303 58.42 -7.50 -5.93
CA SER C 303 58.98 -7.23 -4.63
C SER C 303 58.86 -5.74 -4.34
N LEU C 304 58.77 -4.92 -5.36
CA LEU C 304 58.62 -3.51 -5.10
C LEU C 304 57.34 -3.26 -4.27
N PHE C 305 56.35 -4.09 -4.51
CA PHE C 305 55.01 -4.00 -3.93
C PHE C 305 54.81 -4.93 -2.72
N GLY C 306 55.91 -5.39 -2.18
CA GLY C 306 55.90 -6.51 -1.30
C GLY C 306 54.99 -6.28 -0.10
N GLN C 307 54.97 -5.09 0.45
CA GLN C 307 54.15 -4.80 1.59
C GLN C 307 52.68 -4.91 1.28
N LEU C 308 52.29 -4.41 0.13
CA LEU C 308 50.97 -4.54 -0.38
C LEU C 308 50.55 -5.96 -0.72
N LEU C 309 51.44 -6.68 -1.35
CA LEU C 309 51.20 -8.04 -1.74
C LEU C 309 51.07 -9.04 -0.62
N TRP C 310 51.87 -8.89 0.41
CA TRP C 310 51.75 -9.76 1.56
C TRP C 310 50.37 -9.56 2.21
N ARG C 311 49.96 -8.32 2.27
CA ARG C 311 48.66 -7.96 2.77
C ARG C 311 47.58 -8.63 1.91
N GLU C 312 47.69 -8.54 0.59
CA GLU C 312 46.75 -9.23 -0.29
C GLU C 312 46.76 -10.72 -0.12
N PHE C 313 47.93 -11.31 0.10
CA PHE C 313 48.03 -12.74 0.27
C PHE C 313 47.19 -13.21 1.46
N PHE C 314 47.32 -12.53 2.57
CA PHE C 314 46.61 -12.90 3.76
C PHE C 314 45.10 -12.72 3.61
N TYR C 315 44.71 -11.63 3.00
CA TYR C 315 43.32 -11.36 2.78
C TYR C 315 42.73 -12.45 1.93
N THR C 316 43.46 -12.87 0.94
CA THR C 316 42.99 -13.95 0.09
C THR C 316 42.83 -15.23 0.85
N ALA C 317 43.78 -15.57 1.68
CA ALA C 317 43.69 -16.76 2.47
C ALA C 317 42.52 -16.76 3.46
N ALA C 318 42.29 -15.62 4.08
CA ALA C 318 41.27 -15.44 5.07
C ALA C 318 39.84 -15.51 4.58
N THR C 319 39.61 -14.96 3.40
CA THR C 319 38.31 -14.49 3.01
C THR C 319 37.25 -15.58 3.05
N ASN C 320 37.63 -16.80 2.77
CA ASN C 320 36.74 -17.94 2.84
C ASN C 320 36.89 -18.86 4.04
N ASN C 321 37.58 -18.41 5.06
CA ASN C 321 37.88 -19.21 6.20
C ASN C 321 37.40 -18.57 7.49
N PRO C 322 36.20 -18.93 7.91
CA PRO C 322 35.64 -18.37 9.13
C PRO C 322 36.48 -18.71 10.35
N ARG C 323 37.25 -19.78 10.32
CA ARG C 323 38.06 -20.18 11.44
C ARG C 323 39.52 -19.69 11.35
N PHE C 324 39.77 -18.68 10.53
CA PHE C 324 41.13 -18.29 10.16
C PHE C 324 41.94 -17.91 11.38
N ASP C 325 41.30 -17.32 12.36
CA ASP C 325 41.97 -16.83 13.55
C ASP C 325 41.97 -17.82 14.75
N ARG C 326 41.67 -19.07 14.46
CA ARG C 326 41.63 -20.10 15.47
C ARG C 326 42.44 -21.32 15.10
N MET C 327 42.82 -22.12 16.07
CA MET C 327 43.53 -23.32 15.75
C MET C 327 42.63 -24.52 15.43
N GLU C 328 41.81 -24.94 16.37
CA GLU C 328 40.90 -26.04 16.14
C GLU C 328 39.89 -25.69 15.07
N GLY C 329 39.66 -26.57 14.13
CA GLY C 329 38.67 -26.35 13.13
C GLY C 329 39.10 -25.44 12.00
N ASN C 330 40.38 -25.05 12.03
CA ASN C 330 40.95 -24.27 10.96
C ASN C 330 41.72 -25.18 10.07
N PRO C 331 41.26 -25.33 8.84
CA PRO C 331 41.78 -26.33 7.93
C PRO C 331 43.24 -26.14 7.51
N ILE C 332 43.76 -24.92 7.58
CA ILE C 332 45.12 -24.67 7.20
C ILE C 332 46.10 -24.72 8.36
N CYS C 333 45.60 -24.96 9.55
CA CYS C 333 46.37 -24.87 10.73
C CYS C 333 46.72 -26.19 11.39
N ILE C 334 47.99 -26.37 11.65
CA ILE C 334 48.52 -27.49 12.38
C ILE C 334 48.06 -27.46 13.82
N GLN C 335 47.69 -28.60 14.36
CA GLN C 335 47.23 -28.65 15.74
C GLN C 335 48.35 -28.92 16.73
N ILE C 336 48.62 -27.95 17.57
CA ILE C 336 49.68 -28.01 18.51
C ILE C 336 49.17 -27.87 19.94
N PRO C 337 49.70 -28.65 20.86
CA PRO C 337 49.26 -28.59 22.24
C PRO C 337 49.94 -27.48 23.00
N TRP C 338 49.50 -26.28 22.78
CA TRP C 338 50.09 -25.15 23.44
C TRP C 338 49.74 -25.21 24.88
N ASP C 339 50.56 -24.63 25.73
CA ASP C 339 50.25 -24.52 27.12
C ASP C 339 49.15 -23.53 27.35
N ARG C 340 48.32 -23.78 28.34
CA ARG C 340 47.45 -22.76 28.85
C ARG C 340 48.19 -22.11 30.01
N ASN C 341 48.65 -20.89 29.83
CA ASN C 341 49.46 -20.23 30.82
C ASN C 341 49.11 -18.76 30.96
N PRO C 342 48.03 -18.49 31.63
CA PRO C 342 47.49 -17.13 31.69
C PRO C 342 48.43 -16.16 32.33
N GLU C 343 49.10 -16.62 33.35
CA GLU C 343 50.04 -15.79 34.03
C GLU C 343 51.22 -15.39 33.14
N ALA C 344 51.78 -16.32 32.43
CA ALA C 344 52.82 -16.00 31.48
C ALA C 344 52.35 -15.08 30.37
N LEU C 345 51.18 -15.36 29.83
CA LEU C 345 50.60 -14.54 28.78
C LEU C 345 50.39 -13.12 29.29
N ALA C 346 49.94 -12.99 30.52
CA ALA C 346 49.73 -11.69 31.08
C ALA C 346 51.01 -10.87 31.21
N LYS C 347 52.07 -11.54 31.63
CA LYS C 347 53.38 -10.91 31.72
C LYS C 347 53.90 -10.50 30.35
N TRP C 348 53.74 -11.37 29.38
CA TRP C 348 54.11 -11.05 28.01
C TRP C 348 53.33 -9.87 27.48
N ALA C 349 52.04 -9.86 27.69
CA ALA C 349 51.22 -8.77 27.25
C ALA C 349 51.60 -7.42 27.89
N GLU C 350 51.95 -7.45 29.16
CA GLU C 350 52.21 -6.25 29.92
C GLU C 350 53.67 -5.81 29.94
N GLY C 351 54.51 -6.51 29.23
CA GLY C 351 55.92 -6.24 29.27
C GLY C 351 56.59 -6.46 30.61
N LYS C 352 56.32 -7.60 31.18
CA LYS C 352 56.87 -8.02 32.46
C LYS C 352 57.55 -9.39 32.41
N THR C 353 58.11 -9.72 31.27
CA THR C 353 58.82 -10.95 31.07
C THR C 353 60.16 -10.98 31.79
N GLY C 354 60.71 -9.83 32.05
CA GLY C 354 62.09 -9.73 32.49
C GLY C 354 63.13 -9.71 31.38
N PHE C 355 62.70 -9.92 30.15
CA PHE C 355 63.59 -9.77 29.05
C PHE C 355 63.39 -8.39 28.49
N PRO C 356 64.36 -7.53 28.66
CA PRO C 356 64.18 -6.13 28.34
C PRO C 356 63.85 -5.89 26.86
N TRP C 357 64.40 -6.65 25.94
CA TRP C 357 64.07 -6.48 24.54
C TRP C 357 62.56 -6.74 24.30
N ILE C 358 62.04 -7.84 24.81
CA ILE C 358 60.65 -8.16 24.69
C ILE C 358 59.81 -7.12 25.39
N ASP C 359 60.19 -6.77 26.58
CA ASP C 359 59.46 -5.83 27.38
C ASP C 359 59.43 -4.48 26.75
N ALA C 360 60.53 -4.08 26.15
CA ALA C 360 60.57 -2.81 25.49
C ALA C 360 59.60 -2.78 24.32
N ILE C 361 59.58 -3.84 23.54
CA ILE C 361 58.73 -3.89 22.37
C ILE C 361 57.25 -3.85 22.77
N MET C 362 56.89 -4.63 23.77
CA MET C 362 55.54 -4.67 24.26
C MET C 362 55.11 -3.31 24.82
N THR C 363 56.02 -2.61 25.45
CA THR C 363 55.77 -1.28 25.91
C THR C 363 55.54 -0.28 24.81
N GLN C 364 56.37 -0.28 23.80
CA GLN C 364 56.21 0.59 22.68
C GLN C 364 54.85 0.33 22.01
N LEU C 365 54.50 -0.93 21.91
CA LEU C 365 53.28 -1.31 21.30
C LEU C 365 52.07 -0.75 22.03
N ARG C 366 52.01 -0.97 23.33
CA ARG C 366 50.94 -0.45 24.12
C ARG C 366 50.91 1.06 24.10
N GLN C 367 52.04 1.72 24.20
CA GLN C 367 52.05 3.17 24.21
C GLN C 367 51.63 3.83 22.92
N GLU C 368 52.09 3.28 21.80
CA GLU C 368 52.02 3.96 20.53
C GLU C 368 51.13 3.35 19.45
N GLY C 369 50.95 2.05 19.51
CA GLY C 369 50.17 1.31 18.55
C GLY C 369 50.84 0.77 17.30
N TRP C 370 52.15 0.93 17.22
CA TRP C 370 52.96 0.37 16.16
C TRP C 370 54.32 -0.08 16.66
N ILE C 371 54.73 -1.23 16.17
CA ILE C 371 56.05 -1.77 16.31
C ILE C 371 56.56 -2.33 14.97
N HIS C 372 57.87 -2.34 14.80
CA HIS C 372 58.51 -2.83 13.60
C HIS C 372 58.21 -4.30 13.34
N HIS C 373 58.18 -4.69 12.09
CA HIS C 373 57.83 -6.06 11.74
C HIS C 373 58.79 -7.05 12.38
N LEU C 374 60.06 -6.71 12.42
CA LEU C 374 61.04 -7.55 13.11
C LEU C 374 60.80 -7.64 14.60
N ALA C 375 60.40 -6.55 15.22
CA ALA C 375 59.99 -6.53 16.60
C ALA C 375 58.75 -7.42 16.85
N ARG C 376 57.87 -7.46 15.88
CA ARG C 376 56.75 -8.36 15.93
C ARG C 376 57.17 -9.82 15.95
N HIS C 377 58.11 -10.17 15.12
CA HIS C 377 58.62 -11.51 15.09
C HIS C 377 59.24 -11.86 16.44
N ALA C 378 59.95 -10.92 17.05
CA ALA C 378 60.60 -11.21 18.29
C ALA C 378 59.62 -11.51 19.42
N VAL C 379 58.64 -10.66 19.59
CA VAL C 379 57.67 -10.85 20.65
C VAL C 379 56.83 -12.09 20.41
N ALA C 380 56.47 -12.32 19.18
CA ALA C 380 55.71 -13.47 18.77
C ALA C 380 56.44 -14.78 18.95
N CYS C 381 57.72 -14.82 18.61
CA CYS C 381 58.50 -16.00 18.86
C CYS C 381 58.51 -16.30 20.32
N PHE C 382 58.69 -15.26 21.13
CA PHE C 382 58.80 -15.44 22.56
C PHE C 382 57.54 -16.02 23.18
N LEU C 383 56.41 -15.51 22.75
CA LEU C 383 55.14 -16.04 23.19
C LEU C 383 54.88 -17.45 22.76
N THR C 384 55.25 -17.78 21.54
CA THR C 384 54.85 -19.06 21.01
C THR C 384 55.93 -20.11 21.05
N ARG C 385 56.40 -20.52 19.89
CA ARG C 385 57.36 -21.60 19.74
C ARG C 385 58.75 -21.32 20.27
N GLY C 386 59.11 -20.05 20.45
CA GLY C 386 60.37 -19.74 21.04
C GLY C 386 60.55 -20.01 22.52
N ASP C 387 59.68 -19.47 23.35
CA ASP C 387 59.81 -19.62 24.77
C ASP C 387 58.58 -20.10 25.55
N LEU C 388 57.57 -19.25 25.68
CA LEU C 388 56.39 -19.53 26.51
C LEU C 388 55.49 -20.68 26.06
N TRP C 389 55.52 -21.04 24.80
CA TRP C 389 54.68 -22.10 24.28
C TRP C 389 53.16 -21.84 24.45
N VAL C 390 52.76 -20.58 24.45
CA VAL C 390 51.39 -20.17 24.51
C VAL C 390 50.89 -20.04 23.09
N SER C 391 49.59 -20.30 22.88
CA SER C 391 49.03 -20.27 21.54
C SER C 391 49.13 -18.91 20.85
N TRP C 392 49.29 -18.97 19.54
CA TRP C 392 49.29 -17.80 18.65
C TRP C 392 47.96 -17.06 18.74
N GLU C 393 46.91 -17.75 19.11
CA GLU C 393 45.61 -17.15 19.20
C GLU C 393 45.63 -16.02 20.21
N SER C 394 46.33 -16.24 21.31
CA SER C 394 46.45 -15.28 22.36
C SER C 394 47.24 -14.05 21.93
N GLY C 395 48.24 -14.28 21.11
CA GLY C 395 49.02 -13.23 20.48
C GLY C 395 48.19 -12.37 19.57
N VAL C 396 47.32 -13.02 18.82
CA VAL C 396 46.44 -12.35 17.90
C VAL C 396 45.56 -11.38 18.67
N ARG C 397 45.05 -11.87 19.77
CA ARG C 397 44.16 -11.11 20.56
C ARG C 397 44.81 -9.86 21.11
N VAL C 398 46.03 -9.97 21.62
CA VAL C 398 46.72 -8.81 22.13
C VAL C 398 47.04 -7.80 21.05
N PHE C 399 47.52 -8.30 19.94
CA PHE C 399 47.79 -7.44 18.81
C PHE C 399 46.50 -6.76 18.31
N ASP C 400 45.41 -7.48 18.28
CA ASP C 400 44.14 -6.91 17.87
C ASP C 400 43.80 -5.74 18.77
N GLU C 401 44.05 -5.89 20.05
CA GLU C 401 43.81 -4.85 21.01
C GLU C 401 44.65 -3.59 20.84
N LEU C 402 45.93 -3.74 20.57
CA LEU C 402 46.89 -2.65 20.61
C LEU C 402 47.51 -2.12 19.29
N LEU C 403 47.52 -2.98 18.31
CA LEU C 403 48.24 -2.70 17.10
C LEU C 403 47.39 -2.04 16.05
N LEU C 404 47.78 -0.87 15.63
CA LEU C 404 47.04 -0.09 14.70
C LEU C 404 46.78 -0.76 13.33
N ASP C 405 47.70 -1.54 12.83
CA ASP C 405 47.60 -2.07 11.51
C ASP C 405 47.17 -3.52 11.50
N ALA C 406 46.73 -3.97 12.64
CA ALA C 406 46.28 -5.31 12.79
C ALA C 406 44.83 -5.42 12.35
N ASP C 407 44.57 -6.30 11.44
CA ASP C 407 43.23 -6.62 11.10
C ASP C 407 43.17 -8.11 11.02
N PHE C 408 41.98 -8.62 10.87
CA PHE C 408 41.72 -10.01 11.09
C PHE C 408 42.63 -10.83 10.18
N SER C 409 42.66 -10.47 8.92
CA SER C 409 43.41 -11.24 7.99
C SER C 409 44.92 -11.21 8.14
N VAL C 410 45.51 -10.04 8.17
CA VAL C 410 46.95 -9.90 8.27
C VAL C 410 47.53 -10.37 9.62
N ASN C 411 46.83 -10.07 10.71
CA ASN C 411 47.27 -10.44 12.03
C ASN C 411 47.26 -11.94 12.25
N ALA C 412 46.13 -12.58 12.00
CA ALA C 412 46.06 -14.01 12.17
C ALA C 412 47.02 -14.74 11.25
N GLY C 413 47.08 -14.32 10.00
CA GLY C 413 47.92 -14.98 9.05
C GLY C 413 49.37 -14.89 9.46
N SER C 414 49.80 -13.73 9.89
CA SER C 414 51.14 -13.53 10.36
C SER C 414 51.51 -14.37 11.57
N TRP C 415 50.61 -14.46 12.54
CA TRP C 415 50.80 -15.26 13.73
C TRP C 415 50.96 -16.73 13.39
N MET C 416 50.12 -17.25 12.52
CA MET C 416 50.25 -18.59 12.06
C MET C 416 51.57 -18.82 11.30
N TRP C 417 51.95 -17.89 10.47
CA TRP C 417 53.14 -18.01 9.68
C TRP C 417 54.33 -18.07 10.62
N LEU C 418 54.42 -17.15 11.53
CA LEU C 418 55.53 -17.09 12.44
C LEU C 418 55.68 -18.32 13.33
N SER C 419 54.59 -18.86 13.80
CA SER C 419 54.61 -19.91 14.76
C SER C 419 54.74 -21.25 14.08
N CYS C 420 54.90 -21.23 12.79
CA CYS C 420 54.99 -22.46 12.06
C CYS C 420 53.72 -23.29 12.08
N SER C 421 52.58 -22.64 12.19
CA SER C 421 51.31 -23.33 12.20
C SER C 421 50.68 -23.46 10.84
N ALA C 422 50.96 -22.55 9.95
CA ALA C 422 50.44 -22.59 8.63
C ALA C 422 51.36 -22.02 7.56
N PHE C 423 50.98 -22.24 6.32
CA PHE C 423 51.63 -21.68 5.15
C PHE C 423 52.91 -22.37 4.72
N PHE C 424 53.24 -23.48 5.36
CA PHE C 424 54.21 -24.36 4.79
C PHE C 424 55.59 -23.68 4.71
N GLN C 425 56.16 -23.74 3.53
CA GLN C 425 57.44 -23.10 3.19
C GLN C 425 58.66 -23.53 4.03
N GLN C 426 59.51 -22.59 4.46
CA GLN C 426 60.81 -23.01 5.01
C GLN C 426 61.12 -22.61 6.45
N PHE C 427 61.63 -23.57 7.20
CA PHE C 427 61.90 -23.36 8.62
C PHE C 427 62.96 -22.34 8.91
N PHE C 428 62.70 -21.55 9.93
CA PHE C 428 63.68 -20.66 10.53
C PHE C 428 63.53 -20.68 12.04
N HIS C 429 64.65 -20.58 12.73
CA HIS C 429 64.68 -20.62 14.17
C HIS C 429 64.12 -19.35 14.72
N CYS C 430 63.62 -19.41 15.92
CA CYS C 430 63.18 -18.25 16.59
C CYS C 430 64.39 -17.42 16.97
N TYR C 431 64.16 -16.14 17.12
CA TYR C 431 65.12 -15.20 17.59
C TYR C 431 65.47 -15.38 19.07
N CYS C 432 66.65 -15.00 19.46
CA CYS C 432 66.99 -15.01 20.85
C CYS C 432 66.50 -13.74 21.49
N PRO C 433 65.84 -13.85 22.61
CA PRO C 433 65.26 -12.72 23.29
C PRO C 433 66.30 -11.76 23.86
N VAL C 434 67.56 -12.19 23.90
CA VAL C 434 68.63 -11.30 24.28
C VAL C 434 69.46 -10.91 23.07
N GLY C 435 69.88 -11.89 22.31
CA GLY C 435 70.75 -11.64 21.20
C GLY C 435 70.26 -10.79 20.07
N PHE C 436 69.01 -10.98 19.70
CA PHE C 436 68.44 -10.20 18.62
C PHE C 436 68.35 -8.73 18.94
N GLY C 437 67.98 -8.44 20.16
CA GLY C 437 67.94 -7.08 20.58
C GLY C 437 69.29 -6.44 20.55
N ARG C 438 70.28 -7.12 21.06
CA ARG C 438 71.61 -6.59 21.06
C ARG C 438 72.11 -6.36 19.63
N ARG C 439 71.87 -7.32 18.75
CA ARG C 439 72.27 -7.19 17.38
C ARG C 439 71.55 -5.97 16.80
N THR C 440 70.26 -5.86 17.03
CA THR C 440 69.49 -4.79 16.46
C THR C 440 69.80 -3.38 16.99
N ASP C 441 69.95 -3.25 18.30
CA ASP C 441 70.35 -1.98 18.90
C ASP C 441 71.47 -2.12 19.90
N PRO C 442 72.68 -2.18 19.39
CA PRO C 442 73.84 -2.45 20.22
C PRO C 442 73.94 -1.38 21.29
N SER C 443 73.51 -0.18 20.98
CA SER C 443 73.54 0.91 21.91
C SER C 443 72.69 0.66 23.14
N GLY C 444 71.56 0.00 22.95
CA GLY C 444 70.64 -0.22 24.03
C GLY C 444 69.76 0.97 24.31
N ASP C 445 69.87 1.99 23.49
CA ASP C 445 69.05 3.17 23.65
C ASP C 445 67.52 2.95 23.44
N TYR C 446 67.15 1.95 22.67
CA TYR C 446 65.77 1.59 22.52
C TYR C 446 65.22 1.16 23.86
N ILE C 447 66.00 0.35 24.57
CA ILE C 447 65.64 -0.08 25.90
C ILE C 447 65.52 1.07 26.89
N ARG C 448 66.49 1.96 26.91
CA ARG C 448 66.46 3.09 27.81
C ARG C 448 65.23 3.95 27.53
N ARG C 449 64.89 4.07 26.27
CA ARG C 449 63.75 4.84 25.91
C ARG C 449 62.43 4.27 26.43
N TYR C 450 62.15 3.01 26.16
CA TYR C 450 60.90 2.40 26.59
C TYR C 450 60.84 1.84 28.00
N LEU C 451 61.98 1.51 28.56
CA LEU C 451 62.08 0.98 29.91
C LEU C 451 63.04 1.87 30.70
N PRO C 452 62.59 3.03 31.11
CA PRO C 452 63.43 4.03 31.73
C PRO C 452 64.04 3.59 33.06
N LYS C 453 63.42 2.62 33.69
CA LYS C 453 63.89 2.10 34.93
C LYS C 453 65.27 1.52 34.75
N LEU C 454 65.58 1.09 33.55
CA LEU C 454 66.79 0.40 33.24
C LEU C 454 67.80 1.32 32.63
N LYS C 455 67.54 2.61 32.64
CA LYS C 455 68.36 3.57 31.95
C LYS C 455 69.82 3.56 32.44
N GLY C 456 70.01 3.21 33.69
CA GLY C 456 71.31 3.13 34.31
C GLY C 456 72.24 2.05 33.85
N PHE C 457 71.71 1.00 33.26
CA PHE C 457 72.52 -0.11 32.86
C PHE C 457 73.42 0.16 31.67
N PRO C 458 74.67 -0.24 31.81
CA PRO C 458 75.60 -0.18 30.70
C PRO C 458 75.20 -1.15 29.61
N SER C 459 75.58 -0.86 28.37
CA SER C 459 75.06 -1.55 27.22
C SER C 459 75.37 -3.00 27.24
N ARG C 460 76.44 -3.34 27.91
CA ARG C 460 76.84 -4.71 27.98
C ARG C 460 75.88 -5.56 28.79
N TYR C 461 75.13 -4.93 29.69
CA TYR C 461 74.20 -5.65 30.54
C TYR C 461 72.70 -5.39 30.32
N ILE C 462 72.37 -4.34 29.61
CA ILE C 462 71.03 -3.88 29.47
C ILE C 462 70.07 -4.89 28.83
N TYR C 463 70.53 -5.69 27.88
CA TYR C 463 69.75 -6.78 27.36
C TYR C 463 69.60 -7.98 28.27
N GLU C 464 70.51 -8.12 29.21
CA GLU C 464 70.54 -9.27 30.11
C GLU C 464 70.88 -8.85 31.52
N PRO C 465 70.03 -8.07 32.15
CA PRO C 465 70.39 -7.42 33.39
C PRO C 465 70.45 -8.34 34.61
N TRP C 466 70.01 -9.56 34.50
CA TRP C 466 70.14 -10.48 35.59
C TRP C 466 71.61 -10.89 35.80
N ASN C 467 72.40 -10.66 34.79
CA ASN C 467 73.80 -11.02 34.78
C ASN C 467 74.69 -9.90 35.30
N ALA C 468 74.15 -8.72 35.52
CA ALA C 468 74.92 -7.65 36.06
C ALA C 468 75.29 -7.88 37.52
N PRO C 469 76.49 -7.48 37.91
CA PRO C 469 76.87 -7.60 39.31
C PRO C 469 76.06 -6.67 40.15
N GLU C 470 75.89 -6.97 41.43
CA GLU C 470 75.04 -6.15 42.25
C GLU C 470 75.51 -4.75 42.33
N SER C 471 76.80 -4.55 42.18
CA SER C 471 77.33 -3.21 42.17
C SER C 471 76.84 -2.48 40.97
N VAL C 472 76.83 -3.15 39.84
CA VAL C 472 76.29 -2.53 38.63
C VAL C 472 74.80 -2.27 38.82
N GLN C 473 74.10 -3.22 39.40
CA GLN C 473 72.70 -3.06 39.72
C GLN C 473 72.45 -1.90 40.66
N LYS C 474 73.22 -1.77 41.71
CA LYS C 474 73.05 -0.66 42.62
C LYS C 474 73.29 0.69 41.98
N ALA C 475 74.31 0.79 41.17
CA ALA C 475 74.64 2.01 40.50
C ALA C 475 73.54 2.40 39.56
N ALA C 476 72.93 1.39 38.96
CA ALA C 476 71.87 1.58 38.00
C ALA C 476 70.61 2.02 38.70
N LYS C 477 70.61 1.90 40.01
CA LYS C 477 69.44 2.17 40.83
C LYS C 477 68.29 1.26 40.44
N CYS C 478 68.64 0.06 40.04
CA CYS C 478 67.63 -0.91 39.69
C CYS C 478 68.05 -2.28 40.09
N ILE C 479 67.42 -2.83 41.09
CA ILE C 479 67.76 -4.14 41.52
C ILE C 479 66.88 -5.18 40.89
N ILE C 480 67.48 -6.09 40.17
CA ILE C 480 66.73 -7.10 39.49
C ILE C 480 66.06 -8.04 40.46
N GLY C 481 64.78 -8.25 40.23
CA GLY C 481 63.93 -9.01 41.08
C GLY C 481 63.18 -8.13 42.04
N VAL C 482 63.51 -6.87 42.09
CA VAL C 482 62.82 -5.92 42.92
C VAL C 482 62.23 -4.84 42.04
N ASP C 483 63.08 -4.00 41.50
CA ASP C 483 62.69 -2.93 40.61
C ASP C 483 62.20 -3.32 39.19
N TYR C 484 62.74 -4.40 38.67
CA TYR C 484 62.40 -4.89 37.36
C TYR C 484 62.46 -6.35 37.56
N PRO C 485 61.62 -7.12 36.91
CA PRO C 485 61.56 -8.54 37.18
C PRO C 485 62.72 -9.30 36.67
N ARG C 486 62.92 -10.45 37.25
CA ARG C 486 63.80 -11.37 36.64
C ARG C 486 63.18 -12.13 35.51
N PRO C 487 64.00 -12.72 34.68
CA PRO C 487 63.46 -13.37 33.51
C PRO C 487 62.55 -14.50 33.91
N ILE C 488 61.39 -14.60 33.29
CA ILE C 488 60.42 -15.62 33.62
C ILE C 488 60.70 -17.03 33.14
N VAL C 489 61.65 -17.20 32.25
CA VAL C 489 62.12 -18.53 31.86
C VAL C 489 63.65 -18.55 31.69
N ASN C 490 64.24 -19.74 31.61
CA ASN C 490 65.61 -19.86 31.20
C ASN C 490 65.57 -20.13 29.74
N HIS C 491 66.02 -19.17 28.98
CA HIS C 491 65.84 -19.25 27.56
C HIS C 491 66.53 -20.42 27.00
N ALA C 492 67.73 -20.70 27.47
CA ALA C 492 68.48 -21.77 26.87
C ALA C 492 67.83 -23.10 27.03
N GLU C 493 67.42 -23.41 28.24
CA GLU C 493 66.69 -24.63 28.50
C GLU C 493 65.35 -24.67 27.82
N THR C 494 64.57 -23.60 27.96
CA THR C 494 63.23 -23.56 27.42
C THR C 494 63.24 -23.66 25.91
N SER C 495 64.10 -22.90 25.28
CA SER C 495 64.18 -22.95 23.84
C SER C 495 64.60 -24.32 23.35
N ARG C 496 65.55 -24.92 24.03
CA ARG C 496 66.00 -26.24 23.66
C ARG C 496 64.86 -27.26 23.74
N LEU C 497 64.10 -27.20 24.80
CA LEU C 497 62.97 -28.06 24.92
C LEU C 497 61.92 -27.81 23.83
N ASN C 498 61.64 -26.55 23.54
CA ASN C 498 60.67 -26.18 22.51
C ASN C 498 61.06 -26.59 21.09
N ILE C 499 62.32 -26.46 20.76
CA ILE C 499 62.78 -26.80 19.43
C ILE C 499 62.57 -28.29 19.22
N GLU C 500 62.82 -29.06 20.25
CA GLU C 500 62.57 -30.48 20.24
C GLU C 500 61.08 -30.80 20.16
N ARG C 501 60.26 -30.06 20.87
CA ARG C 501 58.85 -30.27 20.76
C ARG C 501 58.38 -30.02 19.37
N MET C 502 58.87 -28.97 18.75
CA MET C 502 58.45 -28.64 17.42
C MET C 502 58.85 -29.68 16.41
N LYS C 503 60.06 -30.19 16.56
CA LYS C 503 60.53 -31.18 15.65
C LYS C 503 59.65 -32.43 15.78
N GLN C 504 59.32 -32.79 16.99
CA GLN C 504 58.50 -33.95 17.24
C GLN C 504 57.13 -33.78 16.66
N ILE C 505 56.60 -32.58 16.79
CA ILE C 505 55.32 -32.28 16.23
C ILE C 505 55.40 -32.47 14.74
N TYR C 506 56.44 -31.93 14.12
CA TYR C 506 56.62 -32.08 12.69
C TYR C 506 56.85 -33.52 12.26
N GLN C 507 57.43 -34.29 13.15
CA GLN C 507 57.61 -35.72 12.93
C GLN C 507 56.33 -36.52 12.92
N GLN C 508 55.40 -36.07 13.74
CA GLN C 508 54.17 -36.76 14.02
C GLN C 508 53.07 -36.30 13.08
N LEU C 509 53.42 -35.47 12.13
CA LEU C 509 52.50 -35.08 11.08
C LEU C 509 52.50 -36.17 10.04
N SER C 510 51.35 -36.49 9.49
CA SER C 510 51.32 -37.43 8.40
C SER C 510 51.95 -36.80 7.18
N ARG C 511 52.86 -37.49 6.51
CA ARG C 511 53.60 -36.84 5.46
C ARG C 511 52.81 -36.58 4.19
N TYR C 512 51.81 -37.42 3.94
CA TYR C 512 50.98 -37.31 2.74
C TYR C 512 49.63 -38.02 2.90
N ALA D 21 -31.17 1.22 -65.40
CA ALA D 21 -29.81 1.65 -65.11
C ALA D 21 -28.79 0.53 -65.17
N SER D 22 -27.59 0.90 -65.57
CA SER D 22 -26.48 -0.03 -65.52
C SER D 22 -25.55 0.36 -64.39
N SER D 23 -25.47 -0.53 -63.44
CA SER D 23 -24.87 -0.21 -62.17
C SER D 23 -23.59 -0.99 -61.92
N VAL D 24 -22.65 -0.29 -61.34
CA VAL D 24 -21.51 -0.92 -60.77
C VAL D 24 -21.48 -0.72 -59.26
N HIS D 25 -21.41 -1.77 -58.51
CA HIS D 25 -21.08 -1.66 -57.10
C HIS D 25 -19.60 -1.95 -56.91
N TRP D 26 -18.91 -0.95 -56.44
CA TRP D 26 -17.48 -1.03 -56.24
C TRP D 26 -17.13 -1.39 -54.79
N PHE D 27 -16.69 -2.61 -54.57
CA PHE D 27 -16.13 -3.01 -53.33
C PHE D 27 -14.75 -2.42 -53.07
N ARG D 28 -14.51 -1.94 -51.87
CA ARG D 28 -13.16 -1.63 -51.39
C ARG D 28 -12.97 -2.25 -50.01
N LYS D 29 -13.58 -1.65 -49.03
CA LYS D 29 -13.97 -2.33 -47.84
C LYS D 29 -15.39 -2.82 -48.14
N GLY D 30 -16.17 -3.06 -47.11
CA GLY D 30 -17.51 -3.52 -47.30
C GLY D 30 -17.54 -4.80 -48.06
N LEU D 31 -16.62 -5.69 -47.77
CA LEU D 31 -16.51 -6.93 -48.52
C LEU D 31 -17.54 -7.93 -48.04
N ARG D 32 -18.80 -7.52 -48.19
CA ARG D 32 -19.94 -8.32 -47.80
C ARG D 32 -21.21 -8.03 -48.61
N LEU D 33 -22.04 -9.04 -48.75
CA LEU D 33 -23.44 -8.92 -49.08
C LEU D 33 -24.40 -8.35 -48.01
N HIS D 34 -24.26 -8.78 -46.77
CA HIS D 34 -25.08 -8.26 -45.70
C HIS D 34 -24.82 -6.81 -45.34
N ASP D 35 -25.83 -6.12 -44.89
CA ASP D 35 -25.72 -4.75 -44.44
C ASP D 35 -24.92 -3.93 -45.41
N ASN D 36 -25.40 -3.90 -46.63
CA ASN D 36 -24.76 -3.20 -47.71
C ASN D 36 -25.72 -2.26 -48.42
N PRO D 37 -25.94 -1.13 -47.82
CA PRO D 37 -26.86 -0.13 -48.37
C PRO D 37 -26.39 0.36 -49.75
N ALA D 38 -25.10 0.45 -49.98
CA ALA D 38 -24.60 0.82 -51.29
C ALA D 38 -24.98 -0.16 -52.38
N LEU D 39 -24.93 -1.43 -52.10
CA LEU D 39 -25.33 -2.44 -53.01
C LEU D 39 -26.81 -2.33 -53.31
N LEU D 40 -27.59 -1.95 -52.31
CA LEU D 40 -29.02 -1.79 -52.50
C LEU D 40 -29.29 -0.68 -53.46
N ALA D 41 -28.58 0.42 -53.32
CA ALA D 41 -28.69 1.53 -54.19
C ALA D 41 -28.31 1.16 -55.62
N ALA D 42 -27.36 0.27 -55.76
CA ALA D 42 -27.02 -0.23 -57.06
C ALA D 42 -28.11 -1.06 -57.72
N VAL D 43 -28.69 -1.97 -56.97
CA VAL D 43 -29.64 -2.91 -57.50
C VAL D 43 -30.99 -2.28 -57.81
N ARG D 44 -31.21 -1.07 -57.35
CA ARG D 44 -32.53 -0.50 -57.39
C ARG D 44 -32.82 0.12 -58.69
N GLY D 45 -33.75 -0.48 -59.41
CA GLY D 45 -34.18 0.03 -60.70
C GLY D 45 -33.17 -0.27 -61.76
N ALA D 46 -32.33 -1.24 -61.51
CA ALA D 46 -31.22 -1.45 -62.37
C ALA D 46 -31.53 -2.50 -63.39
N ARG D 47 -31.21 -2.18 -64.62
CA ARG D 47 -31.21 -3.14 -65.70
C ARG D 47 -30.15 -4.18 -65.48
N CYS D 48 -28.96 -3.69 -65.16
CA CYS D 48 -27.77 -4.52 -65.05
C CYS D 48 -26.97 -4.17 -63.81
N VAL D 49 -26.51 -5.17 -63.09
CA VAL D 49 -25.60 -4.91 -61.98
C VAL D 49 -24.26 -5.67 -62.10
N ARG D 50 -23.18 -4.95 -61.93
CA ARG D 50 -21.89 -5.58 -61.82
C ARG D 50 -21.16 -5.24 -60.52
N CYS D 51 -20.71 -6.26 -59.83
CA CYS D 51 -19.90 -6.07 -58.65
C CYS D 51 -18.41 -6.19 -59.01
N VAL D 52 -17.68 -5.15 -58.68
CA VAL D 52 -16.27 -5.09 -58.93
C VAL D 52 -15.34 -4.73 -57.75
N TYR D 53 -14.20 -5.37 -57.75
CA TYR D 53 -13.07 -5.00 -56.94
C TYR D 53 -11.89 -4.66 -57.87
N ILE D 54 -11.28 -3.52 -57.67
CA ILE D 54 -10.16 -3.10 -58.45
C ILE D 54 -8.88 -3.45 -57.70
N LEU D 55 -8.19 -4.49 -58.14
CA LEU D 55 -6.99 -4.97 -57.52
C LEU D 55 -5.69 -4.49 -58.20
N ASP D 56 -4.82 -3.82 -57.46
CA ASP D 56 -3.52 -3.40 -57.98
C ASP D 56 -2.45 -4.42 -57.60
N PRO D 57 -2.03 -5.24 -58.55
CA PRO D 57 -1.06 -6.30 -58.27
C PRO D 57 0.43 -5.92 -58.41
N TRP D 58 0.71 -4.65 -58.65
CA TRP D 58 2.07 -4.17 -58.83
C TRP D 58 2.67 -3.82 -57.49
N PHE D 59 3.11 -4.85 -56.77
CA PHE D 59 3.44 -4.71 -55.36
C PHE D 59 4.54 -3.74 -55.08
N ALA D 60 5.53 -3.76 -55.95
CA ALA D 60 6.76 -3.04 -55.78
C ALA D 60 6.58 -1.54 -55.81
N ALA D 61 5.50 -1.07 -56.38
CA ALA D 61 5.26 0.33 -56.53
C ALA D 61 4.64 0.97 -55.29
N SER D 62 4.29 0.13 -54.34
CA SER D 62 3.56 0.56 -53.13
C SER D 62 4.24 0.04 -51.89
N SER D 63 3.87 0.59 -50.75
CA SER D 63 4.43 0.14 -49.50
C SER D 63 4.13 -1.34 -49.39
N SER D 64 5.07 -2.08 -48.90
CA SER D 64 4.91 -3.51 -48.84
C SER D 64 3.78 -3.95 -47.92
N VAL D 65 3.10 -4.98 -48.35
CA VAL D 65 2.05 -5.55 -47.61
C VAL D 65 2.33 -7.03 -47.51
N GLY D 66 2.20 -7.58 -46.32
CA GLY D 66 2.48 -8.97 -46.09
C GLY D 66 1.53 -9.98 -46.69
N ILE D 67 1.99 -11.19 -46.84
CA ILE D 67 1.20 -12.23 -47.44
C ILE D 67 -0.10 -12.51 -46.67
N ASN D 68 -0.08 -12.31 -45.37
CA ASN D 68 -1.28 -12.56 -44.60
C ASN D 68 -2.45 -11.63 -44.98
N ARG D 69 -2.17 -10.34 -45.14
CA ARG D 69 -3.16 -9.41 -45.60
C ARG D 69 -3.63 -9.76 -47.01
N TRP D 70 -2.69 -10.08 -47.90
CA TRP D 70 -3.06 -10.41 -49.25
C TRP D 70 -3.91 -11.65 -49.26
N ARG D 71 -3.54 -12.62 -48.47
CA ARG D 71 -4.28 -13.85 -48.42
C ARG D 71 -5.70 -13.65 -47.91
N PHE D 72 -5.83 -12.86 -46.88
CA PHE D 72 -7.11 -12.57 -46.31
C PHE D 72 -7.95 -11.85 -47.35
N LEU D 73 -7.38 -10.91 -48.05
CA LEU D 73 -8.11 -10.22 -49.07
C LEU D 73 -8.60 -11.14 -50.17
N LEU D 74 -7.75 -11.99 -50.67
CA LEU D 74 -8.11 -12.89 -51.73
C LEU D 74 -9.19 -13.86 -51.31
N GLN D 75 -9.08 -14.36 -50.11
CA GLN D 75 -10.12 -15.22 -49.56
C GLN D 75 -11.45 -14.51 -49.41
N SER D 76 -11.45 -13.26 -49.02
CA SER D 76 -12.67 -12.51 -48.93
C SER D 76 -13.34 -12.32 -50.29
N LEU D 77 -12.52 -12.02 -51.29
CA LEU D 77 -12.94 -11.88 -52.65
C LEU D 77 -13.47 -13.19 -53.21
N GLU D 78 -12.83 -14.28 -52.88
CA GLU D 78 -13.27 -15.59 -53.30
C GLU D 78 -14.63 -15.83 -52.67
N ASP D 79 -14.78 -15.44 -51.42
CA ASP D 79 -16.04 -15.61 -50.76
C ASP D 79 -17.17 -14.83 -51.42
N LEU D 80 -16.95 -13.59 -51.74
CA LEU D 80 -17.93 -12.80 -52.44
C LEU D 80 -18.27 -13.40 -53.80
N ASP D 81 -17.29 -13.89 -54.50
CA ASP D 81 -17.53 -14.52 -55.77
C ASP D 81 -18.35 -15.77 -55.60
N THR D 82 -18.05 -16.56 -54.60
CA THR D 82 -18.82 -17.75 -54.35
C THR D 82 -20.26 -17.38 -54.03
N SER D 83 -20.48 -16.32 -53.28
CA SER D 83 -21.82 -15.88 -52.99
C SER D 83 -22.59 -15.40 -54.23
N LEU D 84 -21.92 -14.65 -55.09
CA LEU D 84 -22.49 -14.20 -56.30
C LEU D 84 -22.85 -15.35 -57.24
N ARG D 85 -22.07 -16.39 -57.27
CA ARG D 85 -22.36 -17.53 -58.09
C ARG D 85 -23.66 -18.20 -57.69
N LYS D 86 -24.08 -17.99 -56.47
CA LYS D 86 -25.35 -18.49 -56.00
C LYS D 86 -26.53 -17.72 -56.58
N LEU D 87 -26.23 -16.55 -57.10
CA LEU D 87 -27.17 -15.69 -57.75
C LEU D 87 -26.92 -15.71 -59.24
N ASN D 88 -26.21 -16.71 -59.70
CA ASN D 88 -25.82 -16.84 -61.08
C ASN D 88 -25.03 -15.68 -61.68
N SER D 89 -24.14 -15.15 -60.88
CA SER D 89 -23.39 -13.97 -61.22
C SER D 89 -21.94 -14.18 -60.79
N ARG D 90 -21.14 -13.15 -60.91
CA ARG D 90 -19.75 -13.24 -60.56
C ARG D 90 -19.22 -11.91 -60.04
N LEU D 91 -18.15 -11.99 -59.27
CA LEU D 91 -17.41 -10.81 -58.92
C LEU D 91 -16.59 -10.47 -60.11
N PHE D 92 -16.44 -9.20 -60.41
CA PHE D 92 -15.47 -8.77 -61.37
C PHE D 92 -14.24 -8.20 -60.71
N VAL D 93 -13.15 -8.94 -60.74
CA VAL D 93 -11.91 -8.38 -60.29
C VAL D 93 -11.15 -7.74 -61.45
N VAL D 94 -11.00 -6.45 -61.38
CA VAL D 94 -10.32 -5.70 -62.38
C VAL D 94 -8.92 -5.30 -61.90
N ARG D 95 -7.92 -5.66 -62.69
CA ARG D 95 -6.54 -5.41 -62.37
C ARG D 95 -6.21 -3.99 -62.70
N GLY D 96 -5.65 -3.28 -61.78
CA GLY D 96 -5.25 -1.92 -62.01
C GLY D 96 -5.48 -1.01 -60.85
N GLN D 97 -5.50 0.27 -61.15
CA GLN D 97 -5.78 1.33 -60.22
C GLN D 97 -7.09 2.05 -60.63
N PRO D 98 -7.88 2.48 -59.66
CA PRO D 98 -9.23 2.93 -59.98
C PRO D 98 -9.33 4.10 -60.91
N ALA D 99 -8.62 5.16 -60.67
CA ALA D 99 -8.66 6.33 -61.51
C ALA D 99 -8.22 5.98 -62.94
N ASP D 100 -7.28 5.05 -63.04
CA ASP D 100 -6.79 4.55 -64.30
C ASP D 100 -7.80 3.74 -65.10
N VAL D 101 -8.54 2.85 -64.46
CA VAL D 101 -9.42 1.96 -65.16
C VAL D 101 -10.90 2.38 -65.32
N PHE D 102 -11.39 3.25 -64.46
CA PHE D 102 -12.81 3.56 -64.42
C PHE D 102 -13.34 4.21 -65.70
N PRO D 103 -12.64 5.17 -66.28
CA PRO D 103 -13.17 5.86 -67.45
C PRO D 103 -13.44 4.88 -68.55
N ARG D 104 -12.56 3.94 -68.78
CA ARG D 104 -12.78 2.87 -69.71
C ARG D 104 -13.89 1.90 -69.34
N LEU D 105 -13.99 1.57 -68.07
CA LEU D 105 -15.04 0.70 -67.58
C LEU D 105 -16.40 1.32 -67.81
N PHE D 106 -16.50 2.61 -67.55
CA PHE D 106 -17.76 3.29 -67.66
C PHE D 106 -18.19 3.20 -69.13
N LYS D 107 -17.27 3.45 -70.03
CA LYS D 107 -17.55 3.39 -71.45
C LYS D 107 -17.87 2.02 -71.97
N GLU D 108 -17.02 1.05 -71.71
CA GLU D 108 -17.20 -0.31 -72.18
C GLU D 108 -18.43 -0.97 -71.65
N TRP D 109 -18.83 -0.61 -70.45
CA TRP D 109 -19.94 -1.27 -69.78
C TRP D 109 -21.24 -0.45 -69.86
N GLY D 110 -21.14 0.74 -70.40
CA GLY D 110 -22.23 1.67 -70.43
C GLY D 110 -22.85 2.01 -69.10
N VAL D 111 -22.01 2.36 -68.14
CA VAL D 111 -22.45 2.56 -66.78
C VAL D 111 -23.23 3.82 -66.59
N THR D 112 -24.35 3.70 -65.88
CA THR D 112 -25.14 4.86 -65.54
C THR D 112 -25.06 5.20 -64.05
N ARG D 113 -24.82 4.19 -63.26
CA ARG D 113 -24.69 4.37 -61.84
C ARG D 113 -23.48 3.66 -61.25
N LEU D 114 -22.79 4.35 -60.38
CA LEU D 114 -21.68 3.80 -59.59
C LEU D 114 -21.99 3.92 -58.08
N THR D 115 -21.91 2.83 -57.34
CA THR D 115 -22.08 2.89 -55.89
C THR D 115 -20.92 2.26 -55.10
N PHE D 116 -20.70 2.81 -53.93
CA PHE D 116 -19.75 2.25 -53.00
C PHE D 116 -19.99 2.72 -51.56
N GLU D 117 -19.47 1.98 -50.61
CA GLU D 117 -19.45 2.43 -49.23
C GLU D 117 -18.50 3.58 -49.04
N TYR D 118 -18.88 4.60 -48.31
CA TYR D 118 -18.05 5.74 -48.08
C TYR D 118 -16.76 5.43 -47.29
N ASP D 119 -15.70 6.15 -47.63
CA ASP D 119 -14.42 6.05 -46.94
C ASP D 119 -14.07 7.35 -46.25
N SER D 120 -14.09 7.34 -44.94
CA SER D 120 -13.70 8.47 -44.14
C SER D 120 -12.22 8.84 -44.13
N GLU D 121 -11.39 7.88 -44.41
CA GLU D 121 -9.96 8.09 -44.30
C GLU D 121 -9.48 9.12 -45.28
N PRO D 122 -8.58 10.00 -44.91
CA PRO D 122 -8.33 11.19 -45.72
C PRO D 122 -7.82 10.89 -47.10
N PHE D 123 -6.95 9.92 -47.24
CA PHE D 123 -6.50 9.53 -48.53
C PHE D 123 -7.64 8.97 -49.31
N GLY D 124 -8.44 8.16 -48.67
CA GLY D 124 -9.56 7.54 -49.32
C GLY D 124 -10.56 8.55 -49.81
N LYS D 125 -10.82 9.56 -49.00
CA LYS D 125 -11.75 10.61 -49.35
C LYS D 125 -11.28 11.38 -50.57
N GLU D 126 -10.00 11.65 -50.65
CA GLU D 126 -9.43 12.28 -51.82
C GLU D 126 -9.52 11.45 -53.12
N ARG D 127 -9.24 10.16 -53.04
CA ARG D 127 -9.36 9.29 -54.19
C ARG D 127 -10.79 9.30 -54.67
N ASP D 128 -11.70 9.17 -53.74
CA ASP D 128 -13.08 9.04 -54.03
C ASP D 128 -13.58 10.32 -54.68
N ALA D 129 -13.08 11.44 -54.24
CA ALA D 129 -13.48 12.69 -54.78
C ALA D 129 -13.13 12.77 -56.26
N ALA D 130 -11.93 12.33 -56.61
CA ALA D 130 -11.50 12.30 -57.98
C ALA D 130 -12.33 11.37 -58.83
N ILE D 131 -12.67 10.21 -58.33
CA ILE D 131 -13.54 9.32 -59.03
C ILE D 131 -14.93 9.91 -59.24
N MET D 132 -15.44 10.63 -58.25
CA MET D 132 -16.76 11.20 -58.40
C MET D 132 -16.75 12.21 -59.54
N LYS D 133 -15.69 12.98 -59.64
CA LYS D 133 -15.57 13.90 -60.73
C LYS D 133 -15.52 13.22 -62.10
N MET D 134 -14.79 12.14 -62.23
CA MET D 134 -14.77 11.41 -63.46
C MET D 134 -16.15 10.92 -63.77
N ALA D 135 -16.86 10.44 -62.77
CA ALA D 135 -18.20 9.91 -62.97
C ALA D 135 -19.16 10.98 -63.51
N LYS D 136 -19.01 12.20 -63.02
CA LYS D 136 -19.75 13.32 -63.49
C LYS D 136 -19.51 13.64 -64.94
N GLU D 137 -18.27 13.60 -65.36
CA GLU D 137 -17.94 13.83 -66.73
C GLU D 137 -18.59 12.84 -67.61
N ALA D 138 -18.63 11.59 -67.21
CA ALA D 138 -19.13 10.57 -68.03
C ALA D 138 -20.63 10.44 -67.89
N GLY D 139 -21.26 11.37 -67.19
CA GLY D 139 -22.67 11.25 -66.88
C GLY D 139 -23.12 10.04 -66.06
N VAL D 140 -22.36 9.75 -65.02
CA VAL D 140 -22.63 8.61 -64.17
C VAL D 140 -23.10 9.11 -62.82
N GLU D 141 -24.23 8.59 -62.38
CA GLU D 141 -24.78 8.89 -61.06
C GLU D 141 -23.96 8.11 -60.02
N VAL D 142 -23.54 8.78 -58.97
CA VAL D 142 -22.79 8.13 -57.91
C VAL D 142 -23.57 8.16 -56.60
N VAL D 143 -23.75 7.00 -55.99
CA VAL D 143 -24.31 6.92 -54.67
C VAL D 143 -23.36 6.29 -53.61
N THR D 144 -23.10 7.01 -52.54
CA THR D 144 -22.35 6.46 -51.40
C THR D 144 -23.18 6.31 -50.12
N GLU D 145 -22.85 5.30 -49.32
CA GLU D 145 -23.44 5.07 -48.02
C GLU D 145 -22.38 4.80 -46.97
N ASN D 146 -22.52 5.38 -45.79
CA ASN D 146 -21.49 5.26 -44.78
C ASN D 146 -21.57 4.07 -43.87
N SER D 147 -21.73 2.89 -44.40
CA SER D 147 -21.88 1.73 -43.57
C SER D 147 -20.58 1.14 -42.98
N HIS D 148 -19.44 1.78 -43.16
CA HIS D 148 -18.22 1.34 -42.50
C HIS D 148 -18.15 1.60 -40.97
N THR D 149 -18.84 2.61 -40.52
CA THR D 149 -18.80 3.03 -39.15
C THR D 149 -20.21 3.05 -38.60
N LEU D 150 -20.32 3.04 -37.29
CA LEU D 150 -21.60 3.05 -36.60
C LEU D 150 -22.37 4.32 -36.83
N TYR D 151 -21.67 5.41 -36.80
CA TYR D 151 -22.17 6.76 -36.85
C TYR D 151 -21.68 7.57 -38.05
N ASP D 152 -22.34 8.69 -38.28
CA ASP D 152 -21.93 9.65 -39.25
C ASP D 152 -20.90 10.50 -38.58
N LEU D 153 -19.65 10.30 -38.96
CA LEU D 153 -18.54 10.91 -38.28
C LEU D 153 -18.56 12.43 -38.36
N ASP D 154 -19.01 12.94 -39.50
CA ASP D 154 -19.10 14.39 -39.72
C ASP D 154 -20.10 15.03 -38.78
N ARG D 155 -21.15 14.31 -38.48
CA ARG D 155 -22.11 14.76 -37.50
C ARG D 155 -21.48 14.91 -36.14
N ILE D 156 -20.68 13.94 -35.75
CA ILE D 156 -20.02 14.01 -34.50
C ILE D 156 -19.12 15.22 -34.46
N ILE D 157 -18.40 15.44 -35.52
CA ILE D 157 -17.51 16.56 -35.61
C ILE D 157 -18.25 17.91 -35.56
N GLU D 158 -19.37 17.95 -36.24
CA GLU D 158 -20.14 19.14 -36.28
C GLU D 158 -20.65 19.53 -34.89
N LEU D 159 -21.18 18.54 -34.18
CA LEU D 159 -21.73 18.71 -32.85
C LEU D 159 -20.63 19.17 -31.95
N ASN D 160 -19.41 18.85 -32.31
CA ASN D 160 -18.28 19.22 -31.48
C ASN D 160 -17.66 20.57 -31.86
N GLY D 161 -18.37 21.38 -32.63
CA GLY D 161 -17.79 22.62 -33.11
C GLY D 161 -16.88 22.52 -34.32
N GLN D 162 -17.13 21.55 -35.15
CA GLN D 162 -16.36 21.31 -36.36
C GLN D 162 -14.89 21.00 -36.11
N LYS D 163 -14.62 20.31 -35.02
CA LYS D 163 -13.33 19.70 -34.76
C LYS D 163 -13.54 18.36 -34.10
N PRO D 164 -12.67 17.41 -34.36
CA PRO D 164 -12.89 16.07 -33.81
C PRO D 164 -12.62 16.05 -32.31
N PRO D 165 -13.34 15.24 -31.55
CA PRO D 165 -13.02 15.15 -30.13
C PRO D 165 -11.68 14.50 -29.96
N LEU D 166 -10.86 15.00 -29.05
CA LEU D 166 -9.57 14.40 -28.84
C LEU D 166 -9.38 13.59 -27.57
N THR D 167 -10.45 13.33 -26.86
CA THR D 167 -10.44 12.37 -25.79
C THR D 167 -11.63 11.42 -25.89
N TYR D 168 -11.47 10.21 -25.38
CA TYR D 168 -12.52 9.25 -25.44
C TYR D 168 -13.69 9.76 -24.63
N LYS D 169 -13.43 10.46 -23.57
CA LYS D 169 -14.50 10.94 -22.70
C LYS D 169 -15.45 11.94 -23.43
N ARG D 170 -14.86 12.88 -24.13
CA ARG D 170 -15.58 13.80 -24.96
C ARG D 170 -16.33 13.12 -26.09
N PHE D 171 -15.70 12.16 -26.69
CA PHE D 171 -16.32 11.42 -27.73
C PHE D 171 -17.57 10.73 -27.21
N GLN D 172 -17.48 10.11 -26.07
CA GLN D 172 -18.64 9.46 -25.47
C GLN D 172 -19.79 10.45 -25.15
N ALA D 173 -19.44 11.63 -24.71
CA ALA D 173 -20.42 12.64 -24.46
C ALA D 173 -21.13 13.00 -25.77
N LEU D 174 -20.38 13.14 -26.85
CA LEU D 174 -20.98 13.46 -28.12
C LEU D 174 -21.93 12.42 -28.66
N ILE D 175 -21.52 11.18 -28.73
CA ILE D 175 -22.41 10.17 -29.17
C ILE D 175 -23.59 9.94 -28.22
N SER D 176 -23.41 10.28 -26.97
CA SER D 176 -24.43 10.12 -25.97
C SER D 176 -25.68 10.94 -26.30
N ARG D 177 -25.46 12.06 -26.93
CA ARG D 177 -26.54 12.93 -27.32
C ARG D 177 -27.04 12.75 -28.74
N MET D 178 -26.61 11.71 -29.41
CA MET D 178 -27.01 11.42 -30.75
C MET D 178 -27.93 10.23 -30.84
N GLU D 179 -28.53 10.07 -31.99
CA GLU D 179 -29.38 8.97 -32.28
C GLU D 179 -28.58 7.70 -32.24
N LEU D 180 -29.25 6.58 -32.14
CA LEU D 180 -28.60 5.32 -32.18
C LEU D 180 -28.05 5.10 -33.57
N PRO D 181 -27.05 4.25 -33.68
CA PRO D 181 -26.51 3.94 -34.98
C PRO D 181 -27.60 3.26 -35.80
N LYS D 182 -27.54 3.37 -37.11
CA LYS D 182 -28.53 2.76 -37.96
C LYS D 182 -28.50 1.29 -37.80
N LYS D 183 -29.66 0.67 -37.93
CA LYS D 183 -29.73 -0.75 -37.94
C LYS D 183 -29.11 -1.29 -39.22
N PRO D 184 -28.68 -2.54 -39.21
CA PRO D 184 -28.11 -3.09 -40.43
C PRO D 184 -29.21 -3.13 -41.46
N ALA D 185 -28.85 -2.90 -42.71
CA ALA D 185 -29.79 -2.82 -43.80
C ALA D 185 -30.39 -4.16 -44.14
N VAL D 186 -31.50 -4.10 -44.86
CA VAL D 186 -32.20 -5.29 -45.30
C VAL D 186 -31.37 -6.07 -46.25
N ALA D 187 -31.57 -7.36 -46.29
CA ALA D 187 -30.77 -8.17 -47.13
C ALA D 187 -31.04 -7.73 -48.56
N VAL D 188 -30.05 -7.82 -49.42
CA VAL D 188 -30.28 -7.55 -50.83
C VAL D 188 -31.07 -8.71 -51.38
N SER D 189 -32.02 -8.44 -52.23
CA SER D 189 -32.85 -9.50 -52.73
C SER D 189 -32.15 -10.42 -53.69
N SER D 190 -32.19 -11.70 -53.43
CA SER D 190 -31.62 -12.65 -54.32
C SER D 190 -32.31 -12.61 -55.66
N GLN D 191 -33.63 -12.43 -55.67
CA GLN D 191 -34.34 -12.43 -56.91
C GLN D 191 -33.88 -11.26 -57.75
N GLN D 192 -33.82 -10.09 -57.14
CA GLN D 192 -33.38 -8.89 -57.83
C GLN D 192 -31.96 -9.00 -58.33
N MET D 193 -31.09 -9.60 -57.56
CA MET D 193 -29.75 -9.81 -58.02
C MET D 193 -29.69 -10.74 -59.20
N GLU D 194 -30.39 -11.87 -59.10
CA GLU D 194 -30.32 -12.84 -60.17
C GLU D 194 -30.83 -12.22 -61.45
N SER D 195 -31.90 -11.44 -61.35
CA SER D 195 -32.53 -10.85 -62.51
C SER D 195 -31.66 -9.89 -63.25
N CYS D 196 -30.98 -9.04 -62.51
CA CYS D 196 -30.26 -7.99 -63.14
C CYS D 196 -28.76 -8.33 -63.24
N ARG D 197 -28.52 -9.63 -63.31
CA ARG D 197 -27.22 -10.21 -63.47
C ARG D 197 -26.62 -9.84 -64.80
N ALA D 198 -25.30 -9.71 -64.83
CA ALA D 198 -24.58 -9.46 -66.07
C ALA D 198 -24.32 -10.73 -66.85
N GLU D 199 -24.12 -10.63 -68.15
CA GLU D 199 -23.80 -11.82 -68.89
C GLU D 199 -22.40 -12.17 -68.53
N ILE D 200 -22.16 -13.43 -68.25
CA ILE D 200 -20.83 -13.88 -67.93
C ILE D 200 -20.30 -14.73 -69.07
N GLN D 201 -19.17 -14.30 -69.61
CA GLN D 201 -18.43 -14.99 -70.66
C GLN D 201 -17.52 -16.13 -70.20
N GLU D 202 -17.05 -16.97 -71.11
CA GLU D 202 -16.37 -18.20 -70.76
C GLU D 202 -14.89 -17.99 -70.53
N ASN D 203 -14.47 -16.78 -70.75
CA ASN D 203 -13.15 -16.32 -70.42
C ASN D 203 -13.19 -15.44 -69.17
N HIS D 204 -14.26 -15.54 -68.38
CA HIS D 204 -14.41 -14.59 -67.28
C HIS D 204 -13.24 -14.68 -66.33
N ASP D 205 -12.81 -15.88 -66.03
CA ASP D 205 -11.74 -16.11 -65.11
C ASP D 205 -10.43 -15.52 -65.57
N ASP D 206 -10.20 -15.53 -66.87
CA ASP D 206 -8.98 -14.99 -67.40
C ASP D 206 -8.82 -13.49 -67.25
N THR D 207 -9.87 -12.72 -67.47
CA THR D 207 -9.80 -11.29 -67.30
C THR D 207 -10.20 -10.79 -65.92
N TYR D 208 -11.20 -11.44 -65.36
CA TYR D 208 -11.89 -10.97 -64.16
C TYR D 208 -11.87 -11.88 -62.95
N GLY D 209 -11.12 -12.96 -63.00
CA GLY D 209 -11.09 -13.91 -61.95
C GLY D 209 -10.37 -13.45 -60.71
N VAL D 210 -10.64 -14.10 -59.59
CA VAL D 210 -9.91 -13.80 -58.40
C VAL D 210 -8.61 -14.52 -58.52
N PRO D 211 -7.53 -13.77 -58.47
CA PRO D 211 -6.22 -14.36 -58.55
C PRO D 211 -5.87 -15.14 -57.31
N SER D 212 -5.08 -16.17 -57.46
CA SER D 212 -4.43 -16.86 -56.38
C SER D 212 -3.13 -16.24 -55.94
N LEU D 213 -2.62 -16.65 -54.80
CA LEU D 213 -1.35 -16.15 -54.32
C LEU D 213 -0.19 -16.53 -55.28
N GLU D 214 -0.24 -17.74 -55.80
CA GLU D 214 0.81 -18.21 -56.68
C GLU D 214 0.85 -17.37 -57.94
N GLU D 215 -0.32 -17.09 -58.47
CA GLU D 215 -0.48 -16.33 -59.68
C GLU D 215 0.07 -14.93 -59.52
N LEU D 216 -0.10 -14.32 -58.37
CA LEU D 216 0.41 -12.99 -58.16
C LEU D 216 1.86 -12.97 -57.81
N GLY D 217 2.44 -14.13 -57.65
CA GLY D 217 3.86 -14.22 -57.35
C GLY D 217 4.38 -14.51 -55.94
N PHE D 218 3.50 -14.88 -55.04
CA PHE D 218 3.88 -15.27 -53.71
C PHE D 218 4.31 -16.72 -53.65
N PRO D 219 5.31 -17.02 -52.87
CA PRO D 219 5.71 -18.40 -52.67
C PRO D 219 4.75 -19.07 -51.72
N THR D 220 4.21 -20.20 -52.11
CA THR D 220 3.23 -20.86 -51.30
C THR D 220 3.61 -22.24 -50.86
N GLU D 221 4.82 -22.66 -51.14
CA GLU D 221 5.22 -24.01 -50.77
C GLU D 221 5.32 -24.13 -49.27
N GLY D 222 4.61 -25.10 -48.74
CA GLY D 222 4.54 -25.27 -47.30
C GLY D 222 3.63 -24.30 -46.56
N LEU D 223 2.77 -23.60 -47.30
CA LEU D 223 1.87 -22.67 -46.68
C LEU D 223 0.67 -23.43 -46.26
N GLY D 224 0.45 -23.43 -44.97
CA GLY D 224 -0.71 -24.03 -44.36
C GLY D 224 -1.96 -23.19 -44.38
N PRO D 225 -3.06 -23.71 -43.90
CA PRO D 225 -4.30 -22.96 -43.94
C PRO D 225 -4.15 -21.70 -43.07
N ALA D 226 -4.82 -20.65 -43.44
CA ALA D 226 -4.72 -19.40 -42.72
C ALA D 226 -5.28 -19.52 -41.33
N VAL D 227 -4.62 -18.93 -40.37
CA VAL D 227 -5.12 -18.82 -39.02
C VAL D 227 -6.41 -18.01 -39.01
N TRP D 228 -6.47 -16.97 -39.81
CA TRP D 228 -7.63 -16.13 -39.93
C TRP D 228 -8.15 -16.26 -41.34
N GLN D 229 -9.13 -17.10 -41.56
CA GLN D 229 -9.69 -17.29 -42.88
C GLN D 229 -10.49 -16.08 -43.28
N GLY D 230 -10.28 -15.60 -44.49
CA GLY D 230 -10.98 -14.44 -44.94
C GLY D 230 -12.44 -14.64 -45.30
N GLY D 231 -13.16 -13.54 -45.39
CA GLY D 231 -14.50 -13.54 -45.88
C GLY D 231 -15.70 -13.47 -44.97
N GLU D 232 -16.79 -13.06 -45.58
CA GLU D 232 -18.07 -12.83 -44.96
C GLU D 232 -18.64 -14.08 -44.37
N THR D 233 -18.49 -15.19 -45.07
CA THR D 233 -19.04 -16.42 -44.58
C THR D 233 -18.38 -16.81 -43.25
N GLU D 234 -17.08 -16.73 -43.20
CA GLU D 234 -16.35 -16.95 -41.98
C GLU D 234 -16.74 -15.93 -40.92
N ALA D 235 -16.89 -14.69 -41.31
CA ALA D 235 -17.18 -13.66 -40.36
C ALA D 235 -18.53 -13.83 -39.68
N LEU D 236 -19.54 -14.18 -40.44
CA LEU D 236 -20.87 -14.44 -39.94
C LEU D 236 -20.86 -15.64 -39.03
N ALA D 237 -20.11 -16.66 -39.37
CA ALA D 237 -19.96 -17.81 -38.52
C ALA D 237 -19.29 -17.46 -37.20
N ARG D 238 -18.29 -16.62 -37.26
CA ARG D 238 -17.61 -16.21 -36.06
C ARG D 238 -18.52 -15.41 -35.10
N LEU D 239 -19.33 -14.55 -35.67
CA LEU D 239 -20.22 -13.71 -34.89
C LEU D 239 -21.21 -14.56 -34.13
N ASP D 240 -21.73 -15.57 -34.78
CA ASP D 240 -22.66 -16.45 -34.14
C ASP D 240 -21.99 -17.08 -32.96
N LYS D 241 -20.80 -17.62 -33.19
CA LYS D 241 -20.04 -18.24 -32.13
C LYS D 241 -19.64 -17.30 -31.01
N HIS D 242 -19.34 -16.08 -31.38
CA HIS D 242 -18.91 -15.05 -30.47
C HIS D 242 -20.01 -14.81 -29.44
N LEU D 243 -21.24 -14.98 -29.88
CA LEU D 243 -22.42 -14.70 -29.09
C LEU D 243 -23.05 -15.92 -28.40
N GLU D 244 -22.40 -17.05 -28.47
CA GLU D 244 -22.78 -18.25 -27.75
C GLU D 244 -22.31 -18.14 -26.31
N ARG D 245 -22.78 -18.99 -25.43
CA ARG D 245 -22.60 -18.72 -24.01
C ARG D 245 -21.15 -18.68 -23.58
N LYS D 246 -20.35 -19.59 -24.06
CA LYS D 246 -18.99 -19.66 -23.59
C LYS D 246 -18.20 -18.41 -23.88
N ALA D 247 -18.27 -17.96 -25.11
CA ALA D 247 -17.66 -16.71 -25.51
C ALA D 247 -18.28 -15.52 -24.85
N TRP D 248 -19.58 -15.53 -24.70
CA TRP D 248 -20.24 -14.40 -24.10
C TRP D 248 -19.75 -14.20 -22.69
N VAL D 249 -19.79 -15.24 -21.91
CA VAL D 249 -19.42 -15.13 -20.50
C VAL D 249 -17.98 -14.72 -20.33
N ALA D 250 -17.09 -15.36 -21.06
CA ALA D 250 -15.69 -15.05 -21.00
C ALA D 250 -15.35 -13.65 -21.46
N ASN D 251 -16.03 -13.17 -22.49
CA ASN D 251 -15.74 -11.87 -23.04
C ASN D 251 -16.43 -10.70 -22.42
N TYR D 252 -17.70 -10.88 -22.11
CA TYR D 252 -18.48 -9.80 -21.61
C TYR D 252 -18.82 -9.91 -20.12
N GLU D 253 -19.24 -11.07 -19.65
CA GLU D 253 -19.55 -11.22 -18.25
C GLU D 253 -18.42 -11.25 -17.26
N ARG D 254 -17.46 -12.14 -17.44
CA ARG D 254 -16.32 -12.22 -16.53
C ARG D 254 -15.01 -12.17 -17.30
N PRO D 255 -14.67 -11.02 -17.84
CA PRO D 255 -13.46 -10.91 -18.64
C PRO D 255 -12.22 -10.85 -17.79
N ARG D 256 -11.25 -11.67 -18.13
CA ARG D 256 -9.98 -11.68 -17.43
C ARG D 256 -8.86 -12.06 -18.36
N MET D 257 -7.74 -11.40 -18.26
CA MET D 257 -6.60 -11.77 -19.06
C MET D 257 -5.95 -13.05 -18.60
N ASN D 258 -5.54 -13.84 -19.54
CA ASN D 258 -4.78 -15.01 -19.24
C ASN D 258 -3.93 -15.43 -20.43
N ALA D 259 -3.05 -16.38 -20.22
CA ALA D 259 -2.10 -16.71 -21.25
C ALA D 259 -2.79 -17.19 -22.53
N ASN D 260 -3.89 -17.89 -22.40
CA ASN D 260 -4.63 -18.45 -23.52
C ASN D 260 -5.17 -17.37 -24.44
N SER D 261 -5.42 -16.21 -23.87
CA SER D 261 -5.97 -15.09 -24.58
C SER D 261 -5.02 -14.65 -25.72
N LEU D 262 -3.74 -14.94 -25.59
CA LEU D 262 -2.74 -14.53 -26.56
C LEU D 262 -2.90 -15.16 -27.91
N LEU D 263 -3.44 -16.36 -27.91
CA LEU D 263 -3.68 -17.14 -29.09
C LEU D 263 -4.84 -16.60 -29.90
N ALA D 264 -4.82 -16.85 -31.19
CA ALA D 264 -5.91 -16.45 -32.03
C ALA D 264 -7.19 -17.14 -31.61
N SER D 265 -8.22 -16.34 -31.51
CA SER D 265 -9.54 -16.81 -31.13
C SER D 265 -10.44 -17.15 -32.27
N PRO D 266 -11.12 -18.27 -32.17
CA PRO D 266 -12.12 -18.68 -33.14
C PRO D 266 -13.34 -17.76 -33.09
N THR D 267 -13.44 -16.92 -32.09
CA THR D 267 -14.47 -15.89 -31.99
C THR D 267 -13.99 -14.44 -32.18
N GLY D 268 -12.73 -14.28 -32.53
CA GLY D 268 -12.20 -12.98 -32.86
C GLY D 268 -12.82 -12.40 -34.13
N LEU D 269 -13.19 -11.14 -34.06
CA LEU D 269 -13.80 -10.44 -35.18
C LEU D 269 -13.02 -9.29 -35.84
N SER D 270 -11.92 -8.87 -35.29
CA SER D 270 -11.33 -7.60 -35.67
C SER D 270 -10.90 -7.52 -37.16
N PRO D 271 -10.35 -8.60 -37.67
CA PRO D 271 -9.95 -8.57 -39.08
C PRO D 271 -11.15 -8.40 -39.95
N TYR D 272 -12.22 -9.07 -39.59
CA TYR D 272 -13.45 -9.03 -40.33
C TYR D 272 -14.07 -7.65 -40.36
N LEU D 273 -14.04 -6.97 -39.25
CA LEU D 273 -14.47 -5.62 -39.16
C LEU D 273 -13.61 -4.66 -39.98
N ARG D 274 -12.32 -4.86 -39.97
CA ARG D 274 -11.43 -4.02 -40.73
C ARG D 274 -11.65 -4.10 -42.26
N PHE D 275 -11.77 -5.30 -42.77
CA PHE D 275 -12.07 -5.57 -44.17
C PHE D 275 -13.52 -5.32 -44.59
N GLY D 276 -14.43 -5.20 -43.64
CA GLY D 276 -15.84 -5.13 -43.93
C GLY D 276 -16.54 -6.45 -44.21
N CYS D 277 -15.88 -7.55 -43.93
CA CYS D 277 -16.49 -8.86 -44.07
C CYS D 277 -17.66 -8.97 -43.07
N LEU D 278 -17.61 -8.18 -42.02
CA LEU D 278 -18.63 -8.10 -41.00
C LEU D 278 -19.05 -6.69 -40.81
N SER D 279 -20.35 -6.50 -40.80
CA SER D 279 -20.95 -5.23 -40.51
C SER D 279 -20.72 -4.88 -39.05
N CYS D 280 -20.26 -3.67 -38.81
CA CYS D 280 -20.18 -3.18 -37.48
C CYS D 280 -21.56 -2.97 -36.83
N ARG D 281 -22.50 -2.53 -37.65
CA ARG D 281 -23.86 -2.36 -37.22
C ARG D 281 -24.51 -3.69 -36.87
N LEU D 282 -24.26 -4.71 -37.64
CA LEU D 282 -24.78 -5.99 -37.32
C LEU D 282 -24.23 -6.48 -36.02
N PHE D 283 -22.94 -6.30 -35.83
CA PHE D 283 -22.29 -6.70 -34.62
C PHE D 283 -22.89 -5.94 -33.43
N TYR D 284 -23.02 -4.65 -33.54
CA TYR D 284 -23.49 -3.84 -32.44
C TYR D 284 -24.88 -4.22 -31.97
N TYR D 285 -25.79 -4.36 -32.91
CA TYR D 285 -27.14 -4.82 -32.65
C TYR D 285 -27.30 -6.25 -32.18
N ARG D 286 -26.53 -7.17 -32.70
CA ARG D 286 -26.54 -8.52 -32.21
C ARG D 286 -26.06 -8.57 -30.78
N LEU D 287 -25.10 -7.73 -30.47
CA LEU D 287 -24.60 -7.60 -29.15
C LEU D 287 -25.64 -7.03 -28.18
N TRP D 288 -26.31 -5.98 -28.59
CA TRP D 288 -27.34 -5.32 -27.80
C TRP D 288 -28.47 -6.31 -27.50
N ASP D 289 -28.86 -7.07 -28.52
CA ASP D 289 -29.88 -8.08 -28.43
C ASP D 289 -29.56 -9.22 -27.49
N LEU D 290 -28.34 -9.70 -27.47
CA LEU D 290 -27.92 -10.66 -26.48
C LEU D 290 -27.97 -10.07 -25.06
N TYR D 291 -27.54 -8.82 -24.93
CA TYR D 291 -27.49 -8.19 -23.66
C TYR D 291 -28.90 -8.11 -23.08
N LYS D 292 -29.85 -7.72 -23.90
CA LYS D 292 -31.21 -7.64 -23.48
C LYS D 292 -31.75 -8.97 -23.04
N LYS D 293 -31.50 -10.02 -23.79
CA LYS D 293 -31.92 -11.33 -23.37
C LYS D 293 -31.25 -11.80 -22.08
N VAL D 294 -29.97 -11.62 -21.99
CA VAL D 294 -29.26 -11.95 -20.79
C VAL D 294 -29.62 -11.10 -19.57
N LYS D 295 -29.86 -9.82 -19.75
CA LYS D 295 -29.97 -8.91 -18.64
C LYS D 295 -31.33 -8.33 -18.37
N ARG D 296 -32.37 -8.93 -18.91
CA ARG D 296 -33.69 -8.48 -18.59
C ARG D 296 -33.80 -7.00 -18.86
N ASN D 297 -34.32 -6.28 -17.89
CA ASN D 297 -34.84 -4.93 -18.09
C ASN D 297 -33.83 -3.80 -18.02
N SER D 298 -32.73 -3.94 -18.76
CA SER D 298 -31.64 -3.02 -18.65
C SER D 298 -31.21 -2.46 -19.99
N THR D 299 -30.79 -1.21 -20.01
CA THR D 299 -30.12 -0.69 -21.18
C THR D 299 -28.64 -0.86 -20.97
N PRO D 300 -27.93 -1.28 -22.00
CA PRO D 300 -26.50 -1.50 -21.87
C PRO D 300 -25.69 -0.25 -21.68
N PRO D 301 -24.60 -0.39 -20.99
CA PRO D 301 -23.62 0.66 -20.88
C PRO D 301 -22.81 0.80 -22.20
N LEU D 302 -22.22 1.94 -22.46
CA LEU D 302 -21.43 2.16 -23.66
C LEU D 302 -20.24 1.19 -23.74
N SER D 303 -19.72 0.80 -22.60
CA SER D 303 -18.55 -0.04 -22.50
C SER D 303 -18.83 -1.40 -23.14
N LEU D 304 -20.08 -1.77 -23.25
CA LEU D 304 -20.42 -3.04 -23.85
C LEU D 304 -19.93 -3.00 -25.30
N PHE D 305 -19.91 -1.82 -25.87
CA PHE D 305 -19.55 -1.58 -27.26
C PHE D 305 -18.11 -1.07 -27.44
N GLY D 306 -17.30 -1.21 -26.42
CA GLY D 306 -16.07 -0.51 -26.35
C GLY D 306 -15.15 -0.76 -27.54
N GLN D 307 -15.10 -1.97 -28.04
CA GLN D 307 -14.28 -2.26 -29.17
C GLN D 307 -14.70 -1.49 -30.40
N LEU D 308 -15.99 -1.42 -30.67
CA LEU D 308 -16.51 -0.65 -31.76
C LEU D 308 -16.33 0.83 -31.60
N LEU D 309 -16.54 1.27 -30.39
CA LEU D 309 -16.43 2.67 -30.07
C LEU D 309 -15.04 3.27 -30.13
N TRP D 310 -14.04 2.53 -29.69
CA TRP D 310 -12.67 2.98 -29.80
C TRP D 310 -12.34 3.11 -31.28
N ARG D 311 -12.80 2.15 -32.04
CA ARG D 311 -12.61 2.19 -33.47
C ARG D 311 -13.29 3.44 -34.08
N GLU D 312 -14.52 3.75 -33.66
CA GLU D 312 -15.19 4.96 -34.12
C GLU D 312 -14.45 6.19 -33.73
N PHE D 313 -13.88 6.22 -32.54
CA PHE D 313 -13.17 7.39 -32.06
C PHE D 313 -11.98 7.72 -32.95
N PHE D 314 -11.20 6.73 -33.30
CA PHE D 314 -10.04 6.95 -34.11
C PHE D 314 -10.42 7.40 -35.53
N TYR D 315 -11.45 6.79 -36.06
CA TYR D 315 -11.92 7.13 -37.37
C TYR D 315 -12.36 8.56 -37.37
N THR D 316 -13.02 8.99 -36.32
CA THR D 316 -13.44 10.36 -36.21
C THR D 316 -12.25 11.32 -36.16
N ALA D 317 -11.25 11.01 -35.38
CA ALA D 317 -10.10 11.86 -35.29
C ALA D 317 -9.31 11.97 -36.59
N ALA D 318 -9.20 10.87 -37.29
CA ALA D 318 -8.50 10.75 -38.55
C ALA D 318 -9.08 11.48 -39.75
N THR D 319 -10.39 11.48 -39.85
CA THR D 319 -11.08 11.71 -41.08
C THR D 319 -10.76 13.08 -41.69
N ASN D 320 -10.49 14.08 -40.89
CA ASN D 320 -10.11 15.39 -41.38
C ASN D 320 -8.66 15.78 -41.23
N ASN D 321 -7.77 14.81 -41.07
CA ASN D 321 -6.40 15.03 -40.77
C ASN D 321 -5.52 14.21 -41.68
N PRO D 322 -5.15 14.79 -42.81
CA PRO D 322 -4.31 14.08 -43.77
C PRO D 322 -2.93 13.74 -43.21
N ARG D 323 -2.49 14.37 -42.14
CA ARG D 323 -1.21 14.07 -41.54
C ARG D 323 -1.32 13.15 -40.31
N PHE D 324 -2.43 12.45 -40.19
CA PHE D 324 -2.79 11.73 -38.98
C PHE D 324 -1.75 10.71 -38.63
N ASP D 325 -1.14 10.14 -39.64
CA ASP D 325 -0.19 9.07 -39.47
C ASP D 325 1.29 9.53 -39.43
N ARG D 326 1.47 10.74 -39.19
CA ARG D 326 2.77 11.37 -39.26
C ARG D 326 3.06 12.26 -38.08
N MET D 327 4.26 12.55 -37.58
CA MET D 327 4.49 13.46 -36.49
C MET D 327 4.54 14.92 -36.90
N GLU D 328 5.43 15.26 -37.79
CA GLU D 328 5.56 16.63 -38.23
C GLU D 328 4.36 17.06 -39.04
N GLY D 329 3.82 18.22 -38.74
CA GLY D 329 2.68 18.75 -39.47
C GLY D 329 1.34 18.18 -39.05
N ASN D 330 1.36 17.31 -38.05
CA ASN D 330 0.16 16.74 -37.50
C ASN D 330 -0.25 17.54 -36.30
N PRO D 331 -1.40 18.16 -36.40
CA PRO D 331 -1.87 19.11 -35.38
C PRO D 331 -2.02 18.48 -34.00
N ILE D 332 -2.39 17.22 -33.91
CA ILE D 332 -2.68 16.64 -32.62
C ILE D 332 -1.49 15.98 -31.97
N CYS D 333 -0.35 16.03 -32.63
CA CYS D 333 0.77 15.28 -32.21
C CYS D 333 1.91 16.10 -31.61
N ILE D 334 2.36 15.71 -30.45
CA ILE D 334 3.50 16.30 -29.82
C ILE D 334 4.76 15.95 -30.58
N GLN D 335 5.66 16.90 -30.71
CA GLN D 335 6.90 16.66 -31.43
C GLN D 335 7.98 16.15 -30.53
N ILE D 336 8.38 14.93 -30.76
CA ILE D 336 9.39 14.30 -29.97
C ILE D 336 10.57 13.91 -30.86
N PRO D 337 11.78 14.15 -30.39
CA PRO D 337 12.95 13.84 -31.19
C PRO D 337 13.33 12.40 -31.09
N TRP D 338 12.65 11.58 -31.85
CA TRP D 338 12.92 10.17 -31.83
C TRP D 338 14.25 9.91 -32.49
N ASP D 339 14.89 8.83 -32.09
CA ASP D 339 16.09 8.43 -32.72
C ASP D 339 15.83 7.87 -34.07
N ARG D 340 16.76 8.08 -34.96
CA ARG D 340 16.79 7.34 -36.18
C ARG D 340 17.70 6.14 -35.96
N ASN D 341 17.13 4.96 -35.86
CA ASN D 341 17.88 3.78 -35.56
C ASN D 341 17.42 2.61 -36.39
N PRO D 342 17.81 2.61 -37.64
CA PRO D 342 17.28 1.63 -38.57
C PRO D 342 17.63 0.22 -38.21
N GLU D 343 18.81 -0.01 -37.67
CA GLU D 343 19.17 -1.34 -37.24
C GLU D 343 18.31 -1.87 -36.09
N ALA D 344 18.11 -1.08 -35.07
CA ALA D 344 17.23 -1.48 -34.00
C ALA D 344 15.79 -1.70 -34.43
N LEU D 345 15.30 -0.84 -35.32
CA LEU D 345 13.95 -0.96 -35.82
C LEU D 345 13.81 -2.27 -36.56
N ALA D 346 14.82 -2.60 -37.34
CA ALA D 346 14.84 -3.84 -38.08
C ALA D 346 14.84 -5.09 -37.23
N LYS D 347 15.57 -5.05 -36.14
CA LYS D 347 15.57 -6.11 -35.18
C LYS D 347 14.21 -6.27 -34.47
N TRP D 348 13.62 -5.16 -34.10
CA TRP D 348 12.29 -5.18 -33.54
C TRP D 348 11.27 -5.77 -34.49
N ALA D 349 11.31 -5.33 -35.73
CA ALA D 349 10.41 -5.81 -36.71
C ALA D 349 10.52 -7.32 -36.92
N GLU D 350 11.74 -7.81 -36.84
CA GLU D 350 12.06 -9.18 -37.18
C GLU D 350 12.10 -10.14 -36.00
N GLY D 351 11.74 -9.67 -34.83
CA GLY D 351 11.84 -10.50 -33.65
C GLY D 351 13.23 -10.97 -33.23
N LYS D 352 14.15 -10.02 -33.23
CA LYS D 352 15.53 -10.26 -32.85
C LYS D 352 16.06 -9.24 -31.85
N THR D 353 15.22 -8.80 -30.95
CA THR D 353 15.59 -7.91 -29.90
C THR D 353 16.43 -8.62 -28.85
N GLY D 354 16.30 -9.92 -28.76
CA GLY D 354 16.84 -10.67 -27.65
C GLY D 354 15.93 -10.71 -26.42
N PHE D 355 14.79 -10.04 -26.46
CA PHE D 355 13.82 -10.16 -25.40
C PHE D 355 12.75 -11.10 -25.88
N PRO D 356 12.69 -12.27 -25.31
CA PRO D 356 11.85 -13.32 -25.86
C PRO D 356 10.37 -12.96 -25.89
N TRP D 357 9.87 -12.21 -24.93
CA TRP D 357 8.48 -11.81 -24.97
C TRP D 357 8.20 -10.92 -26.22
N ILE D 358 9.01 -9.90 -26.44
CA ILE D 358 8.89 -9.04 -27.58
C ILE D 358 9.06 -9.83 -28.85
N ASP D 359 10.07 -10.65 -28.88
CA ASP D 359 10.40 -11.43 -30.03
C ASP D 359 9.32 -12.42 -30.37
N ALA D 360 8.74 -13.03 -29.36
CA ALA D 360 7.66 -13.94 -29.57
C ALA D 360 6.45 -13.23 -30.15
N ILE D 361 6.13 -12.06 -29.64
CA ILE D 361 4.96 -11.35 -30.12
C ILE D 361 5.17 -10.96 -31.60
N MET D 362 6.33 -10.46 -31.90
CA MET D 362 6.64 -10.06 -33.25
C MET D 362 6.59 -11.26 -34.22
N THR D 363 7.00 -12.42 -33.75
CA THR D 363 6.89 -13.63 -34.51
C THR D 363 5.49 -14.07 -34.77
N GLN D 364 4.64 -14.03 -33.76
CA GLN D 364 3.26 -14.37 -33.92
C GLN D 364 2.63 -13.43 -34.94
N LEU D 365 2.97 -12.17 -34.85
CA LEU D 365 2.42 -11.18 -35.72
C LEU D 365 2.77 -11.44 -37.19
N ARG D 366 4.03 -11.66 -37.48
CA ARG D 366 4.44 -11.96 -38.81
C ARG D 366 3.85 -13.25 -39.33
N GLN D 367 3.82 -14.28 -38.54
CA GLN D 367 3.27 -15.55 -38.95
C GLN D 367 1.79 -15.58 -39.24
N GLU D 368 1.03 -14.92 -38.37
CA GLU D 368 -0.42 -15.10 -38.33
C GLU D 368 -1.28 -13.88 -38.67
N GLY D 369 -0.76 -12.70 -38.42
CA GLY D 369 -1.44 -11.47 -38.68
C GLY D 369 -2.33 -10.88 -37.61
N TRP D 370 -2.32 -11.47 -36.44
CA TRP D 370 -2.99 -10.91 -35.29
C TRP D 370 -2.20 -11.19 -34.04
N ILE D 371 -2.12 -10.17 -33.21
CA ILE D 371 -1.67 -10.27 -31.86
C ILE D 371 -2.63 -9.56 -30.90
N HIS D 372 -2.63 -9.99 -29.65
CA HIS D 372 -3.48 -9.44 -28.63
C HIS D 372 -3.20 -7.94 -28.35
N HIS D 373 -4.21 -7.18 -27.97
CA HIS D 373 -4.06 -5.74 -27.77
C HIS D 373 -3.02 -5.48 -26.70
N LEU D 374 -2.99 -6.29 -25.65
CA LEU D 374 -1.95 -6.15 -24.65
C LEU D 374 -0.57 -6.43 -25.19
N ALA D 375 -0.47 -7.41 -26.06
CA ALA D 375 0.75 -7.71 -26.76
C ALA D 375 1.18 -6.53 -27.65
N ARG D 376 0.22 -5.86 -28.24
CA ARG D 376 0.50 -4.68 -29.02
C ARG D 376 1.11 -3.58 -28.20
N HIS D 377 0.59 -3.39 -27.02
CA HIS D 377 1.13 -2.38 -26.15
C HIS D 377 2.57 -2.70 -25.78
N ALA D 378 2.85 -3.95 -25.56
CA ALA D 378 4.18 -4.34 -25.17
C ALA D 378 5.21 -4.09 -26.25
N VAL D 379 4.95 -4.52 -27.47
CA VAL D 379 5.87 -4.30 -28.57
C VAL D 379 6.01 -2.84 -28.91
N ALA D 380 4.92 -2.11 -28.84
CA ALA D 380 4.90 -0.69 -29.07
C ALA D 380 5.66 0.14 -28.05
N CYS D 381 5.53 -0.21 -26.78
CA CYS D 381 6.27 0.45 -25.74
C CYS D 381 7.74 0.23 -25.97
N PHE D 382 8.10 -0.99 -26.29
CA PHE D 382 9.48 -1.32 -26.50
C PHE D 382 10.08 -0.53 -27.66
N LEU D 383 9.37 -0.41 -28.76
CA LEU D 383 9.84 0.35 -29.88
C LEU D 383 9.97 1.82 -29.59
N THR D 384 9.02 2.34 -28.85
CA THR D 384 8.97 3.78 -28.67
C THR D 384 9.50 4.29 -27.35
N ARG D 385 8.64 4.82 -26.51
CA ARG D 385 9.06 5.45 -25.30
C ARG D 385 9.56 4.54 -24.22
N GLY D 386 9.30 3.25 -24.32
CA GLY D 386 9.89 2.33 -23.39
C GLY D 386 11.37 2.04 -23.53
N ASP D 387 11.79 1.60 -24.70
CA ASP D 387 13.15 1.19 -24.89
C ASP D 387 13.94 1.79 -26.06
N LEU D 388 13.57 1.46 -27.29
CA LEU D 388 14.30 1.90 -28.48
C LEU D 388 14.24 3.40 -28.79
N TRP D 389 13.25 4.10 -28.31
CA TRP D 389 13.09 5.51 -28.64
C TRP D 389 12.98 5.80 -30.15
N VAL D 390 12.37 4.87 -30.88
CA VAL D 390 12.19 4.99 -32.31
C VAL D 390 10.80 5.51 -32.51
N SER D 391 10.59 6.28 -33.58
CA SER D 391 9.28 6.87 -33.82
C SER D 391 8.17 5.85 -33.97
N TRP D 392 7.00 6.25 -33.47
CA TRP D 392 5.73 5.53 -33.60
C TRP D 392 5.36 5.36 -35.08
N GLU D 393 5.85 6.23 -35.93
CA GLU D 393 5.60 6.18 -37.35
C GLU D 393 6.10 4.89 -37.96
N SER D 394 7.28 4.47 -37.56
CA SER D 394 7.88 3.24 -37.99
C SER D 394 7.13 2.02 -37.51
N GLY D 395 6.60 2.10 -36.30
CA GLY D 395 5.74 1.09 -35.74
C GLY D 395 4.46 0.96 -36.56
N VAL D 396 3.92 2.09 -36.95
CA VAL D 396 2.73 2.13 -37.73
C VAL D 396 2.97 1.38 -39.03
N ARG D 397 4.10 1.64 -39.66
CA ARG D 397 4.38 1.00 -40.93
C ARG D 397 4.50 -0.52 -40.83
N VAL D 398 5.13 -1.02 -39.77
CA VAL D 398 5.25 -2.44 -39.62
C VAL D 398 3.91 -3.11 -39.37
N PHE D 399 3.13 -2.49 -38.53
CA PHE D 399 1.81 -2.97 -38.26
C PHE D 399 0.96 -2.93 -39.54
N ASP D 400 1.14 -1.88 -40.33
CA ASP D 400 0.43 -1.76 -41.57
C ASP D 400 0.73 -2.91 -42.47
N GLU D 401 1.98 -3.29 -42.52
CA GLU D 401 2.42 -4.40 -43.29
C GLU D 401 1.88 -5.77 -42.85
N LEU D 402 1.83 -6.00 -41.55
CA LEU D 402 1.58 -7.33 -41.01
C LEU D 402 0.23 -7.61 -40.29
N LEU D 403 -0.34 -6.58 -39.71
CA LEU D 403 -1.49 -6.69 -38.84
C LEU D 403 -2.79 -6.61 -39.62
N LEU D 404 -3.55 -7.69 -39.59
CA LEU D 404 -4.76 -7.79 -40.33
C LEU D 404 -5.79 -6.68 -40.00
N ASP D 405 -5.85 -6.22 -38.78
CA ASP D 405 -6.88 -5.31 -38.36
C ASP D 405 -6.42 -3.87 -38.30
N ALA D 406 -5.24 -3.67 -38.84
CA ALA D 406 -4.66 -2.36 -38.86
C ALA D 406 -5.18 -1.57 -40.04
N ASP D 407 -5.74 -0.45 -39.78
CA ASP D 407 -6.05 0.44 -40.84
C ASP D 407 -5.59 1.80 -40.43
N PHE D 408 -5.67 2.73 -41.34
CA PHE D 408 -4.98 3.96 -41.22
C PHE D 408 -5.40 4.64 -39.91
N SER D 409 -6.67 4.75 -39.69
CA SER D 409 -7.15 5.41 -38.52
C SER D 409 -6.85 4.71 -37.19
N VAL D 410 -7.19 3.45 -37.06
CA VAL D 410 -6.99 2.75 -35.81
C VAL D 410 -5.51 2.55 -35.47
N ASN D 411 -4.71 2.21 -36.45
CA ASN D 411 -3.31 1.93 -36.23
C ASN D 411 -2.56 3.18 -35.80
N ALA D 412 -2.64 4.25 -36.58
CA ALA D 412 -1.97 5.48 -36.22
C ALA D 412 -2.46 6.05 -34.91
N GLY D 413 -3.77 6.05 -34.70
CA GLY D 413 -4.28 6.58 -33.47
C GLY D 413 -3.76 5.80 -32.28
N SER D 414 -3.76 4.50 -32.37
CA SER D 414 -3.31 3.67 -31.29
C SER D 414 -1.86 3.91 -30.97
N TRP D 415 -1.03 4.01 -32.00
CA TRP D 415 0.39 4.27 -31.84
C TRP D 415 0.67 5.61 -31.19
N MET D 416 -0.02 6.66 -31.59
CA MET D 416 0.09 7.95 -30.95
C MET D 416 -0.36 7.89 -29.49
N TRP D 417 -1.42 7.18 -29.21
CA TRP D 417 -1.96 7.07 -27.88
C TRP D 417 -0.97 6.38 -26.97
N LEU D 418 -0.47 5.25 -27.42
CA LEU D 418 0.44 4.47 -26.65
C LEU D 418 1.72 5.21 -26.34
N SER D 419 2.18 6.02 -27.26
CA SER D 419 3.44 6.66 -27.12
C SER D 419 3.35 7.99 -26.42
N CYS D 420 2.17 8.34 -25.97
CA CYS D 420 1.90 9.61 -25.34
C CYS D 420 2.12 10.78 -26.29
N SER D 421 1.92 10.55 -27.58
CA SER D 421 2.05 11.58 -28.58
C SER D 421 0.80 12.38 -28.79
N ALA D 422 -0.34 11.75 -28.60
CA ALA D 422 -1.63 12.40 -28.79
C ALA D 422 -2.74 11.98 -27.84
N PHE D 423 -3.86 12.66 -27.95
CA PHE D 423 -5.04 12.41 -27.14
C PHE D 423 -5.02 12.81 -25.66
N PHE D 424 -4.37 13.93 -25.38
CA PHE D 424 -4.47 14.59 -24.09
C PHE D 424 -4.26 13.56 -23.00
N GLN D 425 -3.09 12.96 -22.95
CA GLN D 425 -2.95 11.72 -22.21
C GLN D 425 -2.19 11.85 -20.88
N GLN D 426 -2.80 11.29 -19.84
CA GLN D 426 -2.19 11.20 -18.51
C GLN D 426 -0.95 10.27 -18.41
N PHE D 427 -1.01 9.21 -17.59
CA PHE D 427 0.26 8.63 -17.10
C PHE D 427 0.84 7.38 -17.73
N PHE D 428 0.14 6.28 -17.53
CA PHE D 428 0.33 5.04 -18.24
C PHE D 428 1.57 4.19 -17.94
N HIS D 429 2.78 4.67 -18.15
CA HIS D 429 3.96 3.86 -17.77
C HIS D 429 4.14 2.55 -18.54
N CYS D 430 5.28 2.42 -19.17
CA CYS D 430 5.52 1.29 -20.02
C CYS D 430 5.71 -0.02 -19.30
N TYR D 431 5.34 -1.07 -20.02
CA TYR D 431 5.54 -2.42 -19.61
C TYR D 431 6.99 -2.85 -19.59
N CYS D 432 7.33 -3.74 -18.69
CA CYS D 432 8.64 -4.29 -18.71
C CYS D 432 8.68 -5.43 -19.70
N PRO D 433 9.68 -5.45 -20.55
CA PRO D 433 9.77 -6.44 -21.61
C PRO D 433 10.11 -7.82 -21.12
N VAL D 434 10.39 -7.95 -19.84
CA VAL D 434 10.53 -9.25 -19.21
C VAL D 434 9.37 -9.53 -18.27
N GLY D 435 9.12 -8.59 -17.40
CA GLY D 435 8.12 -8.78 -16.38
C GLY D 435 6.72 -8.97 -16.86
N PHE D 436 6.34 -8.22 -17.86
CA PHE D 436 5.00 -8.30 -18.37
C PHE D 436 4.75 -9.65 -18.97
N GLY D 437 5.71 -10.18 -19.66
CA GLY D 437 5.58 -11.48 -20.22
C GLY D 437 5.43 -12.54 -19.16
N ARG D 438 6.24 -12.45 -18.14
CA ARG D 438 6.19 -13.39 -17.05
C ARG D 438 4.84 -13.34 -16.36
N ARG D 439 4.37 -12.15 -16.10
CA ARG D 439 3.08 -12.00 -15.47
C ARG D 439 2.01 -12.60 -16.35
N THR D 440 2.02 -12.27 -17.63
CA THR D 440 1.03 -12.78 -18.55
C THR D 440 1.02 -14.29 -18.81
N ASP D 441 2.19 -14.87 -19.05
CA ASP D 441 2.31 -16.31 -19.18
C ASP D 441 3.43 -16.85 -18.34
N PRO D 442 3.15 -17.15 -17.09
CA PRO D 442 4.16 -17.61 -16.17
C PRO D 442 4.77 -18.91 -16.66
N SER D 443 3.97 -19.73 -17.30
CA SER D 443 4.42 -21.00 -17.79
C SER D 443 5.53 -20.87 -18.83
N GLY D 444 5.53 -19.81 -19.62
CA GLY D 444 6.49 -19.62 -20.66
C GLY D 444 6.22 -20.36 -21.95
N ASP D 445 5.09 -21.04 -21.98
CA ASP D 445 4.67 -21.79 -23.14
C ASP D 445 4.41 -20.95 -24.43
N TYR D 446 4.01 -19.71 -24.27
CA TYR D 446 3.83 -18.84 -25.38
C TYR D 446 5.15 -18.67 -26.07
N ILE D 447 6.19 -18.46 -25.28
CA ILE D 447 7.54 -18.36 -25.79
C ILE D 447 8.02 -19.64 -26.47
N ARG D 448 7.80 -20.77 -25.85
CA ARG D 448 8.21 -22.02 -26.43
C ARG D 448 7.52 -22.18 -27.76
N ARG D 449 6.26 -21.79 -27.83
CA ARG D 449 5.53 -21.94 -29.04
C ARG D 449 6.06 -21.14 -30.21
N TYR D 450 6.24 -19.84 -30.04
CA TYR D 450 6.72 -18.97 -31.09
C TYR D 450 8.24 -18.89 -31.32
N LEU D 451 9.01 -19.17 -30.29
CA LEU D 451 10.46 -19.19 -30.38
C LEU D 451 10.97 -20.57 -29.97
N PRO D 452 10.81 -21.56 -30.83
CA PRO D 452 11.07 -22.97 -30.49
C PRO D 452 12.53 -23.24 -30.14
N LYS D 453 13.40 -22.37 -30.57
CA LYS D 453 14.79 -22.50 -30.26
C LYS D 453 15.00 -22.40 -28.76
N LEU D 454 14.09 -21.77 -28.07
CA LEU D 454 14.22 -21.55 -26.66
C LEU D 454 13.45 -22.56 -25.84
N LYS D 455 12.89 -23.58 -26.46
CA LYS D 455 11.97 -24.47 -25.79
C LYS D 455 12.58 -25.18 -24.58
N GLY D 456 13.88 -25.33 -24.63
CA GLY D 456 14.68 -25.95 -23.60
C GLY D 456 14.87 -25.21 -22.30
N PHE D 457 14.67 -23.90 -22.31
CA PHE D 457 14.78 -23.15 -21.12
C PHE D 457 13.68 -23.39 -20.12
N PRO D 458 14.05 -23.51 -18.87
CA PRO D 458 13.08 -23.57 -17.78
C PRO D 458 12.39 -22.22 -17.60
N SER D 459 11.19 -22.23 -17.04
CA SER D 459 10.36 -21.06 -17.00
C SER D 459 11.02 -19.97 -16.24
N ARG D 460 11.90 -20.38 -15.35
CA ARG D 460 12.57 -19.46 -14.50
C ARG D 460 13.40 -18.53 -15.35
N TYR D 461 13.90 -19.04 -16.46
CA TYR D 461 14.81 -18.28 -17.28
C TYR D 461 14.35 -17.87 -18.67
N ILE D 462 13.30 -18.47 -19.16
CA ILE D 462 12.88 -18.32 -20.52
C ILE D 462 12.54 -16.89 -20.93
N TYR D 463 12.03 -16.08 -20.02
CA TYR D 463 11.84 -14.67 -20.23
C TYR D 463 13.09 -13.84 -20.25
N GLU D 464 14.12 -14.32 -19.57
CA GLU D 464 15.33 -13.56 -19.43
C GLU D 464 16.54 -14.44 -19.59
N PRO D 465 16.71 -15.05 -20.74
CA PRO D 465 17.65 -16.15 -20.88
C PRO D 465 19.12 -15.76 -20.85
N TRP D 466 19.43 -14.48 -20.89
CA TRP D 466 20.78 -14.03 -20.69
C TRP D 466 21.28 -14.32 -19.27
N ASN D 467 20.34 -14.44 -18.36
CA ASN D 467 20.66 -14.69 -16.97
C ASN D 467 20.81 -16.15 -16.67
N ALA D 468 20.53 -17.00 -17.63
CA ALA D 468 20.66 -18.42 -17.39
C ALA D 468 22.10 -18.83 -17.35
N PRO D 469 22.45 -19.69 -16.41
CA PRO D 469 23.83 -20.07 -16.26
C PRO D 469 24.23 -20.94 -17.43
N GLU D 470 25.53 -21.01 -17.68
CA GLU D 470 26.07 -21.59 -18.85
C GLU D 470 25.60 -23.01 -18.97
N SER D 471 25.49 -23.70 -17.85
CA SER D 471 25.01 -25.06 -17.89
C SER D 471 23.56 -25.16 -18.30
N VAL D 472 22.74 -24.24 -17.85
CA VAL D 472 21.35 -24.23 -18.28
C VAL D 472 21.30 -23.98 -19.76
N GLN D 473 22.10 -23.06 -20.26
CA GLN D 473 22.14 -22.79 -21.67
C GLN D 473 22.56 -24.00 -22.46
N LYS D 474 23.60 -24.72 -22.06
CA LYS D 474 24.01 -25.89 -22.82
C LYS D 474 22.93 -26.92 -22.84
N ALA D 475 22.30 -27.11 -21.72
CA ALA D 475 21.24 -28.08 -21.57
C ALA D 475 20.06 -27.72 -22.47
N ALA D 476 19.79 -26.44 -22.58
CA ALA D 476 18.71 -25.96 -23.39
C ALA D 476 19.06 -26.12 -24.85
N LYS D 477 20.31 -26.40 -25.11
CA LYS D 477 20.85 -26.47 -26.44
C LYS D 477 20.68 -25.13 -27.14
N CYS D 478 20.79 -24.05 -26.40
CA CYS D 478 20.75 -22.75 -27.02
C CYS D 478 21.68 -21.83 -26.31
N ILE D 479 22.73 -21.41 -26.97
CA ILE D 479 23.65 -20.50 -26.34
C ILE D 479 23.37 -19.05 -26.62
N ILE D 480 23.13 -18.29 -25.59
CA ILE D 480 22.78 -16.90 -25.75
C ILE D 480 23.93 -16.14 -26.32
N GLY D 481 23.65 -15.40 -27.37
CA GLY D 481 24.63 -14.70 -28.15
C GLY D 481 25.06 -15.50 -29.33
N VAL D 482 24.61 -16.73 -29.43
CA VAL D 482 24.93 -17.55 -30.56
C VAL D 482 23.66 -18.02 -31.26
N ASP D 483 22.94 -18.91 -30.60
CA ASP D 483 21.69 -19.42 -31.13
C ASP D 483 20.48 -18.45 -31.09
N TYR D 484 20.51 -17.52 -30.15
CA TYR D 484 19.50 -16.53 -29.98
C TYR D 484 20.25 -15.35 -29.47
N PRO D 485 19.88 -14.15 -29.85
CA PRO D 485 20.67 -12.98 -29.52
C PRO D 485 20.62 -12.55 -28.11
N ARG D 486 21.64 -11.81 -27.74
CA ARG D 486 21.68 -11.05 -26.54
C ARG D 486 20.69 -9.91 -26.62
N PRO D 487 20.19 -9.46 -25.50
CA PRO D 487 19.24 -8.36 -25.51
C PRO D 487 19.89 -7.16 -26.10
N ILE D 488 19.22 -6.40 -26.93
CA ILE D 488 19.87 -5.28 -27.62
C ILE D 488 19.97 -4.00 -26.80
N VAL D 489 19.36 -3.95 -25.65
CA VAL D 489 19.55 -2.85 -24.72
C VAL D 489 19.52 -3.34 -23.26
N ASN D 490 19.96 -2.48 -22.34
CA ASN D 490 19.77 -2.76 -20.94
C ASN D 490 18.52 -2.03 -20.49
N HIS D 491 17.50 -2.79 -20.21
CA HIS D 491 16.19 -2.22 -19.98
C HIS D 491 16.18 -1.29 -18.83
N ALA D 492 16.83 -1.68 -17.75
CA ALA D 492 16.75 -0.89 -16.55
C ALA D 492 17.34 0.44 -16.80
N GLU D 493 18.52 0.45 -17.39
CA GLU D 493 19.20 1.68 -17.75
C GLU D 493 18.52 2.52 -18.84
N THR D 494 18.16 1.91 -19.95
CA THR D 494 17.51 2.62 -21.04
C THR D 494 16.14 3.16 -20.64
N SER D 495 15.37 2.36 -19.94
CA SER D 495 14.06 2.81 -19.56
C SER D 495 14.14 3.97 -18.61
N ARG D 496 15.09 3.95 -17.71
CA ARG D 496 15.29 5.06 -16.81
C ARG D 496 15.60 6.33 -17.58
N LEU D 497 16.49 6.22 -18.56
CA LEU D 497 16.83 7.35 -19.38
C LEU D 497 15.63 7.83 -20.12
N ASN D 498 14.89 6.93 -20.73
CA ASN D 498 13.70 7.29 -21.50
C ASN D 498 12.59 7.97 -20.70
N ILE D 499 12.34 7.47 -19.49
CA ILE D 499 11.33 8.01 -18.63
C ILE D 499 11.72 9.44 -18.30
N GLU D 500 12.99 9.66 -18.08
CA GLU D 500 13.46 11.00 -17.85
C GLU D 500 13.24 11.86 -19.08
N ARG D 501 13.53 11.34 -20.27
CA ARG D 501 13.36 12.14 -21.46
C ARG D 501 11.94 12.57 -21.63
N MET D 502 11.03 11.65 -21.42
CA MET D 502 9.63 11.93 -21.58
C MET D 502 9.15 12.94 -20.58
N LYS D 503 9.67 12.88 -19.37
CA LYS D 503 9.30 13.81 -18.34
C LYS D 503 9.71 15.21 -18.78
N GLN D 504 10.93 15.31 -19.27
CA GLN D 504 11.48 16.54 -19.79
C GLN D 504 10.76 17.05 -21.02
N ILE D 505 10.34 16.16 -21.92
CA ILE D 505 9.54 16.56 -23.08
C ILE D 505 8.26 17.22 -22.56
N TYR D 506 7.58 16.58 -21.62
CA TYR D 506 6.37 17.14 -21.02
C TYR D 506 6.61 18.44 -20.25
N GLN D 507 7.76 18.55 -19.62
CA GLN D 507 8.13 19.76 -18.93
C GLN D 507 8.30 20.94 -19.88
N GLN D 508 8.74 20.66 -21.09
CA GLN D 508 9.09 21.66 -22.05
C GLN D 508 7.94 21.96 -22.99
N LEU D 509 6.77 21.45 -22.66
CA LEU D 509 5.56 21.74 -23.40
C LEU D 509 5.00 23.00 -22.84
N SER D 510 4.59 23.91 -23.69
CA SER D 510 3.95 25.10 -23.19
C SER D 510 2.63 24.72 -22.54
N ARG D 511 2.39 25.15 -21.33
CA ARG D 511 1.27 24.63 -20.59
C ARG D 511 -0.08 25.17 -21.05
N TYR D 512 -0.11 26.31 -21.73
CA TYR D 512 -1.37 26.87 -22.21
C TYR D 512 -1.18 27.95 -23.25
#